data_3OT5
#
_entry.id   3OT5
#
_cell.length_a   81.190
_cell.length_b   84.405
_cell.length_c   100.461
_cell.angle_alpha   90.00
_cell.angle_beta   90.07
_cell.angle_gamma   90.00
#
_symmetry.space_group_name_H-M   'P 1 21 1'
#
loop_
_entity.id
_entity.type
_entity.pdbx_description
1 polymer 'UDP-N-acetylglucosamine 2-epimerase'
2 non-polymer DI(HYDROXYETHYL)ETHER
3 non-polymer 'TRIETHYLENE GLYCOL'
4 water water
#
_entity_poly.entity_id   1
_entity_poly.type   'polypeptide(L)'
_entity_poly.pdbx_seq_one_letter_code
;MHHHHHHSSGVDLGTENLYFQSNAMAKIKVMSIFGTRPEAIKMAPLVLALEKEPETFESTVVITAQHREMLDQVLEIFDI
KPDIDLDIMKKGQTLAEITSRVMNGINEVIAAENPDIVLVHGDTTTSFAAGLATFYQQKMLGHVEAGLRTWNKYSPFPEE
MNRQLTGVMADIHFSPTKQAKENLLAEGKDPATIFVTGNTAIDALKTTVQKDYHHPILENLGDNRLILMTAHRRENLGEP
MQGMFEAVREIVESREDTELVYPMHLNPAVREKAMAILGGHERIHLIEPLDAIDFHNFLRKSYLVFTDSGGVQEEAPGMG
VPVLVLRDTTERPEGIEAGTLKLIGTNKENLIKEALDLLDNKESHDKMAQAANPYGDGFAANRILAAIKSHFEETDRPED
FIV
;
_entity_poly.pdbx_strand_id   A,B,C,D
#
loop_
_chem_comp.id
_chem_comp.type
_chem_comp.name
_chem_comp.formula
PEG non-polymer DI(HYDROXYETHYL)ETHER 'C4 H10 O3'
PGE non-polymer 'TRIETHYLENE GLYCOL' 'C6 H14 O4'
#
# COMPACT_ATOMS: atom_id res chain seq x y z
N ALA A 26 33.75 37.23 37.88
CA ALA A 26 34.11 35.90 37.31
C ALA A 26 32.92 35.28 36.56
N LYS A 27 33.13 34.95 35.29
CA LYS A 27 32.08 34.35 34.50
C LYS A 27 32.21 32.83 34.51
N ILE A 28 31.17 32.18 34.02
CA ILE A 28 31.17 30.76 33.87
C ILE A 28 31.66 30.57 32.44
N LYS A 29 32.88 30.04 32.28
CA LYS A 29 33.43 29.86 30.95
C LYS A 29 32.97 28.52 30.40
N VAL A 30 32.13 28.57 29.39
CA VAL A 30 31.59 27.37 28.75
C VAL A 30 32.22 27.15 27.38
N MET A 31 32.79 25.98 27.19
CA MET A 31 33.41 25.59 25.95
C MET A 31 32.48 24.62 25.27
N SER A 32 31.94 25.02 24.12
CA SER A 32 31.03 24.18 23.36
C SER A 32 31.77 23.58 22.20
N ILE A 33 31.77 22.26 22.13
CA ILE A 33 32.47 21.57 21.09
C ILE A 33 31.53 20.94 20.08
N PHE A 34 31.75 21.23 18.81
CA PHE A 34 30.97 20.58 17.76
C PHE A 34 31.85 20.25 16.56
N GLY A 35 31.61 19.07 16.01
CA GLY A 35 32.40 18.56 14.89
C GLY A 35 31.70 18.17 13.62
N THR A 36 30.38 18.34 13.54
CA THR A 36 29.64 18.03 12.31
C THR A 36 28.58 19.10 12.08
N ARG A 37 28.01 19.13 10.88
CA ARG A 37 27.01 20.13 10.56
C ARG A 37 25.78 19.94 11.45
N PRO A 38 25.28 18.70 11.58
CA PRO A 38 24.11 18.50 12.45
C PRO A 38 24.38 18.93 13.90
N GLU A 39 25.58 18.66 14.42
CA GLU A 39 25.92 19.09 15.78
C GLU A 39 25.91 20.60 15.83
N ALA A 40 26.43 21.22 14.78
CA ALA A 40 26.50 22.68 14.68
C ALA A 40 25.11 23.31 14.82
N ILE A 41 24.16 22.73 14.13
CA ILE A 41 22.79 23.20 14.16
C ILE A 41 22.14 23.01 15.52
N LYS A 42 22.44 21.89 16.18
CA LYS A 42 21.90 21.59 17.51
C LYS A 42 22.63 22.31 18.65
N MET A 43 23.90 22.68 18.44
CA MET A 43 24.68 23.38 19.48
C MET A 43 24.62 24.91 19.33
N ALA A 44 24.45 25.38 18.10
CA ALA A 44 24.38 26.83 17.84
C ALA A 44 23.38 27.56 18.76
N PRO A 45 22.13 27.06 18.89
CA PRO A 45 21.15 27.71 19.73
C PRO A 45 21.62 27.88 21.17
N LEU A 46 22.33 26.87 21.65
CA LEU A 46 22.88 26.87 23.00
C LEU A 46 23.95 27.95 23.07
N VAL A 47 24.78 28.04 22.03
CA VAL A 47 25.81 29.07 22.01
C VAL A 47 25.13 30.45 22.00
N LEU A 48 24.09 30.61 21.19
CA LEU A 48 23.35 31.88 21.16
C LEU A 48 22.84 32.24 22.55
N ALA A 49 22.20 31.27 23.23
CA ALA A 49 21.68 31.47 24.58
C ALA A 49 22.77 31.97 25.54
N LEU A 50 23.96 31.37 25.44
CA LEU A 50 25.10 31.78 26.27
C LEU A 50 25.49 33.20 25.94
N GLU A 51 25.46 33.54 24.64
CA GLU A 51 25.82 34.87 24.21
C GLU A 51 24.75 35.93 24.57
N LYS A 52 23.55 35.49 24.93
CA LYS A 52 22.50 36.43 25.35
C LYS A 52 22.70 36.83 26.80
N GLU A 53 23.56 36.10 27.51
CA GLU A 53 23.81 36.38 28.92
C GLU A 53 25.33 36.52 29.18
N PRO A 54 25.97 37.50 28.54
CA PRO A 54 27.41 37.69 28.71
C PRO A 54 27.83 38.16 30.10
N GLU A 55 26.88 38.65 30.92
CA GLU A 55 27.23 39.06 32.27
C GLU A 55 27.53 37.83 33.14
N THR A 56 27.06 36.67 32.68
CA THR A 56 27.24 35.42 33.40
C THR A 56 28.20 34.46 32.72
N PHE A 57 28.07 34.34 31.40
CA PHE A 57 28.86 33.39 30.64
C PHE A 57 29.90 33.95 29.68
N GLU A 58 30.93 33.15 29.50
CA GLU A 58 31.99 33.41 28.57
C GLU A 58 31.87 32.19 27.64
N SER A 59 31.60 32.43 26.36
CA SER A 59 31.43 31.32 25.42
C SER A 59 32.65 31.07 24.54
N THR A 60 33.20 29.86 24.60
CA THR A 60 34.34 29.49 23.76
C THR A 60 33.85 28.38 22.84
N VAL A 61 33.85 28.64 21.55
CA VAL A 61 33.41 27.65 20.58
C VAL A 61 34.62 27.03 19.92
N VAL A 62 34.67 25.70 20.00
CA VAL A 62 35.74 24.91 19.44
C VAL A 62 35.20 23.98 18.36
N ILE A 63 35.75 24.10 17.16
CA ILE A 63 35.35 23.26 16.04
C ILE A 63 36.35 22.12 15.85
N THR A 64 35.81 20.94 15.60
CA THR A 64 36.59 19.73 15.36
C THR A 64 35.90 18.95 14.24
N ALA A 65 35.85 19.54 13.06
CA ALA A 65 35.20 18.94 11.89
C ALA A 65 36.16 18.08 11.07
N LEU A 71 30.81 23.43 7.64
CA LEU A 71 29.79 23.87 8.60
C LEU A 71 29.83 25.38 8.86
N ASP A 72 30.65 26.11 8.10
CA ASP A 72 30.76 27.56 8.27
C ASP A 72 29.49 28.28 7.80
N GLN A 73 28.63 27.59 7.06
CA GLN A 73 27.39 28.19 6.60
C GLN A 73 26.43 28.31 7.78
N VAL A 74 26.42 27.28 8.64
CA VAL A 74 25.56 27.25 9.82
C VAL A 74 25.97 28.30 10.84
N LEU A 75 27.28 28.47 11.02
CA LEU A 75 27.78 29.44 11.97
C LEU A 75 27.45 30.87 11.54
N GLU A 76 27.44 31.10 10.22
CA GLU A 76 27.11 32.41 9.68
C GLU A 76 25.65 32.73 9.96
N ILE A 77 24.77 31.73 9.86
CA ILE A 77 23.34 31.92 10.12
C ILE A 77 23.11 32.33 11.58
N PHE A 78 23.79 31.66 12.50
CA PHE A 78 23.69 31.95 13.92
C PHE A 78 24.65 33.05 14.37
N ASP A 79 25.42 33.59 13.42
CA ASP A 79 26.39 34.65 13.69
C ASP A 79 27.28 34.22 14.85
N ILE A 80 27.97 33.10 14.64
CA ILE A 80 28.85 32.51 15.64
C ILE A 80 30.27 32.47 15.13
N LYS A 81 31.13 33.24 15.78
CA LYS A 81 32.52 33.26 15.42
C LYS A 81 33.15 32.14 16.23
N PRO A 82 33.70 31.11 15.56
CA PRO A 82 34.33 30.03 16.33
C PRO A 82 35.65 30.51 16.93
N ASP A 83 35.94 30.15 18.17
CA ASP A 83 37.17 30.60 18.82
C ASP A 83 38.39 29.76 18.47
N ILE A 84 38.20 28.45 18.38
CA ILE A 84 39.30 27.53 18.06
C ILE A 84 38.81 26.57 16.98
N ASP A 85 39.67 26.35 15.97
CA ASP A 85 39.33 25.47 14.87
C ASP A 85 40.44 24.44 14.69
N LEU A 86 40.18 23.21 15.12
CA LEU A 86 41.15 22.13 15.00
C LEU A 86 40.91 21.39 13.69
N ASP A 87 41.93 21.34 12.85
CA ASP A 87 41.80 20.68 11.57
C ASP A 87 42.16 19.19 11.72
N ILE A 88 41.21 18.41 12.24
CA ILE A 88 41.43 16.98 12.42
C ILE A 88 40.95 16.24 11.17
N MET A 89 41.81 15.40 10.62
CA MET A 89 41.48 14.66 9.40
C MET A 89 40.93 13.29 9.74
N LYS A 91 40.87 12.11 4.53
CA LYS A 91 40.14 11.58 5.69
C LYS A 91 40.00 10.04 5.66
N GLY A 92 41.13 9.37 5.44
CA GLY A 92 41.18 7.91 5.44
C GLY A 92 41.75 7.49 6.79
N GLN A 93 41.13 8.00 7.85
CA GLN A 93 41.59 7.73 9.20
C GLN A 93 40.69 6.73 9.90
N THR A 94 41.29 5.85 10.68
CA THR A 94 40.53 4.84 11.41
C THR A 94 39.83 5.53 12.57
N LEU A 95 38.96 4.76 13.22
CA LEU A 95 38.23 5.25 14.35
C LEU A 95 39.18 5.54 15.51
N ALA A 96 40.17 4.67 15.67
CA ALA A 96 41.16 4.82 16.72
C ALA A 96 41.94 6.12 16.56
N GLU A 97 42.27 6.45 15.31
CA GLU A 97 43.05 7.64 15.01
C GLU A 97 42.27 8.93 15.17
N ILE A 98 41.00 8.90 14.77
CA ILE A 98 40.14 10.06 14.89
C ILE A 98 40.00 10.38 16.36
N THR A 99 39.77 9.35 17.15
CA THR A 99 39.58 9.47 18.60
C THR A 99 40.83 10.04 19.26
N SER A 100 41.98 9.47 18.94
CA SER A 100 43.22 9.98 19.52
C SER A 100 43.50 11.45 19.09
N ARG A 101 43.32 11.77 17.82
CA ARG A 101 43.56 13.14 17.36
C ARG A 101 42.67 14.18 18.04
N VAL A 102 41.39 13.87 18.17
CA VAL A 102 40.43 14.75 18.81
C VAL A 102 40.70 14.88 20.33
N MET A 103 41.03 13.75 20.95
CA MET A 103 41.29 13.71 22.37
C MET A 103 42.55 14.50 22.73
N ASN A 104 43.61 14.32 21.96
CA ASN A 104 44.86 15.04 22.21
C ASN A 104 44.70 16.51 21.87
N GLY A 105 43.93 16.79 20.83
CA GLY A 105 43.67 18.16 20.40
C GLY A 105 42.87 18.89 21.47
N ILE A 106 41.75 18.30 21.86
CA ILE A 106 40.89 18.89 22.89
C ILE A 106 41.60 18.95 24.25
N ASN A 107 42.39 17.95 24.58
CA ASN A 107 43.14 17.98 25.83
C ASN A 107 43.93 19.29 25.89
N GLU A 108 44.64 19.59 24.82
CA GLU A 108 45.47 20.80 24.74
C GLU A 108 44.63 22.06 24.78
N VAL A 109 43.52 22.08 24.04
CA VAL A 109 42.67 23.26 24.03
C VAL A 109 42.10 23.54 25.42
N ILE A 110 41.64 22.50 26.10
CA ILE A 110 41.07 22.63 27.42
C ILE A 110 42.12 23.07 28.45
N ALA A 111 43.28 22.45 28.43
CA ALA A 111 44.38 22.79 29.33
C ALA A 111 44.72 24.28 29.28
N ALA A 112 44.75 24.83 28.06
CA ALA A 112 45.08 26.22 27.85
C ALA A 112 43.91 27.17 28.19
N GLU A 113 42.75 26.94 27.60
CA GLU A 113 41.57 27.79 27.82
C GLU A 113 41.02 27.74 29.25
N ASN A 114 41.20 26.59 29.90
CA ASN A 114 40.74 26.34 31.28
C ASN A 114 39.28 26.72 31.52
N PRO A 115 38.38 26.15 30.69
CA PRO A 115 36.98 26.43 30.89
C PRO A 115 36.44 25.76 32.14
N ASP A 116 35.35 26.31 32.65
CA ASP A 116 34.68 25.77 33.81
C ASP A 116 33.87 24.55 33.40
N ILE A 117 33.41 24.53 32.16
CA ILE A 117 32.60 23.42 31.72
C ILE A 117 32.71 23.28 30.23
N VAL A 118 32.72 22.03 29.81
CA VAL A 118 32.79 21.71 28.40
C VAL A 118 31.52 21.02 28.05
N LEU A 119 30.91 21.42 26.92
CA LEU A 119 29.67 20.82 26.46
C LEU A 119 29.92 20.07 25.19
N VAL A 120 29.59 18.78 25.23
CA VAL A 120 29.72 17.90 24.08
C VAL A 120 28.30 17.48 23.74
N HIS A 121 28.09 17.15 22.49
CA HIS A 121 26.77 16.79 22.05
C HIS A 121 26.62 15.37 21.54
N GLY A 122 25.48 14.79 21.91
CA GLY A 122 25.09 13.49 21.44
C GLY A 122 26.05 12.31 21.47
N ASP A 123 26.15 11.64 20.33
CA ASP A 123 26.89 10.40 20.24
C ASP A 123 28.02 10.29 19.23
N THR A 124 28.52 11.40 18.74
CA THR A 124 29.61 11.34 17.79
C THR A 124 30.90 10.96 18.50
N THR A 125 31.86 10.50 17.73
CA THR A 125 33.15 10.14 18.26
C THR A 125 33.89 11.35 18.79
N THR A 126 33.67 12.49 18.13
CA THR A 126 34.29 13.74 18.54
C THR A 126 33.81 14.12 19.95
N SER A 127 32.52 13.97 20.21
CA SER A 127 31.97 14.28 21.53
C SER A 127 32.52 13.41 22.64
N PHE A 128 32.64 12.13 22.36
CA PHE A 128 33.17 11.20 23.34
C PHE A 128 34.62 11.55 23.63
N ALA A 129 35.39 11.75 22.57
CA ALA A 129 36.81 12.05 22.71
C ALA A 129 37.06 13.34 23.48
N ALA A 130 36.27 14.35 23.16
CA ALA A 130 36.38 15.64 23.81
C ALA A 130 35.94 15.49 25.26
N GLY A 131 34.97 14.61 25.49
CA GLY A 131 34.48 14.36 26.82
C GLY A 131 35.57 13.76 27.67
N LEU A 132 36.27 12.79 27.10
CA LEU A 132 37.35 12.13 27.78
C LEU A 132 38.48 13.12 28.07
N ALA A 133 38.80 14.00 27.12
CA ALA A 133 39.86 15.00 27.37
C ALA A 133 39.40 15.93 28.50
N THR A 134 38.09 16.20 28.54
CA THR A 134 37.49 17.04 29.58
C THR A 134 37.69 16.38 30.95
N PHE A 135 37.47 15.07 31.02
CA PHE A 135 37.67 14.33 32.26
C PHE A 135 39.14 14.32 32.63
N TYR A 136 40.00 14.06 31.66
CA TYR A 136 41.44 14.06 31.96
C TYR A 136 41.87 15.39 32.50
N GLN A 137 41.23 16.47 32.02
CA GLN A 137 41.56 17.82 32.48
C GLN A 137 40.79 18.22 33.72
N GLN A 138 40.05 17.26 34.27
CA GLN A 138 39.24 17.48 35.46
C GLN A 138 38.33 18.71 35.38
N LYS A 139 37.66 18.87 34.25
CA LYS A 139 36.69 19.95 34.03
C LYS A 139 35.31 19.33 34.05
N MET A 140 34.32 20.14 34.40
CA MET A 140 32.98 19.66 34.42
C MET A 140 32.55 19.38 32.97
N LEU A 141 31.86 18.26 32.79
CA LEU A 141 31.40 17.83 31.48
C LEU A 141 29.88 17.84 31.40
N GLY A 142 29.36 18.56 30.43
CA GLY A 142 27.93 18.64 30.22
C GLY A 142 27.64 17.91 28.93
N HIS A 143 26.59 17.08 28.94
CA HIS A 143 26.23 16.29 27.77
C HIS A 143 24.86 16.72 27.22
N VAL A 144 24.90 17.39 26.07
CA VAL A 144 23.69 17.88 25.41
C VAL A 144 23.14 16.71 24.62
N GLU A 145 21.82 16.46 24.74
CA GLU A 145 21.15 15.32 24.11
C GLU A 145 21.72 14.05 24.76
N ALA A 146 21.49 13.97 26.07
CA ALA A 146 21.99 12.88 26.89
C ALA A 146 21.02 11.76 27.13
N GLY A 147 21.54 10.54 27.07
CA GLY A 147 20.73 9.38 27.39
C GLY A 147 19.98 8.56 26.37
N LEU A 148 20.14 8.82 25.07
CA LEU A 148 19.45 7.96 24.09
C LEU A 148 20.13 6.59 24.15
N ARG A 149 19.34 5.53 24.01
CA ARG A 149 19.88 4.19 24.08
C ARG A 149 19.11 3.19 23.23
N THR A 150 19.85 2.29 22.62
CA THR A 150 19.27 1.16 21.90
C THR A 150 19.72 -0.05 22.74
N TRP A 151 20.65 0.16 23.67
CA TRP A 151 21.19 -0.90 24.52
C TRP A 151 21.93 -1.98 23.71
N ASN A 152 22.16 -1.70 22.43
CA ASN A 152 22.90 -2.59 21.56
C ASN A 152 24.24 -1.95 21.24
N LYS A 153 25.29 -2.41 21.90
CA LYS A 153 26.62 -1.82 21.72
C LYS A 153 27.11 -1.70 20.26
N TYR A 154 26.57 -2.51 19.35
CA TYR A 154 26.99 -2.46 17.95
C TYR A 154 25.94 -1.90 16.96
N SER A 155 24.88 -1.27 17.46
CA SER A 155 23.86 -0.70 16.58
C SER A 155 23.05 0.37 17.30
N PRO A 156 23.33 1.65 16.98
CA PRO A 156 24.36 2.10 16.01
C PRO A 156 25.79 2.07 16.55
N PHE A 157 26.72 1.82 15.65
CA PHE A 157 28.14 1.75 15.97
C PHE A 157 28.87 2.90 15.29
N PRO A 158 29.69 3.66 16.06
CA PRO A 158 29.95 3.52 17.48
C PRO A 158 29.11 4.44 18.35
N GLU A 159 28.04 4.98 17.78
CA GLU A 159 27.21 5.93 18.48
C GLU A 159 26.58 5.47 19.79
N GLU A 160 26.07 4.25 19.86
CA GLU A 160 25.49 3.77 21.12
C GLU A 160 26.58 3.77 22.22
N MET A 161 27.74 3.23 21.89
CA MET A 161 28.83 3.19 22.87
C MET A 161 29.30 4.60 23.17
N ASN A 162 29.35 5.46 22.15
CA ASN A 162 29.76 6.83 22.39
C ASN A 162 28.90 7.47 23.46
N ARG A 163 27.60 7.41 23.29
CA ARG A 163 26.70 8.05 24.25
C ARG A 163 26.71 7.38 25.62
N GLN A 164 27.04 6.09 25.66
CA GLN A 164 27.11 5.42 26.95
C GLN A 164 28.39 5.85 27.65
N LEU A 165 29.51 5.91 26.94
CA LEU A 165 30.78 6.32 27.53
C LEU A 165 30.70 7.78 27.98
N THR A 166 30.21 8.62 27.09
CA THR A 166 30.02 10.03 27.43
C THR A 166 29.14 10.12 28.67
N GLY A 167 28.13 9.27 28.72
CA GLY A 167 27.21 9.22 29.85
C GLY A 167 27.89 8.93 31.18
N VAL A 168 28.93 8.12 31.21
CA VAL A 168 29.57 7.85 32.50
C VAL A 168 30.46 9.02 32.89
N MET A 169 31.08 9.66 31.89
CA MET A 169 31.98 10.77 32.15
C MET A 169 31.26 12.07 32.48
N ALA A 170 30.06 12.23 31.93
CA ALA A 170 29.30 13.46 32.15
C ALA A 170 28.97 13.73 33.62
N ASP A 171 29.01 15.01 33.96
CA ASP A 171 28.67 15.49 35.28
C ASP A 171 27.24 16.00 35.26
N ILE A 172 26.78 16.44 34.09
CA ILE A 172 25.44 16.96 33.96
C ILE A 172 24.88 16.51 32.60
N HIS A 173 23.64 16.03 32.63
CA HIS A 173 23.01 15.48 31.46
C HIS A 173 21.79 16.27 31.09
N PHE A 174 21.71 16.62 29.82
CA PHE A 174 20.61 17.37 29.32
C PHE A 174 19.90 16.40 28.37
N SER A 175 18.89 15.71 28.89
CA SER A 175 18.15 14.73 28.13
C SER A 175 17.09 15.40 27.27
N PRO A 176 16.86 14.87 26.08
CA PRO A 176 15.85 15.48 25.25
C PRO A 176 14.47 15.04 25.67
N THR A 177 14.35 13.87 26.29
CA THR A 177 13.05 13.35 26.69
C THR A 177 13.06 12.66 28.03
N LYS A 178 11.86 12.39 28.52
CA LYS A 178 11.68 11.72 29.79
C LYS A 178 12.34 10.34 29.70
N GLN A 179 12.17 9.68 28.55
CA GLN A 179 12.74 8.37 28.29
C GLN A 179 14.24 8.36 28.43
N ALA A 180 14.91 9.33 27.82
CA ALA A 180 16.36 9.43 27.91
C ALA A 180 16.79 9.60 29.36
N LYS A 181 15.99 10.30 30.14
CA LYS A 181 16.29 10.51 31.56
C LYS A 181 16.20 9.18 32.28
N GLU A 182 15.12 8.45 32.05
CA GLU A 182 14.92 7.14 32.67
C GLU A 182 16.07 6.19 32.32
N ASN A 183 16.53 6.22 31.07
CA ASN A 183 17.66 5.38 30.66
C ASN A 183 18.84 5.68 31.54
N LEU A 184 19.09 6.96 31.79
CA LEU A 184 20.21 7.36 32.62
C LEU A 184 19.98 6.90 34.06
N LEU A 185 18.75 7.01 34.54
CA LEU A 185 18.43 6.57 35.89
C LEU A 185 18.64 5.07 36.06
N ALA A 186 18.27 4.29 35.05
CA ALA A 186 18.42 2.83 35.09
C ALA A 186 19.90 2.43 35.19
N GLU A 187 20.78 3.28 34.70
CA GLU A 187 22.23 3.04 34.79
C GLU A 187 22.80 3.58 36.12
N GLY A 188 21.92 4.02 37.01
CA GLY A 188 22.34 4.52 38.30
C GLY A 188 22.86 5.94 38.36
N LYS A 189 22.56 6.77 37.37
CA LYS A 189 23.01 8.19 37.42
C LYS A 189 22.23 8.95 38.50
N ASP A 190 22.88 9.98 39.04
CA ASP A 190 22.30 10.79 40.09
C ASP A 190 21.18 11.67 39.51
N PRO A 191 19.92 11.43 39.94
CA PRO A 191 18.79 12.23 39.43
C PRO A 191 19.05 13.73 39.45
N ALA A 192 19.72 14.23 40.48
CA ALA A 192 20.02 15.66 40.59
C ALA A 192 20.89 16.18 39.43
N THR A 193 21.53 15.28 38.69
CA THR A 193 22.37 15.71 37.58
C THR A 193 21.72 15.62 36.18
N ILE A 194 20.49 15.11 36.12
CA ILE A 194 19.82 14.95 34.82
C ILE A 194 18.68 15.96 34.65
N PHE A 195 18.63 16.58 33.48
CA PHE A 195 17.58 17.55 33.19
C PHE A 195 16.94 17.28 31.84
N VAL A 196 15.63 17.01 31.83
CA VAL A 196 14.91 16.82 30.59
C VAL A 196 14.70 18.23 30.12
N THR A 197 15.40 18.60 29.07
CA THR A 197 15.36 19.94 28.53
C THR A 197 14.67 20.07 27.19
N GLY A 198 14.43 18.94 26.52
CA GLY A 198 13.88 18.96 25.17
C GLY A 198 15.10 18.92 24.24
N ASN A 199 14.82 18.94 22.95
N ASN A 199 14.88 18.91 22.95
CA ASN A 199 15.85 18.89 21.91
CA ASN A 199 16.02 18.84 22.04
C ASN A 199 16.23 20.27 21.37
C ASN A 199 16.26 20.20 21.37
N THR A 200 17.52 20.64 21.43
CA THR A 200 17.95 21.95 20.89
C THR A 200 17.70 22.16 19.38
N ALA A 201 17.51 21.06 18.65
CA ALA A 201 17.24 21.11 17.20
C ALA A 201 15.99 21.94 16.94
N ILE A 202 15.04 21.87 17.86
CA ILE A 202 13.81 22.63 17.73
C ILE A 202 14.15 24.11 17.96
N ASP A 203 15.02 24.42 18.94
CA ASP A 203 15.42 25.81 19.18
C ASP A 203 16.02 26.37 17.90
N ALA A 204 16.79 25.54 17.20
CA ALA A 204 17.44 25.97 15.95
C ALA A 204 16.47 26.53 14.91
N LEU A 205 15.26 26.00 14.86
CA LEU A 205 14.25 26.46 13.91
C LEU A 205 13.94 27.96 14.05
N LYS A 206 14.10 28.50 15.25
CA LYS A 206 13.82 29.93 15.44
C LYS A 206 14.80 30.75 14.60
N THR A 207 15.98 30.20 14.32
CA THR A 207 16.98 30.92 13.55
C THR A 207 17.09 30.46 12.09
N THR A 208 16.96 29.18 11.83
CA THR A 208 17.10 28.66 10.46
C THR A 208 15.90 29.00 9.56
N VAL A 209 14.72 29.08 10.17
CA VAL A 209 13.51 29.44 9.44
C VAL A 209 13.51 30.94 9.27
N GLN A 210 13.54 31.38 8.01
CA GLN A 210 13.61 32.79 7.70
C GLN A 210 12.24 33.46 7.69
N LYS A 211 12.24 34.75 8.03
CA LYS A 211 11.05 35.59 8.06
C LYS A 211 10.26 35.38 6.77
N ASP A 212 10.91 35.63 5.63
CA ASP A 212 10.29 35.49 4.34
C ASP A 212 11.22 34.74 3.39
N TYR A 213 11.22 33.42 3.52
CA TYR A 213 12.07 32.55 2.71
C TYR A 213 11.73 32.64 1.22
N HIS A 214 12.76 32.45 0.40
CA HIS A 214 12.73 32.59 -1.05
C HIS A 214 12.94 31.32 -1.87
N HIS A 215 11.91 30.86 -2.59
CA HIS A 215 12.07 29.69 -3.47
C HIS A 215 10.90 29.62 -4.45
N PRO A 216 11.19 29.58 -5.78
CA PRO A 216 10.18 29.54 -6.85
C PRO A 216 8.98 28.65 -6.56
N ILE A 217 9.24 27.40 -6.20
CA ILE A 217 8.18 26.43 -5.92
C ILE A 217 7.26 26.90 -4.80
N LEU A 218 7.87 27.47 -3.77
CA LEU A 218 7.11 27.97 -2.64
C LEU A 218 6.36 29.23 -3.06
N GLU A 219 6.96 30.01 -3.98
CA GLU A 219 6.36 31.24 -4.48
C GLU A 219 5.24 30.94 -5.49
N ASN A 220 5.38 29.85 -6.24
CA ASN A 220 4.36 29.48 -7.22
C ASN A 220 3.33 28.54 -6.61
N LEU A 221 3.51 28.24 -5.33
CA LEU A 221 2.62 27.30 -4.62
C LEU A 221 1.15 27.75 -4.67
N GLY A 222 0.91 29.04 -4.42
CA GLY A 222 -0.46 29.57 -4.44
C GLY A 222 -1.27 29.00 -3.28
N ASP A 223 -2.47 28.52 -3.59
CA ASP A 223 -3.35 27.94 -2.57
C ASP A 223 -3.12 26.44 -2.38
N ASN A 224 -2.20 25.86 -3.15
CA ASN A 224 -1.91 24.42 -3.05
C ASN A 224 -1.23 24.00 -1.76
N ARG A 225 -1.53 22.76 -1.37
CA ARG A 225 -0.97 22.17 -0.16
C ARG A 225 0.30 21.41 -0.51
N LEU A 226 1.39 21.87 0.10
CA LEU A 226 2.70 21.31 -0.13
C LEU A 226 2.93 20.01 0.66
N ILE A 227 3.27 18.96 -0.07
CA ILE A 227 3.61 17.69 0.52
C ILE A 227 5.09 17.53 0.29
N LEU A 228 5.84 17.27 1.35
CA LEU A 228 7.27 17.10 1.26
C LEU A 228 7.59 15.64 1.58
N MET A 229 8.50 15.05 0.82
CA MET A 229 8.90 13.66 1.05
C MET A 229 10.42 13.49 1.05
N THR A 230 10.90 12.65 1.97
CA THR A 230 12.32 12.31 2.05
C THR A 230 12.41 10.89 2.57
N ALA A 231 13.39 10.17 2.07
CA ALA A 231 13.64 8.81 2.46
C ALA A 231 15.12 8.56 2.29
N HIS A 232 15.81 8.28 3.39
CA HIS A 232 17.25 8.02 3.32
C HIS A 232 17.68 6.70 3.98
N ARG A 233 16.75 5.97 4.57
CA ARG A 233 17.08 4.71 5.25
C ARG A 233 17.36 3.65 4.21
N ARG A 234 18.39 2.87 4.45
CA ARG A 234 18.77 1.82 3.54
C ARG A 234 17.62 0.86 3.21
N GLU A 235 16.87 0.47 4.25
N GLU A 235 16.88 0.43 4.24
CA GLU A 235 15.74 -0.45 4.11
CA GLU A 235 15.77 -0.52 4.01
C GLU A 235 14.67 0.03 3.14
C GLU A 235 14.68 0.03 3.10
N ASN A 236 14.41 1.34 3.14
CA ASN A 236 13.39 1.96 2.29
C ASN A 236 13.88 2.28 0.89
N LEU A 237 15.16 2.64 0.78
CA LEU A 237 15.74 2.97 -0.53
C LEU A 237 15.76 1.77 -1.45
N GLY A 238 15.54 0.59 -0.89
CA GLY A 238 15.52 -0.63 -1.67
C GLY A 238 14.30 -0.77 -2.55
N GLU A 239 13.70 -1.97 -2.55
CA GLU A 239 12.53 -2.25 -3.38
C GLU A 239 11.26 -1.50 -2.99
N PRO A 240 11.11 -1.15 -1.69
CA PRO A 240 9.89 -0.44 -1.30
C PRO A 240 9.77 0.95 -1.92
N MET A 241 10.89 1.50 -2.39
CA MET A 241 10.91 2.82 -2.94
C MET A 241 9.89 2.99 -4.06
N GLN A 242 9.81 2.01 -4.95
CA GLN A 242 8.88 2.07 -6.06
C GLN A 242 7.43 2.23 -5.59
N GLY A 243 7.01 1.39 -4.64
CA GLY A 243 5.65 1.47 -4.13
C GLY A 243 5.38 2.83 -3.50
N MET A 244 6.39 3.37 -2.82
CA MET A 244 6.23 4.68 -2.18
C MET A 244 6.07 5.83 -3.18
N PHE A 245 6.86 5.85 -4.26
CA PHE A 245 6.72 6.92 -5.26
C PHE A 245 5.36 6.80 -5.95
N GLU A 246 4.98 5.58 -6.29
CA GLU A 246 3.69 5.34 -6.92
C GLU A 246 2.58 5.85 -6.03
N ALA A 247 2.76 5.70 -4.71
CA ALA A 247 1.77 6.15 -3.74
C ALA A 247 1.56 7.66 -3.80
N VAL A 248 2.66 8.41 -3.71
CA VAL A 248 2.60 9.87 -3.73
C VAL A 248 2.15 10.41 -5.10
N ARG A 249 2.54 9.72 -6.17
CA ARG A 249 2.09 10.09 -7.51
C ARG A 249 0.57 10.08 -7.50
N GLU A 250 0.02 8.97 -7.00
CA GLU A 250 -1.42 8.79 -6.93
C GLU A 250 -2.12 9.80 -6.00
N ILE A 251 -1.44 10.19 -4.92
CA ILE A 251 -1.99 11.19 -3.99
C ILE A 251 -2.10 12.51 -4.76
N VAL A 252 -1.04 12.86 -5.46
CA VAL A 252 -1.00 14.08 -6.25
C VAL A 252 -2.05 14.10 -7.37
N GLU A 253 -2.22 12.99 -8.08
CA GLU A 253 -3.22 12.92 -9.15
C GLU A 253 -4.65 12.96 -8.61
N SER A 254 -4.87 12.35 -7.46
CA SER A 254 -6.19 12.29 -6.85
C SER A 254 -6.63 13.59 -6.19
N ARG A 255 -5.67 14.40 -5.76
CA ARG A 255 -5.93 15.68 -5.12
C ARG A 255 -5.19 16.78 -5.87
N GLU A 256 -5.94 17.52 -6.69
CA GLU A 256 -5.35 18.57 -7.53
C GLU A 256 -4.86 19.80 -6.82
N ASP A 257 -5.26 20.03 -5.57
CA ASP A 257 -4.78 21.19 -4.85
C ASP A 257 -3.53 20.87 -4.02
N THR A 258 -2.79 19.83 -4.40
CA THR A 258 -1.57 19.45 -3.70
C THR A 258 -0.38 19.50 -4.63
N GLU A 259 0.78 19.72 -4.05
CA GLU A 259 2.03 19.71 -4.79
C GLU A 259 3.03 18.90 -3.97
N LEU A 260 3.89 18.16 -4.67
CA LEU A 260 4.88 17.32 -4.03
C LEU A 260 6.26 17.81 -4.33
N VAL A 261 7.08 17.91 -3.29
CA VAL A 261 8.47 18.30 -3.43
C VAL A 261 9.25 17.09 -2.94
N TYR A 262 10.15 16.60 -3.78
CA TYR A 262 10.95 15.46 -3.44
C TYR A 262 12.42 15.71 -3.74
N PRO A 263 13.20 16.07 -2.72
CA PRO A 263 14.62 16.23 -2.93
C PRO A 263 15.16 14.84 -3.23
N MET A 264 15.52 14.60 -4.48
CA MET A 264 15.96 13.28 -4.87
C MET A 264 17.23 12.79 -4.19
N HIS A 265 17.20 11.53 -3.75
CA HIS A 265 18.37 10.91 -3.14
C HIS A 265 19.42 10.82 -4.25
N LEU A 266 20.68 10.84 -3.87
CA LEU A 266 21.78 10.80 -4.80
C LEU A 266 21.98 9.46 -5.53
N ASN A 267 21.36 8.40 -5.02
CA ASN A 267 21.47 7.07 -5.62
C ASN A 267 20.79 7.04 -6.99
N PRO A 268 21.57 6.79 -8.06
CA PRO A 268 21.04 6.76 -9.41
C PRO A 268 19.81 5.85 -9.61
N ALA A 269 19.83 4.66 -9.02
CA ALA A 269 18.71 3.73 -9.15
C ALA A 269 17.45 4.36 -8.54
N VAL A 270 17.61 5.09 -7.44
CA VAL A 270 16.50 5.76 -6.79
C VAL A 270 15.97 6.90 -7.67
N ARG A 271 16.88 7.69 -8.23
CA ARG A 271 16.48 8.80 -9.10
C ARG A 271 15.76 8.32 -10.33
N GLU A 272 16.28 7.25 -10.91
CA GLU A 272 15.68 6.66 -12.11
C GLU A 272 14.23 6.27 -11.81
N LYS A 273 13.98 5.71 -10.63
CA LYS A 273 12.61 5.33 -10.25
C LYS A 273 11.76 6.56 -10.03
N ALA A 274 12.38 7.61 -9.48
CA ALA A 274 11.70 8.87 -9.21
C ALA A 274 11.32 9.58 -10.51
N MET A 275 12.24 9.63 -11.45
CA MET A 275 11.98 10.26 -12.76
C MET A 275 10.90 9.51 -13.51
N ALA A 276 11.00 8.19 -13.48
CA ALA A 276 10.07 7.32 -14.17
C ALA A 276 8.66 7.45 -13.65
N ILE A 277 8.50 7.50 -12.34
CA ILE A 277 7.19 7.56 -11.72
C ILE A 277 6.70 8.97 -11.40
N LEU A 278 7.60 9.82 -10.93
CA LEU A 278 7.22 11.16 -10.53
C LEU A 278 7.55 12.25 -11.53
N GLY A 279 8.25 11.90 -12.60
CA GLY A 279 8.64 12.88 -13.60
C GLY A 279 7.50 13.33 -14.47
N GLY A 280 7.67 14.49 -15.09
CA GLY A 280 6.69 15.04 -16.00
C GLY A 280 5.34 15.42 -15.43
N HIS A 281 5.29 15.83 -14.17
CA HIS A 281 4.00 16.27 -13.60
C HIS A 281 4.20 17.68 -13.05
N GLU A 282 3.37 18.59 -13.52
CA GLU A 282 3.46 20.00 -13.12
C GLU A 282 3.36 20.25 -11.61
N ARG A 283 2.73 19.34 -10.87
CA ARG A 283 2.58 19.52 -9.42
C ARG A 283 3.55 18.66 -8.59
N ILE A 284 4.52 18.04 -9.26
CA ILE A 284 5.52 17.24 -8.56
C ILE A 284 6.88 17.85 -8.90
N HIS A 285 7.63 18.24 -7.88
CA HIS A 285 8.92 18.86 -8.08
C HIS A 285 10.03 17.94 -7.60
N LEU A 286 10.84 17.48 -8.55
CA LEU A 286 11.95 16.60 -8.27
C LEU A 286 13.19 17.46 -8.27
N ILE A 287 13.64 17.79 -7.07
CA ILE A 287 14.80 18.65 -6.95
C ILE A 287 15.95 17.90 -6.31
N GLU A 288 17.10 18.57 -6.27
CA GLU A 288 18.30 18.04 -5.66
C GLU A 288 18.14 18.06 -4.15
N PRO A 289 19.00 17.32 -3.42
CA PRO A 289 18.88 17.31 -1.96
C PRO A 289 19.03 18.70 -1.36
N LEU A 290 18.11 19.07 -0.50
CA LEU A 290 18.14 20.37 0.13
C LEU A 290 19.01 20.34 1.37
N ASP A 291 19.56 21.50 1.71
CA ASP A 291 20.35 21.69 2.90
C ASP A 291 19.35 21.57 4.05
N ALA A 292 19.84 21.18 5.23
CA ALA A 292 18.97 21.06 6.39
C ALA A 292 18.22 22.38 6.61
N ILE A 293 18.89 23.49 6.28
CA ILE A 293 18.32 24.83 6.44
C ILE A 293 17.22 25.12 5.42
N ASP A 294 17.50 24.88 4.13
CA ASP A 294 16.47 25.07 3.11
C ASP A 294 15.30 24.19 3.45
N PHE A 295 15.62 22.99 3.92
CA PHE A 295 14.61 22.02 4.29
C PHE A 295 13.71 22.55 5.40
N HIS A 296 14.28 23.17 6.43
CA HIS A 296 13.43 23.70 7.50
C HIS A 296 12.45 24.71 6.93
N ASN A 297 12.92 25.52 5.99
CA ASN A 297 12.08 26.54 5.35
C ASN A 297 10.98 25.94 4.47
N PHE A 298 11.25 24.81 3.83
CA PHE A 298 10.22 24.12 3.05
C PHE A 298 9.24 23.50 3.99
N LEU A 299 9.79 22.91 5.02
CA LEU A 299 9.03 22.25 6.05
C LEU A 299 8.00 23.22 6.60
N ARG A 300 8.42 24.46 6.87
CA ARG A 300 7.50 25.46 7.43
C ARG A 300 6.22 25.67 6.62
N LYS A 301 6.33 25.66 5.29
CA LYS A 301 5.17 25.88 4.42
C LYS A 301 4.49 24.56 4.01
N SER A 302 4.99 23.45 4.51
CA SER A 302 4.44 22.13 4.19
C SER A 302 3.13 21.84 4.94
N TYR A 303 2.26 21.10 4.28
CA TYR A 303 0.99 20.70 4.86
C TYR A 303 1.22 19.38 5.58
N LEU A 304 2.08 18.54 5.01
CA LEU A 304 2.40 17.28 5.65
C LEU A 304 3.72 16.80 5.07
N VAL A 305 4.38 15.92 5.79
CA VAL A 305 5.66 15.41 5.35
C VAL A 305 5.74 13.91 5.57
N PHE A 306 6.29 13.23 4.58
CA PHE A 306 6.54 11.80 4.63
C PHE A 306 8.02 11.68 4.82
N THR A 307 8.48 10.93 5.81
CA THR A 307 9.89 10.80 6.03
C THR A 307 10.23 9.58 6.82
N ASP A 308 11.50 9.19 6.73
CA ASP A 308 12.02 8.12 7.54
C ASP A 308 13.18 8.72 8.34
N SER A 309 13.31 10.06 8.33
CA SER A 309 14.35 10.75 9.07
C SER A 309 13.98 11.01 10.53
N GLY A 310 14.92 10.74 11.41
CA GLY A 310 14.71 10.98 12.84
C GLY A 310 14.58 12.45 13.14
N GLY A 311 15.49 13.25 12.61
CA GLY A 311 15.47 14.69 12.85
C GLY A 311 14.14 15.33 12.46
N VAL A 312 13.61 14.95 11.30
CA VAL A 312 12.37 15.52 10.79
C VAL A 312 11.17 15.20 11.69
N GLN A 313 11.20 14.04 12.34
CA GLN A 313 10.12 13.65 13.25
C GLN A 313 10.10 14.53 14.48
N GLU A 314 11.24 15.12 14.82
CA GLU A 314 11.29 15.99 15.99
C GLU A 314 11.15 17.45 15.66
N GLU A 315 11.59 17.82 14.44
CA GLU A 315 11.57 19.20 13.96
C GLU A 315 10.27 19.61 13.30
N ALA A 316 9.72 18.76 12.46
CA ALA A 316 8.49 19.06 11.75
C ALA A 316 7.33 19.46 12.68
N PRO A 317 7.14 18.70 13.77
CA PRO A 317 6.08 19.07 14.71
C PRO A 317 6.39 20.40 15.39
N GLY A 318 7.66 20.80 15.38
CA GLY A 318 8.07 22.09 15.92
C GLY A 318 7.47 23.19 15.04
N MET A 319 7.21 22.86 13.78
CA MET A 319 6.60 23.77 12.81
C MET A 319 5.09 23.53 12.78
N GLY A 320 4.65 22.50 13.49
CA GLY A 320 3.25 22.11 13.51
C GLY A 320 2.89 21.35 12.24
N VAL A 321 3.88 20.69 11.63
CA VAL A 321 3.64 19.93 10.40
C VAL A 321 3.43 18.45 10.71
N PRO A 322 2.24 17.91 10.38
CA PRO A 322 2.00 16.50 10.61
C PRO A 322 3.02 15.65 9.87
N VAL A 323 3.51 14.60 10.52
CA VAL A 323 4.51 13.72 9.92
C VAL A 323 4.02 12.28 9.75
N LEU A 324 4.13 11.74 8.53
CA LEU A 324 3.80 10.35 8.26
C LEU A 324 5.15 9.66 8.12
N VAL A 325 5.44 8.75 9.05
CA VAL A 325 6.74 8.08 9.09
C VAL A 325 6.80 6.81 8.25
N LEU A 326 7.70 6.82 7.27
CA LEU A 326 7.87 5.69 6.34
C LEU A 326 8.77 4.62 6.94
N ARG A 327 8.30 4.02 8.03
CA ARG A 327 9.06 2.98 8.72
C ARG A 327 8.18 1.95 9.39
N ASP A 328 8.73 0.76 9.58
CA ASP A 328 8.04 -0.33 10.24
C ASP A 328 8.27 -0.29 11.73
N THR A 329 9.38 0.34 12.12
CA THR A 329 9.77 0.48 13.51
C THR A 329 10.23 1.92 13.73
N THR A 330 10.46 2.29 14.98
CA THR A 330 10.91 3.64 15.27
C THR A 330 11.56 3.74 16.64
N GLU A 331 12.45 4.72 16.78
CA GLU A 331 13.09 4.99 18.04
C GLU A 331 12.36 6.18 18.69
N ARG A 332 11.43 6.79 17.94
CA ARG A 332 10.60 7.91 18.40
C ARG A 332 9.19 7.51 18.83
N PRO A 333 9.06 6.72 19.90
CA PRO A 333 7.69 6.38 20.27
C PRO A 333 6.91 7.56 20.86
N GLU A 334 7.61 8.53 21.46
CA GLU A 334 6.94 9.71 22.05
C GLU A 334 6.06 10.42 21.02
N GLY A 335 6.66 10.72 19.87
CA GLY A 335 5.93 11.39 18.79
C GLY A 335 4.66 10.67 18.43
N ILE A 336 4.70 9.35 18.41
CA ILE A 336 3.53 8.54 18.07
C ILE A 336 2.48 8.65 19.15
N GLU A 337 2.90 8.52 20.41
CA GLU A 337 2.00 8.63 21.55
C GLU A 337 1.41 10.03 21.68
N ALA A 338 2.19 11.04 21.30
CA ALA A 338 1.72 12.44 21.38
C ALA A 338 0.74 12.74 20.26
N GLY A 339 0.93 12.13 19.11
CA GLY A 339 0.04 12.35 17.97
C GLY A 339 0.62 13.29 16.93
N THR A 340 1.86 13.73 17.13
CA THR A 340 2.54 14.61 16.20
C THR A 340 3.06 13.81 14.99
N LEU A 341 3.19 12.50 15.19
CA LEU A 341 3.71 11.56 14.19
C LEU A 341 2.82 10.35 13.98
N LYS A 342 2.86 9.79 12.79
CA LYS A 342 2.12 8.56 12.50
C LYS A 342 3.04 7.55 11.82
N LEU A 343 3.24 6.40 12.47
CA LEU A 343 4.07 5.36 11.90
C LEU A 343 3.16 4.61 10.93
N ILE A 344 3.45 4.73 9.64
CA ILE A 344 2.61 4.09 8.62
C ILE A 344 3.32 3.08 7.74
N GLY A 345 4.61 2.84 7.96
CA GLY A 345 5.30 1.86 7.15
C GLY A 345 5.56 2.35 5.74
N THR A 346 5.69 1.40 4.82
CA THR A 346 6.02 1.74 3.44
C THR A 346 5.05 1.15 2.40
N ASN A 347 3.96 0.55 2.86
CA ASN A 347 2.98 -0.03 1.94
C ASN A 347 2.22 1.09 1.21
N LYS A 348 2.29 1.06 -0.12
CA LYS A 348 1.64 2.05 -1.00
C LYS A 348 0.18 2.39 -0.60
N GLU A 349 -0.60 1.38 -0.29
CA GLU A 349 -2.00 1.61 0.09
C GLU A 349 -2.11 2.38 1.40
N ASN A 350 -1.17 2.15 2.30
CA ASN A 350 -1.20 2.81 3.58
C ASN A 350 -0.73 4.28 3.43
N LEU A 351 0.22 4.53 2.54
CA LEU A 351 0.68 5.90 2.26
C LEU A 351 -0.50 6.75 1.78
N ILE A 352 -1.19 6.25 0.77
CA ILE A 352 -2.35 6.92 0.17
C ILE A 352 -3.46 7.19 1.17
N LYS A 353 -3.92 6.12 1.83
CA LYS A 353 -4.99 6.25 2.82
C LYS A 353 -4.68 7.29 3.86
N GLU A 354 -3.52 7.15 4.49
CA GLU A 354 -3.13 8.03 5.56
C GLU A 354 -2.95 9.47 5.07
N ALA A 355 -2.41 9.62 3.87
CA ALA A 355 -2.22 10.94 3.29
C ALA A 355 -3.59 11.59 3.03
N LEU A 356 -4.44 10.88 2.32
CA LEU A 356 -5.78 11.38 2.00
C LEU A 356 -6.53 11.79 3.26
N ASP A 357 -6.44 10.95 4.29
CA ASP A 357 -7.09 11.22 5.57
C ASP A 357 -6.75 12.64 6.02
N LEU A 358 -5.45 12.93 6.07
CA LEU A 358 -4.96 14.24 6.49
C LEU A 358 -5.35 15.35 5.53
N LEU A 359 -5.30 15.06 4.23
CA LEU A 359 -5.67 16.05 3.24
C LEU A 359 -7.18 16.37 3.22
N ASP A 360 -8.03 15.36 3.43
CA ASP A 360 -9.50 15.55 3.35
C ASP A 360 -10.20 15.92 4.65
N ASN A 361 -9.54 15.66 5.77
CA ASN A 361 -10.10 15.94 7.08
C ASN A 361 -9.25 16.95 7.84
N LYS A 362 -9.67 18.20 7.77
CA LYS A 362 -9.00 19.32 8.43
C LYS A 362 -8.91 19.06 9.95
N GLU A 363 -9.89 18.34 10.49
CA GLU A 363 -9.92 18.01 11.92
C GLU A 363 -8.74 17.11 12.29
N SER A 364 -8.44 16.12 11.44
CA SER A 364 -7.32 15.21 11.67
C SER A 364 -5.98 15.93 11.54
N HIS A 365 -5.96 16.92 10.66
CA HIS A 365 -4.75 17.68 10.41
C HIS A 365 -4.41 18.55 11.61
N ASP A 366 -5.35 19.39 12.02
CA ASP A 366 -5.12 20.27 13.16
C ASP A 366 -4.89 19.47 14.46
N LYS A 367 -5.45 18.26 14.51
CA LYS A 367 -5.25 17.39 15.65
C LYS A 367 -3.75 17.13 15.78
N MET A 368 -3.11 16.80 14.67
CA MET A 368 -1.67 16.56 14.68
C MET A 368 -0.92 17.88 14.73
N ALA A 369 -1.42 18.86 13.97
CA ALA A 369 -0.80 20.18 13.89
C ALA A 369 -0.72 20.87 15.24
N GLN A 370 -1.69 20.64 16.12
CA GLN A 370 -1.66 21.27 17.43
C GLN A 370 -1.18 20.34 18.57
N ALA A 371 -0.98 19.06 18.28
CA ALA A 371 -0.47 18.12 19.29
C ALA A 371 0.88 18.61 19.82
N ALA A 372 1.06 18.53 21.13
CA ALA A 372 2.30 18.99 21.79
C ALA A 372 3.53 18.18 21.35
N ASN A 373 4.55 18.88 20.87
CA ASN A 373 5.77 18.20 20.44
C ASN A 373 6.47 17.66 21.67
N PRO A 374 6.55 16.32 21.79
CA PRO A 374 7.19 15.76 22.98
C PRO A 374 8.71 15.89 22.99
N TYR A 375 9.29 16.32 21.87
CA TYR A 375 10.75 16.43 21.77
C TYR A 375 11.30 17.81 22.09
N GLY A 376 10.40 18.76 22.39
CA GLY A 376 10.81 20.11 22.74
C GLY A 376 9.88 21.22 22.27
N ASP A 377 9.96 22.35 22.97
CA ASP A 377 9.16 23.53 22.65
C ASP A 377 10.03 24.64 22.05
N GLY A 378 11.32 24.37 21.87
CA GLY A 378 12.21 25.38 21.29
C GLY A 378 12.97 26.20 22.32
N PHE A 379 12.93 25.76 23.57
CA PHE A 379 13.62 26.47 24.63
C PHE A 379 14.51 25.55 25.42
N ALA A 380 15.00 24.50 24.78
CA ALA A 380 15.90 23.56 25.44
C ALA A 380 17.17 24.28 25.87
N ALA A 381 17.65 25.23 25.05
CA ALA A 381 18.86 25.98 25.35
C ALA A 381 18.74 26.74 26.67
N ASN A 382 17.61 27.39 26.88
CA ASN A 382 17.36 28.17 28.08
C ASN A 382 17.38 27.29 29.31
N ARG A 383 16.74 26.13 29.21
CA ARG A 383 16.74 25.17 30.32
C ARG A 383 18.17 24.66 30.55
N ILE A 384 18.91 24.42 29.48
CA ILE A 384 20.29 23.95 29.65
C ILE A 384 21.10 24.99 30.43
N LEU A 385 21.03 26.26 30.00
CA LEU A 385 21.77 27.33 30.67
C LEU A 385 21.35 27.49 32.12
N ALA A 386 20.05 27.47 32.38
CA ALA A 386 19.56 27.62 33.75
C ALA A 386 20.13 26.47 34.57
N ALA A 387 20.20 25.29 33.96
CA ALA A 387 20.75 24.12 34.62
C ALA A 387 22.23 24.38 34.98
N ILE A 388 22.99 24.90 34.03
CA ILE A 388 24.40 25.21 34.27
C ILE A 388 24.51 26.33 35.32
N LYS A 389 23.69 27.38 35.20
CA LYS A 389 23.70 28.45 36.21
C LYS A 389 23.42 27.87 37.58
N SER A 390 22.41 27.01 37.63
CA SER A 390 21.99 26.34 38.86
C SER A 390 23.14 25.68 39.60
N HIS A 391 24.05 25.08 38.86
CA HIS A 391 25.20 24.41 39.46
C HIS A 391 26.26 25.39 39.93
N PHE A 392 26.64 26.35 39.08
CA PHE A 392 27.70 27.29 39.44
C PHE A 392 27.33 28.45 40.36
N GLU A 393 26.14 29.00 40.21
CA GLU A 393 25.72 30.12 41.03
C GLU A 393 24.68 29.67 42.05
N GLU A 394 24.39 28.37 42.03
CA GLU A 394 23.42 27.76 42.94
C GLU A 394 22.10 28.53 43.01
N THR A 395 21.61 28.90 41.82
CA THR A 395 20.35 29.59 41.68
C THR A 395 19.29 28.54 41.35
N ASP A 396 18.02 28.93 41.42
CA ASP A 396 16.91 27.99 41.18
C ASP A 396 17.15 26.90 40.14
N ARG A 397 16.97 25.65 40.58
CA ARG A 397 17.10 24.49 39.71
C ARG A 397 15.98 24.49 38.69
N PRO A 398 16.29 24.46 37.40
CA PRO A 398 15.23 24.47 36.42
C PRO A 398 14.45 23.15 36.46
N GLU A 399 13.15 23.21 36.26
CA GLU A 399 12.36 22.00 36.29
C GLU A 399 12.34 21.43 34.87
N ASP A 400 12.12 20.11 34.77
CA ASP A 400 12.08 19.42 33.49
C ASP A 400 11.05 19.94 32.50
N PHE A 401 11.34 19.74 31.22
CA PHE A 401 10.41 20.13 30.16
C PHE A 401 9.21 19.21 30.29
N ILE A 402 8.03 19.81 30.44
CA ILE A 402 6.79 19.07 30.62
C ILE A 402 6.13 18.68 29.30
N VAL A 403 6.05 17.37 29.04
CA VAL A 403 5.44 16.85 27.80
C VAL A 403 3.99 16.47 28.04
N MET B 25 4.67 3.10 59.77
CA MET B 25 3.51 3.25 58.84
C MET B 25 3.46 1.99 57.96
N ALA B 26 3.30 0.85 58.64
CA ALA B 26 3.28 -0.51 58.05
C ALA B 26 2.78 -0.66 56.61
N LYS B 27 3.68 -1.16 55.76
CA LYS B 27 3.36 -1.43 54.37
C LYS B 27 3.49 -2.92 54.13
N ILE B 28 2.64 -3.42 53.25
CA ILE B 28 2.67 -4.82 52.87
C ILE B 28 3.82 -5.02 51.90
N LYS B 29 4.87 -5.71 52.32
CA LYS B 29 6.04 -5.97 51.47
C LYS B 29 5.79 -7.21 50.65
N VAL B 30 5.62 -7.01 49.34
CA VAL B 30 5.34 -8.08 48.42
C VAL B 30 6.52 -8.40 47.51
N MET B 31 6.92 -9.67 47.52
CA MET B 31 8.01 -10.15 46.68
C MET B 31 7.43 -11.04 45.58
N SER B 32 7.54 -10.57 44.34
CA SER B 32 7.04 -11.29 43.18
C SER B 32 8.19 -12.01 42.48
N ILE B 33 7.95 -13.28 42.16
CA ILE B 33 8.97 -14.10 41.54
C ILE B 33 8.50 -14.69 40.23
N PHE B 34 9.37 -14.62 39.24
CA PHE B 34 9.10 -15.18 37.92
C PHE B 34 10.43 -15.32 37.15
N GLY B 35 10.48 -16.30 36.25
CA GLY B 35 11.68 -16.55 35.47
C GLY B 35 11.52 -17.04 34.04
N THR B 36 10.39 -16.70 33.41
CA THR B 36 10.13 -17.05 32.02
C THR B 36 9.28 -15.95 31.40
N ARG B 37 9.35 -15.81 30.11
CA ARG B 37 8.55 -14.83 29.45
C ARG B 37 7.07 -14.99 29.70
N PRO B 38 6.53 -16.17 29.50
CA PRO B 38 5.10 -16.34 29.79
C PRO B 38 4.72 -15.90 31.19
N GLU B 39 5.58 -16.21 32.18
CA GLU B 39 5.35 -15.79 33.57
C GLU B 39 5.50 -14.30 33.74
N ALA B 40 6.45 -13.71 33.04
CA ALA B 40 6.72 -12.28 33.13
C ALA B 40 5.50 -11.52 32.64
N ILE B 41 4.95 -11.95 31.50
CA ILE B 41 3.79 -11.32 30.93
C ILE B 41 2.63 -11.36 31.90
N LYS B 42 2.46 -12.49 32.58
CA LYS B 42 1.36 -12.64 33.53
C LYS B 42 1.58 -11.96 34.86
N MET B 43 2.84 -11.88 35.29
CA MET B 43 3.16 -11.23 36.57
C MET B 43 3.39 -9.73 36.47
N ALA B 44 3.73 -9.25 35.28
CA ALA B 44 4.04 -7.81 35.06
C ALA B 44 2.93 -6.87 35.48
N PRO B 45 1.69 -7.14 35.06
CA PRO B 45 0.58 -6.29 35.43
C PRO B 45 0.37 -6.26 36.93
N LEU B 46 0.62 -7.39 37.58
CA LEU B 46 0.46 -7.48 39.02
C LEU B 46 1.56 -6.65 39.69
N VAL B 47 2.77 -6.71 39.15
CA VAL B 47 3.85 -5.94 39.70
C VAL B 47 3.55 -4.46 39.49
N LEU B 48 3.08 -4.13 38.29
CA LEU B 48 2.73 -2.74 37.99
C LEU B 48 1.70 -2.23 38.99
N ALA B 49 0.62 -2.97 39.15
CA ALA B 49 -0.43 -2.57 40.06
C ALA B 49 0.12 -2.36 41.50
N LEU B 50 1.02 -3.22 41.93
CA LEU B 50 1.65 -3.09 43.25
C LEU B 50 2.49 -1.81 43.35
N GLU B 51 3.26 -1.50 42.31
CA GLU B 51 4.09 -0.29 42.30
C GLU B 51 3.27 0.99 42.24
N LYS B 52 2.05 0.88 41.73
CA LYS B 52 1.15 2.04 41.60
C LYS B 52 0.36 2.35 42.85
N GLU B 53 0.49 1.51 43.87
CA GLU B 53 -0.17 1.75 45.14
C GLU B 53 0.92 1.72 46.21
N PRO B 54 1.94 2.59 46.09
CA PRO B 54 3.07 2.62 47.03
C PRO B 54 2.73 2.95 48.48
N GLU B 55 1.57 3.55 48.73
CA GLU B 55 1.20 3.88 50.10
C GLU B 55 0.72 2.63 50.83
N THR B 56 0.41 1.58 50.08
CA THR B 56 -0.06 0.35 50.67
C THR B 56 0.94 -0.80 50.52
N PHE B 57 1.62 -0.86 49.38
CA PHE B 57 2.55 -1.94 49.13
C PHE B 57 3.96 -1.48 48.86
N GLU B 58 4.88 -2.41 49.08
CA GLU B 58 6.27 -2.23 48.78
C GLU B 58 6.52 -3.44 47.87
N SER B 59 7.00 -3.20 46.67
CA SER B 59 7.21 -4.28 45.73
C SER B 59 8.68 -4.60 45.47
N THR B 60 9.00 -5.90 45.55
CA THR B 60 10.36 -6.38 45.28
C THR B 60 10.17 -7.45 44.21
N VAL B 61 10.95 -7.37 43.15
CA VAL B 61 10.85 -8.32 42.05
C VAL B 61 12.13 -9.14 41.97
N VAL B 62 11.97 -10.45 41.99
CA VAL B 62 13.08 -11.37 41.92
C VAL B 62 12.95 -12.18 40.64
N ILE B 63 13.98 -12.14 39.81
CA ILE B 63 14.02 -12.87 38.54
C ILE B 63 14.84 -14.14 38.69
N THR B 64 14.26 -15.24 38.22
CA THR B 64 14.89 -16.55 38.27
C THR B 64 14.86 -17.10 36.85
N ALA B 65 15.51 -16.38 35.95
CA ALA B 65 15.50 -16.74 34.54
C ALA B 65 16.65 -17.63 34.06
N GLN B 66 16.29 -18.75 33.45
CA GLN B 66 17.29 -19.63 32.88
C GLN B 66 17.69 -19.07 31.50
N HIS B 67 16.98 -18.01 31.08
CA HIS B 67 17.22 -17.31 29.82
C HIS B 67 16.77 -15.83 29.96
N ARG B 68 17.63 -15.03 30.59
CA ARG B 68 17.40 -13.58 30.83
C ARG B 68 16.86 -12.60 29.78
N GLU B 69 17.50 -12.51 28.61
CA GLU B 69 17.07 -11.53 27.58
C GLU B 69 15.62 -11.66 27.10
N MET B 70 15.00 -12.81 27.32
CA MET B 70 13.61 -13.03 26.90
C MET B 70 12.63 -12.18 27.71
N LEU B 71 13.02 -11.86 28.95
CA LEU B 71 12.17 -11.06 29.83
C LEU B 71 12.44 -9.57 29.69
N ASP B 72 13.54 -9.21 29.05
CA ASP B 72 13.94 -7.82 28.91
C ASP B 72 12.84 -6.91 28.35
N GLN B 73 12.32 -7.22 27.16
CA GLN B 73 11.28 -6.40 26.53
C GLN B 73 10.01 -6.30 27.36
N VAL B 74 9.66 -7.37 28.08
CA VAL B 74 8.47 -7.35 28.91
C VAL B 74 8.64 -6.44 30.12
N LEU B 75 9.81 -6.49 30.74
CA LEU B 75 10.06 -5.67 31.92
C LEU B 75 10.06 -4.20 31.52
N GLU B 76 10.56 -3.93 30.33
CA GLU B 76 10.64 -2.57 29.82
C GLU B 76 9.28 -1.89 29.67
N ILE B 77 8.38 -2.49 28.89
CA ILE B 77 7.05 -1.88 28.68
C ILE B 77 6.18 -1.77 29.93
N PHE B 78 6.43 -2.60 30.94
CA PHE B 78 5.67 -2.53 32.19
C PHE B 78 6.37 -1.64 33.22
N ASP B 79 7.52 -1.09 32.83
CA ASP B 79 8.32 -0.19 33.65
C ASP B 79 8.80 -0.86 34.94
N ILE B 80 9.15 -2.15 34.83
CA ILE B 80 9.59 -2.92 35.97
C ILE B 80 11.09 -3.17 35.95
N LYS B 81 11.77 -2.75 37.01
CA LYS B 81 13.18 -2.97 37.15
C LYS B 81 13.35 -4.01 38.27
N PRO B 82 13.85 -5.22 37.95
CA PRO B 82 14.02 -6.23 38.96
C PRO B 82 15.03 -5.81 40.02
N ASP B 83 14.72 -6.12 41.26
CA ASP B 83 15.60 -5.77 42.35
C ASP B 83 16.67 -6.84 42.49
N ILE B 84 16.30 -8.09 42.19
CA ILE B 84 17.24 -9.21 42.32
C ILE B 84 17.15 -10.24 41.20
N ASP B 85 18.30 -10.58 40.64
CA ASP B 85 18.43 -11.61 39.61
C ASP B 85 19.18 -12.80 40.15
N LEU B 86 18.59 -13.98 40.02
CA LEU B 86 19.26 -15.20 40.47
C LEU B 86 19.74 -15.91 39.22
N ASP B 87 21.02 -16.28 39.21
CA ASP B 87 21.65 -16.98 38.09
C ASP B 87 21.14 -18.42 38.05
N ILE B 88 20.47 -18.78 36.96
CA ILE B 88 19.93 -20.13 36.80
C ILE B 88 20.38 -20.86 35.53
N MET B 89 21.05 -20.17 34.61
CA MET B 89 21.53 -20.83 33.38
C MET B 89 22.90 -21.48 33.58
N LYS B 91 19.67 -24.91 32.14
CA LYS B 91 20.17 -25.88 31.19
C LYS B 91 21.70 -25.68 30.99
N GLY B 92 22.47 -26.75 30.80
CA GLY B 92 21.98 -28.14 30.80
C GLY B 92 21.93 -28.69 32.22
N GLN B 93 20.72 -28.85 32.76
CA GLN B 93 20.59 -29.32 34.13
C GLN B 93 19.23 -29.97 34.47
N THR B 94 19.30 -30.88 35.43
CA THR B 94 18.16 -31.66 35.90
C THR B 94 17.13 -30.83 36.67
N LEU B 95 15.89 -31.33 36.72
CA LEU B 95 14.85 -30.66 37.47
C LEU B 95 15.34 -30.50 38.91
N ALA B 96 16.02 -31.54 39.41
CA ALA B 96 16.57 -31.52 40.77
C ALA B 96 17.54 -30.37 40.95
N GLU B 97 18.48 -30.21 40.02
CA GLU B 97 19.46 -29.12 40.09
C GLU B 97 18.80 -27.74 39.99
N ILE B 98 17.84 -27.58 39.09
CA ILE B 98 17.13 -26.31 38.98
C ILE B 98 16.36 -26.02 40.27
N THR B 99 15.65 -27.02 40.77
CA THR B 99 14.87 -26.86 42.00
C THR B 99 15.76 -26.51 43.15
N SER B 100 16.85 -27.25 43.29
CA SER B 100 17.84 -27.00 44.32
C SER B 100 18.40 -25.58 44.24
N ARG B 101 18.77 -25.14 43.04
CA ARG B 101 19.34 -23.80 42.85
C ARG B 101 18.33 -22.66 43.05
N VAL B 102 17.07 -22.87 42.68
CA VAL B 102 16.10 -21.82 42.87
C VAL B 102 15.76 -21.75 44.37
N MET B 103 15.47 -22.90 44.97
CA MET B 103 15.15 -22.98 46.41
C MET B 103 16.23 -22.36 47.30
N ASN B 104 17.48 -22.76 47.11
CA ASN B 104 18.57 -22.20 47.89
C ASN B 104 18.69 -20.69 47.70
N GLY B 105 18.62 -20.24 46.46
CA GLY B 105 18.73 -18.81 46.15
C GLY B 105 17.56 -17.99 46.68
N ILE B 106 16.33 -18.44 46.42
CA ILE B 106 15.16 -17.74 46.91
C ILE B 106 15.09 -17.76 48.44
N ASN B 107 15.53 -18.84 49.07
CA ASN B 107 15.54 -18.93 50.52
C ASN B 107 16.44 -17.85 51.12
N GLU B 108 17.64 -17.69 50.55
CA GLU B 108 18.57 -16.68 51.04
C GLU B 108 18.04 -15.26 50.76
N VAL B 109 17.37 -15.10 49.62
CA VAL B 109 16.79 -13.80 49.25
C VAL B 109 15.66 -13.39 50.20
N ILE B 110 14.75 -14.30 50.49
CA ILE B 110 13.64 -14.02 51.40
C ILE B 110 14.22 -13.68 52.76
N ALA B 111 15.23 -14.45 53.16
CA ALA B 111 15.89 -14.22 54.44
C ALA B 111 16.43 -12.83 54.57
N ALA B 112 17.05 -12.33 53.50
CA ALA B 112 17.65 -11.00 53.51
C ALA B 112 16.67 -9.86 53.23
N GLU B 113 15.61 -10.13 52.46
CA GLU B 113 14.61 -9.10 52.10
C GLU B 113 13.39 -9.06 53.01
N ASN B 114 13.16 -10.16 53.70
CA ASN B 114 12.07 -10.26 54.64
C ASN B 114 10.74 -9.68 54.15
N PRO B 115 10.23 -10.18 53.03
CA PRO B 115 8.93 -9.69 52.59
C PRO B 115 7.79 -10.28 53.45
N ASP B 116 6.62 -9.68 53.38
CA ASP B 116 5.45 -10.18 54.12
C ASP B 116 4.77 -11.28 53.32
N ILE B 117 4.92 -11.23 52.01
CA ILE B 117 4.30 -12.22 51.17
C ILE B 117 5.05 -12.39 49.87
N VAL B 118 5.18 -13.65 49.48
CA VAL B 118 5.83 -14.03 48.29
C VAL B 118 4.77 -14.54 47.35
N LEU B 119 4.81 -14.03 46.13
CA LEU B 119 3.91 -14.43 45.10
C LEU B 119 4.67 -15.18 44.04
N VAL B 120 4.23 -16.41 43.77
CA VAL B 120 4.85 -17.20 42.71
C VAL B 120 3.71 -17.47 41.75
N HIS B 121 4.06 -17.71 40.50
CA HIS B 121 3.04 -17.91 39.48
C HIS B 121 2.94 -19.29 38.90
N GLY B 122 1.71 -19.73 38.73
CA GLY B 122 1.40 -20.99 38.08
C GLY B 122 2.10 -22.30 38.35
N ASP B 123 2.73 -22.83 37.30
CA ASP B 123 3.30 -24.18 37.34
C ASP B 123 4.73 -24.45 36.91
N THR B 124 5.58 -23.43 36.85
CA THR B 124 6.97 -23.70 36.49
C THR B 124 7.69 -24.28 37.69
N THR B 125 8.82 -24.92 37.42
CA THR B 125 9.64 -25.47 38.46
C THR B 125 10.17 -24.35 39.36
N THR B 126 10.50 -23.22 38.76
CA THR B 126 11.01 -22.10 39.55
C THR B 126 9.94 -21.61 40.54
N SER B 127 8.70 -21.50 40.10
CA SER B 127 7.63 -21.09 41.03
C SER B 127 7.52 -22.06 42.18
N PHE B 128 7.46 -23.36 41.86
CA PHE B 128 7.38 -24.36 42.92
C PHE B 128 8.56 -24.26 43.88
N ALA B 129 9.77 -24.20 43.34
CA ALA B 129 10.98 -24.13 44.17
C ALA B 129 11.01 -22.86 45.00
N ALA B 130 10.47 -21.77 44.45
CA ALA B 130 10.42 -20.51 45.17
C ALA B 130 9.42 -20.61 46.31
N GLY B 131 8.31 -21.28 46.05
CA GLY B 131 7.28 -21.46 47.06
C GLY B 131 7.80 -22.29 48.23
N LEU B 132 8.56 -23.34 47.92
CA LEU B 132 9.13 -24.20 48.93
C LEU B 132 10.05 -23.37 49.81
N ALA B 133 10.85 -22.53 49.17
CA ALA B 133 11.77 -21.67 49.87
C ALA B 133 10.95 -20.73 50.75
N THR B 134 9.79 -20.31 50.26
CA THR B 134 8.94 -19.42 51.03
C THR B 134 8.44 -20.15 52.26
N PHE B 135 8.01 -21.37 52.08
CA PHE B 135 7.53 -22.16 53.18
C PHE B 135 8.62 -22.45 54.21
N TYR B 136 9.84 -22.68 53.75
CA TYR B 136 10.92 -22.92 54.70
C TYR B 136 11.22 -21.70 55.56
N GLN B 137 10.84 -20.52 55.09
CA GLN B 137 11.06 -19.29 55.86
C GLN B 137 9.81 -18.93 56.65
N GLN B 138 8.78 -19.75 56.56
CA GLN B 138 7.50 -19.48 57.22
C GLN B 138 6.95 -18.13 56.81
N LYS B 139 7.01 -17.85 55.52
CA LYS B 139 6.46 -16.62 54.97
C LYS B 139 5.22 -16.98 54.21
N MET B 140 4.31 -16.02 54.15
CA MET B 140 3.06 -16.21 53.46
C MET B 140 3.32 -16.41 51.96
N LEU B 141 2.65 -17.41 51.39
CA LEU B 141 2.81 -17.72 49.98
C LEU B 141 1.50 -17.50 49.25
N GLY B 142 1.58 -16.66 48.21
CA GLY B 142 0.44 -16.36 47.38
C GLY B 142 0.65 -17.01 46.03
N HIS B 143 -0.33 -17.72 45.54
CA HIS B 143 -0.18 -18.41 44.26
C HIS B 143 -1.06 -17.79 43.17
N VAL B 144 -0.41 -17.11 42.24
CA VAL B 144 -1.07 -16.44 41.11
C VAL B 144 -1.33 -17.49 40.02
N GLU B 145 -2.57 -17.54 39.54
CA GLU B 145 -3.02 -18.55 38.56
C GLU B 145 -2.96 -19.91 39.27
N ALA B 146 -3.86 -20.08 40.22
CA ALA B 146 -3.94 -21.27 41.06
C ALA B 146 -5.16 -22.12 40.79
N GLY B 147 -4.96 -23.43 40.78
CA GLY B 147 -6.07 -24.35 40.61
C GLY B 147 -6.23 -25.10 39.30
N LEU B 148 -5.39 -24.83 38.32
CA LEU B 148 -5.50 -25.53 37.05
C LEU B 148 -5.05 -27.00 37.24
N ARG B 149 -5.82 -27.94 36.66
CA ARG B 149 -5.51 -29.36 36.77
C ARG B 149 -5.83 -30.22 35.53
N THR B 150 -4.99 -31.22 35.29
CA THR B 150 -5.25 -32.24 34.30
C THR B 150 -5.47 -33.50 35.12
N TRP B 151 -5.14 -33.41 36.41
CA TRP B 151 -5.22 -34.52 37.35
C TRP B 151 -4.29 -35.66 36.92
N ASN B 152 -3.38 -35.38 35.98
CA ASN B 152 -2.41 -36.35 35.47
C ASN B 152 -1.01 -35.85 35.80
N LYS B 153 -0.37 -36.49 36.77
CA LYS B 153 0.97 -36.08 37.22
C LYS B 153 2.06 -36.12 36.14
N TYR B 154 1.81 -36.78 35.02
CA TYR B 154 2.81 -36.83 33.96
C TYR B 154 2.39 -36.11 32.68
N SER B 155 1.30 -35.37 32.75
CA SER B 155 0.85 -34.62 31.59
C SER B 155 0.00 -33.44 32.04
N PRO B 156 0.58 -32.24 32.04
CA PRO B 156 1.95 -31.90 31.66
C PRO B 156 2.96 -32.22 32.76
N PHE B 157 4.15 -32.63 32.34
CA PHE B 157 5.22 -32.95 33.25
C PHE B 157 6.34 -31.94 33.08
N PRO B 158 6.78 -31.31 34.19
CA PRO B 158 6.32 -31.48 35.58
C PRO B 158 5.32 -30.41 36.04
N GLU B 159 4.72 -29.70 35.12
CA GLU B 159 3.81 -28.59 35.44
C GLU B 159 2.60 -28.94 36.32
N GLU B 160 1.98 -30.08 36.07
CA GLU B 160 0.82 -30.48 36.87
C GLU B 160 1.24 -30.65 38.34
N MET B 161 2.31 -31.43 38.55
CA MET B 161 2.80 -31.66 39.91
C MET B 161 3.24 -30.33 40.54
N ASN B 162 3.90 -29.47 39.77
CA ASN B 162 4.31 -28.16 40.30
C ASN B 162 3.14 -27.38 40.86
N ARG B 163 2.06 -27.26 40.10
CA ARG B 163 0.91 -26.50 40.60
C ARG B 163 0.18 -27.19 41.73
N GLN B 164 0.26 -28.53 41.80
CA GLN B 164 -0.38 -29.24 42.90
C GLN B 164 0.45 -29.08 44.18
N LEU B 165 1.79 -29.11 44.05
CA LEU B 165 2.70 -28.93 45.18
C LEU B 165 2.61 -27.50 45.66
N THR B 166 2.63 -26.56 44.74
CA THR B 166 2.52 -25.14 45.09
C THR B 166 1.16 -24.88 45.76
N GLY B 167 0.13 -25.55 45.26
CA GLY B 167 -1.21 -25.42 45.83
C GLY B 167 -1.31 -25.86 47.27
N VAL B 168 -0.53 -26.89 47.65
CA VAL B 168 -0.51 -27.36 49.04
C VAL B 168 0.25 -26.41 49.96
N MET B 169 1.27 -25.74 49.46
CA MET B 169 2.06 -24.85 50.29
C MET B 169 1.50 -23.43 50.38
N ALA B 170 0.67 -23.05 49.41
CA ALA B 170 0.13 -21.70 49.37
C ALA B 170 -0.85 -21.38 50.48
N ASP B 171 -0.80 -20.13 50.92
CA ASP B 171 -1.68 -19.62 51.96
C ASP B 171 -2.85 -18.93 51.32
N ILE B 172 -2.63 -18.34 50.15
CA ILE B 172 -3.69 -17.64 49.45
C ILE B 172 -3.63 -18.00 47.95
N HIS B 173 -4.77 -18.36 47.38
CA HIS B 173 -4.85 -18.75 45.98
C HIS B 173 -5.64 -17.74 45.14
N PHE B 174 -5.04 -17.33 44.02
CA PHE B 174 -5.67 -16.40 43.08
C PHE B 174 -5.98 -17.28 41.87
N SER B 175 -7.24 -17.73 41.79
CA SER B 175 -7.68 -18.60 40.72
C SER B 175 -8.25 -17.77 39.58
N PRO B 176 -7.93 -18.17 38.34
CA PRO B 176 -8.40 -17.43 37.17
C PRO B 176 -9.87 -17.67 36.86
N THR B 177 -10.44 -18.75 37.38
CA THR B 177 -11.82 -19.08 37.12
C THR B 177 -12.48 -19.80 38.29
N LYS B 178 -13.80 -19.96 38.18
CA LYS B 178 -14.56 -20.67 39.18
C LYS B 178 -14.14 -22.14 39.13
N GLN B 179 -13.92 -22.67 37.93
CA GLN B 179 -13.49 -24.08 37.78
C GLN B 179 -12.19 -24.34 38.54
N ALA B 180 -11.27 -23.38 38.48
CA ALA B 180 -9.98 -23.49 39.17
C ALA B 180 -10.20 -23.46 40.68
N LYS B 181 -11.12 -22.63 41.12
CA LYS B 181 -11.42 -22.55 42.54
C LYS B 181 -11.99 -23.88 43.00
N GLU B 182 -12.93 -24.43 42.24
CA GLU B 182 -13.55 -25.69 42.58
C GLU B 182 -12.53 -26.83 42.65
N ASN B 183 -11.55 -26.84 41.76
CA ASN B 183 -10.50 -27.87 41.80
C ASN B 183 -9.77 -27.83 43.13
N LEU B 184 -9.51 -26.62 43.61
CA LEU B 184 -8.84 -26.44 44.88
C LEU B 184 -9.76 -26.90 46.00
N LEU B 185 -11.02 -26.51 45.93
CA LEU B 185 -11.99 -26.91 46.95
C LEU B 185 -12.11 -28.43 47.03
N ALA B 186 -12.10 -29.11 45.88
CA ALA B 186 -12.19 -30.58 45.85
C ALA B 186 -10.97 -31.24 46.50
N GLU B 187 -9.89 -30.45 46.67
CA GLU B 187 -8.68 -30.91 47.34
C GLU B 187 -8.66 -30.52 48.81
N GLY B 188 -9.78 -29.99 49.29
CA GLY B 188 -9.89 -29.60 50.70
C GLY B 188 -9.27 -28.27 51.07
N LYS B 189 -8.93 -27.45 50.08
CA LYS B 189 -8.32 -26.16 50.34
C LYS B 189 -9.36 -25.28 51.02
N ASP B 190 -8.89 -24.39 51.88
CA ASP B 190 -9.76 -23.50 52.64
C ASP B 190 -10.43 -22.47 51.71
N PRO B 191 -11.75 -22.60 51.52
CA PRO B 191 -12.55 -21.72 50.65
C PRO B 191 -12.32 -20.23 50.86
N ALA B 192 -12.03 -19.86 52.10
CA ALA B 192 -11.77 -18.47 52.45
C ALA B 192 -10.38 -17.98 51.96
N THR B 193 -9.56 -18.89 51.44
CA THR B 193 -8.22 -18.51 50.98
C THR B 193 -8.11 -18.48 49.45
N ILE B 194 -9.22 -18.72 48.76
CA ILE B 194 -9.24 -18.78 47.32
C ILE B 194 -10.06 -17.63 46.73
N PHE B 195 -9.45 -16.84 45.86
CA PHE B 195 -10.14 -15.71 45.23
C PHE B 195 -10.19 -15.94 43.73
N VAL B 196 -11.38 -15.84 43.15
CA VAL B 196 -11.52 -15.99 41.69
C VAL B 196 -11.27 -14.57 41.19
N THR B 197 -10.05 -14.32 40.74
CA THR B 197 -9.62 -13.02 40.27
C THR B 197 -9.66 -12.83 38.77
N GLY B 198 -9.70 -13.93 38.02
CA GLY B 198 -9.62 -13.84 36.57
C GLY B 198 -8.12 -14.02 36.30
N ASN B 199 -7.73 -14.15 35.03
CA ASN B 199 -6.32 -14.37 34.72
C ASN B 199 -5.61 -13.08 34.31
N THR B 200 -4.53 -12.75 35.02
CA THR B 200 -3.76 -11.55 34.76
C THR B 200 -3.25 -11.45 33.33
N ALA B 201 -3.20 -12.58 32.62
CA ALA B 201 -2.75 -12.55 31.25
C ALA B 201 -3.59 -11.55 30.47
N ILE B 202 -4.88 -11.49 30.78
CA ILE B 202 -5.79 -10.58 30.08
C ILE B 202 -5.40 -9.14 30.38
N ASP B 203 -4.96 -8.89 31.61
CA ASP B 203 -4.54 -7.57 32.02
C ASP B 203 -3.36 -7.09 31.17
N ALA B 204 -2.39 -7.98 30.94
CA ALA B 204 -1.17 -7.65 30.20
C ALA B 204 -1.45 -7.04 28.85
N LEU B 205 -2.57 -7.45 28.25
CA LEU B 205 -3.00 -6.98 26.95
C LEU B 205 -3.26 -5.47 26.87
N LYS B 206 -3.68 -4.88 27.98
CA LYS B 206 -3.95 -3.43 28.01
C LYS B 206 -2.65 -2.63 27.79
N THR B 207 -1.51 -3.26 28.08
CA THR B 207 -0.20 -2.63 27.91
C THR B 207 0.48 -3.06 26.62
N THR B 208 0.34 -4.34 26.28
CA THR B 208 0.98 -4.90 25.11
C THR B 208 0.24 -4.64 23.80
N VAL B 209 -1.09 -4.57 23.85
CA VAL B 209 -1.87 -4.33 22.64
C VAL B 209 -1.86 -2.83 22.32
N GLN B 210 -1.31 -2.50 21.15
CA GLN B 210 -1.20 -1.11 20.71
C GLN B 210 -2.19 -0.76 19.61
N LYS B 211 -3.03 0.22 19.90
CA LYS B 211 -4.09 0.70 19.00
C LYS B 211 -3.64 0.81 17.55
N ASP B 212 -2.46 1.41 17.37
CA ASP B 212 -1.89 1.66 16.06
C ASP B 212 -0.69 0.76 15.72
N TYR B 213 -0.54 -0.36 16.43
CA TYR B 213 0.60 -1.27 16.20
C TYR B 213 0.86 -1.45 14.71
N HIS B 214 2.13 -1.60 14.37
CA HIS B 214 2.50 -1.77 13.00
C HIS B 214 3.57 -2.84 12.79
N HIS B 215 3.40 -3.62 11.73
CA HIS B 215 4.37 -4.65 11.35
C HIS B 215 4.15 -4.98 9.88
N PRO B 216 5.23 -5.08 9.10
CA PRO B 216 5.10 -5.37 7.66
C PRO B 216 4.17 -6.53 7.33
N ILE B 217 4.27 -7.62 8.06
CA ILE B 217 3.43 -8.79 7.80
C ILE B 217 1.94 -8.50 7.94
N LEU B 218 1.56 -7.79 9.00
CA LEU B 218 0.14 -7.49 9.24
C LEU B 218 -0.45 -6.47 8.23
N GLU B 219 0.31 -5.43 7.93
CA GLU B 219 -0.17 -4.43 6.97
C GLU B 219 -0.29 -4.95 5.53
N ASN B 220 0.47 -5.98 5.18
CA ASN B 220 0.42 -6.58 3.84
C ASN B 220 -0.65 -7.70 3.72
N LEU B 221 -1.43 -7.91 4.78
CA LEU B 221 -2.48 -8.95 4.76
C LEU B 221 -3.59 -8.64 3.77
N GLY B 222 -4.05 -7.38 3.78
CA GLY B 222 -5.12 -6.96 2.90
C GLY B 222 -6.41 -7.57 3.40
N ASP B 223 -6.99 -8.44 2.59
CA ASP B 223 -8.23 -9.13 2.96
C ASP B 223 -7.94 -10.56 3.43
N ASN B 224 -6.69 -11.01 3.28
CA ASN B 224 -6.32 -12.36 3.70
C ASN B 224 -6.54 -12.61 5.22
N ARG B 225 -6.93 -13.83 5.57
CA ARG B 225 -7.12 -14.17 6.97
C ARG B 225 -5.80 -14.68 7.54
N LEU B 226 -5.43 -14.16 8.71
CA LEU B 226 -4.18 -14.55 9.37
C LEU B 226 -4.32 -15.76 10.28
N ILE B 227 -3.46 -16.75 10.04
CA ILE B 227 -3.42 -17.94 10.85
C ILE B 227 -2.12 -17.90 11.61
N LEU B 228 -2.22 -17.85 12.94
CA LEU B 228 -1.02 -17.82 13.77
C LEU B 228 -0.84 -19.21 14.40
N MET B 229 0.39 -19.70 14.45
CA MET B 229 0.65 -21.01 15.03
C MET B 229 1.88 -21.05 15.93
N THR B 230 1.72 -21.64 17.11
CA THR B 230 2.83 -21.80 18.07
C THR B 230 2.71 -23.16 18.76
N ALA B 231 3.74 -23.98 18.61
CA ALA B 231 3.79 -25.30 19.21
C ALA B 231 5.10 -25.45 19.98
N HIS B 232 5.01 -25.67 21.30
CA HIS B 232 6.21 -25.81 22.14
C HIS B 232 6.31 -27.11 22.94
N ARG B 233 5.16 -27.64 23.38
CA ARG B 233 5.12 -28.89 24.18
C ARG B 233 6.01 -29.98 23.55
N ARG B 234 6.86 -30.62 24.36
CA ARG B 234 7.76 -31.67 23.85
C ARG B 234 6.97 -32.82 23.22
N GLU B 235 5.79 -33.12 23.77
CA GLU B 235 4.94 -34.19 23.27
C GLU B 235 4.50 -33.95 21.82
N ASN B 236 4.46 -32.69 21.41
CA ASN B 236 4.07 -32.32 20.05
C ASN B 236 5.25 -32.19 19.07
N LEU B 237 6.35 -31.59 19.52
CA LEU B 237 7.53 -31.42 18.63
C LEU B 237 8.28 -32.74 18.41
N GLY B 238 7.58 -33.71 17.85
CA GLY B 238 8.13 -35.03 17.53
C GLY B 238 7.41 -35.59 16.32
N GLU B 239 6.77 -36.74 16.50
CA GLU B 239 6.04 -37.40 15.42
C GLU B 239 4.86 -36.53 14.91
N PRO B 240 4.16 -35.83 15.82
CA PRO B 240 3.01 -35.00 15.39
C PRO B 240 3.34 -33.76 14.55
N MET B 241 4.59 -33.28 14.57
CA MET B 241 4.93 -32.07 13.80
C MET B 241 4.72 -32.17 12.30
N GLN B 242 5.19 -33.26 11.69
CA GLN B 242 5.05 -33.44 10.26
C GLN B 242 3.59 -33.22 9.87
N GLY B 243 2.68 -33.88 10.59
CA GLY B 243 1.27 -33.76 10.32
C GLY B 243 0.71 -32.37 10.52
N MET B 244 1.15 -31.70 11.59
CA MET B 244 0.67 -30.34 11.86
C MET B 244 1.14 -29.30 10.85
N PHE B 245 2.44 -29.25 10.56
CA PHE B 245 2.93 -28.30 9.57
C PHE B 245 2.30 -28.62 8.21
N GLU B 246 2.27 -29.91 7.89
CA GLU B 246 1.69 -30.36 6.64
C GLU B 246 0.22 -29.94 6.55
N ALA B 247 -0.47 -29.95 7.70
CA ALA B 247 -1.87 -29.55 7.76
C ALA B 247 -2.02 -28.04 7.49
N VAL B 248 -1.20 -27.22 8.14
CA VAL B 248 -1.29 -25.78 7.95
C VAL B 248 -0.86 -25.38 6.53
N ARG B 249 0.02 -26.19 5.93
CA ARG B 249 0.48 -25.98 4.57
C ARG B 249 -0.72 -26.22 3.65
N GLU B 250 -1.38 -27.35 3.85
CA GLU B 250 -2.55 -27.71 3.03
C GLU B 250 -3.68 -26.70 3.19
N ILE B 251 -3.84 -26.17 4.39
CA ILE B 251 -4.86 -25.16 4.63
C ILE B 251 -4.58 -23.93 3.78
N VAL B 252 -3.34 -23.45 3.85
CA VAL B 252 -2.91 -22.26 3.09
C VAL B 252 -3.08 -22.46 1.58
N GLU B 253 -2.83 -23.67 1.13
CA GLU B 253 -2.97 -24.00 -0.29
C GLU B 253 -4.43 -24.20 -0.68
N SER B 254 -5.28 -24.53 0.28
CA SER B 254 -6.69 -24.77 0.01
C SER B 254 -7.51 -23.49 0.02
N ARG B 255 -7.01 -22.49 0.75
CA ARG B 255 -7.70 -21.20 0.85
C ARG B 255 -6.70 -20.12 0.46
N GLU B 256 -6.89 -19.58 -0.74
CA GLU B 256 -6.02 -18.54 -1.28
C GLU B 256 -5.92 -17.33 -0.36
N ASP B 257 -7.05 -16.90 0.19
CA ASP B 257 -7.07 -15.72 1.05
C ASP B 257 -6.66 -15.97 2.52
N THR B 258 -5.55 -16.66 2.72
CA THR B 258 -5.03 -16.91 4.07
C THR B 258 -3.52 -16.80 4.07
N GLU B 259 -2.98 -16.39 5.20
CA GLU B 259 -1.55 -16.29 5.38
C GLU B 259 -1.21 -16.84 6.76
N LEU B 260 -0.17 -17.66 6.82
CA LEU B 260 0.26 -18.28 8.04
C LEU B 260 1.52 -17.62 8.55
N VAL B 261 1.60 -17.48 9.88
CA VAL B 261 2.74 -16.91 10.53
C VAL B 261 3.12 -17.91 11.62
N TYR B 262 4.26 -18.55 11.43
CA TYR B 262 4.77 -19.52 12.38
C TYR B 262 6.10 -19.05 12.92
N PRO B 263 6.10 -18.54 14.16
CA PRO B 263 7.36 -18.13 14.75
C PRO B 263 8.12 -19.40 15.11
N MET B 264 9.07 -19.75 14.25
CA MET B 264 9.89 -20.95 14.41
C MET B 264 10.43 -21.14 15.83
N HIS B 265 10.30 -22.35 16.36
CA HIS B 265 10.81 -22.66 17.69
C HIS B 265 12.32 -22.91 17.54
N LEU B 266 13.07 -22.67 18.61
CA LEU B 266 14.52 -22.84 18.60
C LEU B 266 15.24 -24.15 18.25
N ASN B 267 14.71 -25.28 18.71
CA ASN B 267 15.07 -26.63 18.27
C ASN B 267 15.34 -26.74 16.76
N PRO B 268 16.61 -26.96 16.38
CA PRO B 268 17.04 -27.07 14.99
C PRO B 268 16.25 -28.09 14.16
N ALA B 269 15.89 -29.21 14.77
CA ALA B 269 15.13 -30.26 14.08
C ALA B 269 13.74 -29.80 13.65
N VAL B 270 13.13 -28.92 14.45
CA VAL B 270 11.80 -28.41 14.14
C VAL B 270 11.85 -27.42 12.98
N ARG B 271 12.87 -26.57 12.97
CA ARG B 271 13.01 -25.56 11.91
C ARG B 271 13.18 -26.16 10.53
N GLU B 272 14.10 -27.11 10.38
CA GLU B 272 14.30 -27.76 9.08
C GLU B 272 13.00 -28.41 8.65
N LYS B 273 12.32 -29.05 9.61
CA LYS B 273 11.07 -29.70 9.33
C LYS B 273 10.09 -28.60 8.88
N ALA B 274 10.16 -27.44 9.53
CA ALA B 274 9.33 -26.30 9.18
C ALA B 274 9.69 -25.81 7.77
N MET B 275 10.95 -25.42 7.56
CA MET B 275 11.40 -24.95 6.23
C MET B 275 11.01 -25.94 5.14
N ALA B 276 11.31 -27.21 5.38
CA ALA B 276 11.04 -28.30 4.45
C ALA B 276 9.65 -28.27 3.84
N ILE B 277 8.63 -28.18 4.69
CA ILE B 277 7.25 -28.20 4.21
C ILE B 277 6.50 -26.88 4.30
N LEU B 278 7.04 -25.88 4.99
CA LEU B 278 6.36 -24.58 5.11
C LEU B 278 7.00 -23.45 4.29
N GLY B 279 8.30 -23.58 3.96
CA GLY B 279 9.01 -22.54 3.20
C GLY B 279 8.64 -22.42 1.72
N GLY B 280 9.18 -21.39 1.08
CA GLY B 280 8.93 -21.15 -0.34
C GLY B 280 7.49 -20.84 -0.72
N HIS B 281 6.76 -20.14 0.16
CA HIS B 281 5.37 -19.77 -0.13
C HIS B 281 5.16 -18.34 0.37
N GLU B 282 4.86 -17.41 -0.54
CA GLU B 282 4.67 -15.99 -0.17
C GLU B 282 3.58 -15.71 0.88
N ARG B 283 2.64 -16.66 1.08
CA ARG B 283 1.59 -16.49 2.09
C ARG B 283 1.95 -17.21 3.40
N ILE B 284 3.16 -17.77 3.47
CA ILE B 284 3.64 -18.47 4.67
C ILE B 284 4.87 -17.75 5.21
N HIS B 285 4.70 -17.06 6.35
CA HIS B 285 5.78 -16.30 6.96
C HIS B 285 6.45 -17.08 8.08
N LEU B 286 7.66 -17.58 7.79
CA LEU B 286 8.45 -18.33 8.76
C LEU B 286 9.38 -17.33 9.41
N ILE B 287 9.14 -17.01 10.67
CA ILE B 287 9.94 -16.02 11.38
C ILE B 287 10.43 -16.50 12.75
N GLU B 288 11.30 -15.70 13.37
CA GLU B 288 11.82 -16.01 14.71
C GLU B 288 10.73 -15.76 15.75
N PRO B 289 10.91 -16.29 16.98
CA PRO B 289 9.85 -16.07 17.96
C PRO B 289 9.55 -14.58 18.18
N LEU B 290 8.26 -14.26 18.27
CA LEU B 290 7.83 -12.90 18.51
C LEU B 290 7.95 -12.57 19.97
N ASP B 291 8.22 -11.32 20.29
CA ASP B 291 8.34 -10.92 21.68
C ASP B 291 6.99 -10.35 22.12
N ALA B 292 6.75 -10.38 23.42
CA ALA B 292 5.52 -9.93 24.07
C ALA B 292 4.65 -8.94 23.28
N ILE B 293 5.18 -7.78 22.97
CA ILE B 293 4.42 -6.78 22.23
C ILE B 293 3.93 -7.33 20.90
N ASP B 294 4.87 -7.69 20.02
CA ASP B 294 4.57 -8.23 18.69
C ASP B 294 3.61 -9.39 18.76
N PHE B 295 3.92 -10.36 19.61
CA PHE B 295 3.08 -11.53 19.71
C PHE B 295 1.62 -11.19 19.99
N HIS B 296 1.36 -10.38 21.00
CA HIS B 296 -0.02 -10.00 21.32
C HIS B 296 -0.70 -9.23 20.21
N ASN B 297 0.07 -8.43 19.48
CA ASN B 297 -0.49 -7.65 18.38
C ASN B 297 -0.75 -8.54 17.18
N PHE B 298 0.15 -9.49 16.91
CA PHE B 298 -0.08 -10.46 15.82
C PHE B 298 -1.31 -11.25 16.15
N LEU B 299 -1.42 -11.58 17.43
CA LEU B 299 -2.53 -12.35 17.92
C LEU B 299 -3.86 -11.61 17.74
N ARG B 300 -3.87 -10.31 17.96
CA ARG B 300 -5.11 -9.54 17.82
C ARG B 300 -5.60 -9.47 16.38
N LYS B 301 -4.68 -9.57 15.42
CA LYS B 301 -5.05 -9.51 13.99
C LYS B 301 -5.37 -10.89 13.40
N SER B 302 -5.12 -11.95 14.16
CA SER B 302 -5.33 -13.30 13.66
C SER B 302 -6.79 -13.69 13.51
N TYR B 303 -7.07 -14.41 12.44
CA TYR B 303 -8.41 -14.89 12.17
C TYR B 303 -8.63 -16.13 13.04
N LEU B 304 -7.57 -16.87 13.27
CA LEU B 304 -7.61 -18.06 14.14
C LEU B 304 -6.18 -18.38 14.58
N VAL B 305 -6.06 -18.98 15.75
CA VAL B 305 -4.74 -19.34 16.24
C VAL B 305 -4.68 -20.83 16.61
N PHE B 306 -3.59 -21.47 16.22
CA PHE B 306 -3.30 -22.87 16.53
C PHE B 306 -2.24 -22.81 17.61
N THR B 307 -2.49 -23.41 18.77
CA THR B 307 -1.50 -23.35 19.82
C THR B 307 -1.57 -24.47 20.83
N ASP B 308 -0.44 -24.70 21.49
CA ASP B 308 -0.40 -25.66 22.60
C ASP B 308 0.06 -24.85 23.82
N SER B 309 -0.06 -23.53 23.69
CA SER B 309 0.30 -22.57 24.73
C SER B 309 -0.87 -22.23 25.63
N GLY B 310 -0.68 -22.32 26.94
CA GLY B 310 -1.73 -21.98 27.90
C GLY B 310 -2.11 -20.51 27.85
N GLY B 311 -1.10 -19.63 27.81
CA GLY B 311 -1.34 -18.18 27.76
C GLY B 311 -2.22 -17.72 26.60
N VAL B 312 -1.93 -18.23 25.41
CA VAL B 312 -2.68 -17.89 24.22
C VAL B 312 -4.14 -18.27 24.37
N GLN B 313 -4.40 -19.39 25.04
CA GLN B 313 -5.77 -19.87 25.24
C GLN B 313 -6.53 -18.89 26.10
N GLU B 314 -5.80 -18.18 26.97
CA GLU B 314 -6.42 -17.21 27.86
C GLU B 314 -6.52 -15.81 27.22
N GLU B 315 -5.49 -15.43 26.48
CA GLU B 315 -5.39 -14.12 25.82
C GLU B 315 -6.22 -13.94 24.55
N ALA B 316 -6.08 -14.89 23.62
CA ALA B 316 -6.80 -14.83 22.33
C ALA B 316 -8.28 -14.47 22.46
N PRO B 317 -9.03 -15.24 23.28
CA PRO B 317 -10.46 -14.97 23.45
C PRO B 317 -10.73 -13.55 23.93
N GLY B 318 -9.79 -13.00 24.69
CA GLY B 318 -9.93 -11.63 25.19
C GLY B 318 -9.92 -10.63 24.04
N MET B 319 -9.62 -11.10 22.84
CA MET B 319 -9.59 -10.24 21.65
C MET B 319 -10.43 -10.85 20.54
N GLY B 320 -11.33 -11.76 20.93
CA GLY B 320 -12.22 -12.44 20.00
C GLY B 320 -11.54 -13.28 18.94
N VAL B 321 -10.38 -13.84 19.25
CA VAL B 321 -9.67 -14.69 18.29
C VAL B 321 -9.87 -16.17 18.64
N PRO B 322 -10.57 -16.93 17.76
CA PRO B 322 -10.78 -18.37 17.99
C PRO B 322 -9.45 -19.10 18.13
N VAL B 323 -9.41 -20.08 19.01
CA VAL B 323 -8.20 -20.83 19.26
C VAL B 323 -8.39 -22.33 19.10
N LEU B 324 -7.52 -22.94 18.33
CA LEU B 324 -7.55 -24.37 18.15
C LEU B 324 -6.38 -24.86 18.97
N VAL B 325 -6.69 -25.65 20.00
CA VAL B 325 -5.70 -26.17 20.92
C VAL B 325 -5.13 -27.49 20.46
N LEU B 326 -3.84 -27.49 20.16
CA LEU B 326 -3.11 -28.63 19.66
C LEU B 326 -2.74 -29.58 20.79
N ARG B 327 -3.77 -30.12 21.46
CA ARG B 327 -3.59 -31.05 22.58
C ARG B 327 -4.81 -31.97 22.65
N ASP B 328 -4.62 -33.14 23.25
CA ASP B 328 -5.70 -34.14 23.41
C ASP B 328 -6.40 -33.93 24.75
N THR B 329 -5.68 -33.34 25.70
CA THR B 329 -6.22 -33.02 27.03
C THR B 329 -5.79 -31.61 27.40
N THR B 330 -6.51 -31.02 28.33
CA THR B 330 -6.22 -29.65 28.73
C THR B 330 -6.55 -29.38 30.19
N GLU B 331 -5.92 -28.35 30.77
CA GLU B 331 -6.22 -27.95 32.15
C GLU B 331 -6.97 -26.63 32.08
N ARG B 332 -7.52 -26.32 30.91
CA ARG B 332 -8.31 -25.13 30.67
C ARG B 332 -9.63 -25.53 30.01
N PRO B 333 -10.38 -26.39 30.70
CA PRO B 333 -11.65 -26.84 30.12
C PRO B 333 -12.65 -25.70 29.97
N GLU B 334 -12.51 -24.66 30.79
CA GLU B 334 -13.43 -23.52 30.80
C GLU B 334 -13.63 -22.90 29.42
N GLY B 335 -12.56 -22.79 28.66
CA GLY B 335 -12.60 -22.22 27.31
C GLY B 335 -13.30 -23.12 26.33
N ILE B 336 -13.19 -24.42 26.55
CA ILE B 336 -13.87 -25.37 25.71
C ILE B 336 -15.36 -25.19 25.98
N GLU B 337 -15.75 -25.19 27.26
CA GLU B 337 -17.18 -25.06 27.64
C GLU B 337 -17.82 -23.76 27.13
N ALA B 338 -17.07 -22.66 27.19
CA ALA B 338 -17.55 -21.34 26.74
C ALA B 338 -17.61 -21.21 25.21
N GLY B 339 -16.85 -22.05 24.51
CA GLY B 339 -16.81 -22.01 23.05
C GLY B 339 -15.74 -21.10 22.46
N THR B 340 -14.79 -20.65 23.28
CA THR B 340 -13.70 -19.80 22.80
C THR B 340 -12.50 -20.63 22.31
N LEU B 341 -12.39 -21.85 22.82
CA LEU B 341 -11.31 -22.77 22.49
C LEU B 341 -11.90 -24.09 21.99
N LYS B 342 -11.10 -24.79 21.22
CA LYS B 342 -11.50 -26.06 20.69
C LYS B 342 -10.30 -26.96 20.82
N LEU B 343 -10.49 -28.08 21.52
CA LEU B 343 -9.44 -29.05 21.75
C LEU B 343 -9.46 -29.98 20.55
N ILE B 344 -8.42 -29.93 19.73
CA ILE B 344 -8.41 -30.73 18.51
C ILE B 344 -7.23 -31.68 18.32
N GLY B 345 -6.47 -31.96 19.36
CA GLY B 345 -5.34 -32.87 19.24
C GLY B 345 -4.31 -32.40 18.23
N THR B 346 -3.56 -33.34 17.67
CA THR B 346 -2.51 -33.01 16.71
C THR B 346 -2.65 -33.68 15.34
N ASN B 347 -3.73 -34.41 15.09
CA ASN B 347 -3.93 -35.10 13.81
C ASN B 347 -4.13 -34.21 12.59
N LYS B 348 -3.26 -34.41 11.59
CA LYS B 348 -3.31 -33.64 10.35
C LYS B 348 -4.75 -33.36 9.90
N GLU B 349 -5.49 -34.43 9.58
CA GLU B 349 -6.87 -34.30 9.11
C GLU B 349 -7.76 -33.46 10.04
N ASN B 350 -7.51 -33.51 11.34
CA ASN B 350 -8.33 -32.77 12.30
C ASN B 350 -8.01 -31.27 12.25
N LEU B 351 -6.73 -30.91 12.24
CA LEU B 351 -6.33 -29.50 12.17
C LEU B 351 -6.88 -28.88 10.90
N ILE B 352 -6.86 -29.64 9.82
CA ILE B 352 -7.37 -29.18 8.54
C ILE B 352 -8.89 -28.97 8.59
N LYS B 353 -9.66 -29.96 9.05
CA LYS B 353 -11.11 -29.80 9.06
C LYS B 353 -11.56 -28.69 10.01
N GLU B 354 -10.97 -28.63 11.20
CA GLU B 354 -11.33 -27.61 12.18
C GLU B 354 -10.97 -26.22 11.67
N ALA B 355 -9.76 -26.07 11.12
CA ALA B 355 -9.36 -24.78 10.56
C ALA B 355 -10.26 -24.40 9.39
N LEU B 356 -10.50 -25.35 8.48
CA LEU B 356 -11.35 -25.09 7.33
C LEU B 356 -12.77 -24.70 7.76
N ASP B 357 -13.29 -25.32 8.81
CA ASP B 357 -14.64 -24.99 9.29
C ASP B 357 -14.71 -23.52 9.70
N LEU B 358 -13.72 -23.05 10.45
CA LEU B 358 -13.68 -21.65 10.88
C LEU B 358 -13.49 -20.70 9.71
N LEU B 359 -12.58 -21.04 8.80
CA LEU B 359 -12.30 -20.21 7.63
C LEU B 359 -13.47 -20.12 6.65
N ASP B 360 -14.23 -21.21 6.54
CA ASP B 360 -15.33 -21.31 5.58
C ASP B 360 -16.71 -20.91 6.08
N ASN B 361 -16.92 -20.94 7.38
CA ASN B 361 -18.21 -20.60 7.97
C ASN B 361 -18.09 -19.43 8.94
N LYS B 362 -18.46 -18.24 8.48
CA LYS B 362 -18.41 -17.04 9.29
C LYS B 362 -19.17 -17.25 10.58
N GLU B 363 -20.27 -17.99 10.51
CA GLU B 363 -21.07 -18.27 11.68
C GLU B 363 -20.27 -19.02 12.75
N SER B 364 -19.49 -20.03 12.34
CA SER B 364 -18.66 -20.79 13.29
C SER B 364 -17.60 -19.88 13.91
N HIS B 365 -16.93 -19.12 13.07
CA HIS B 365 -15.89 -18.20 13.54
C HIS B 365 -16.51 -17.16 14.47
N ASP B 366 -17.65 -16.60 14.07
CA ASP B 366 -18.33 -15.62 14.90
C ASP B 366 -18.73 -16.20 16.26
N LYS B 367 -19.19 -17.44 16.26
CA LYS B 367 -19.60 -18.12 17.50
C LYS B 367 -18.42 -18.16 18.46
N MET B 368 -17.28 -18.57 17.97
CA MET B 368 -16.10 -18.61 18.82
C MET B 368 -15.59 -17.20 19.16
N ALA B 369 -15.48 -16.33 18.15
CA ALA B 369 -14.98 -14.96 18.35
C ALA B 369 -15.82 -14.16 19.35
N GLN B 370 -17.14 -14.33 19.29
CA GLN B 370 -18.07 -13.61 20.17
C GLN B 370 -18.27 -14.25 21.54
N ALA B 371 -17.86 -15.51 21.72
CA ALA B 371 -18.03 -16.16 23.02
C ALA B 371 -17.29 -15.36 24.09
N ALA B 372 -17.88 -15.28 25.28
CA ALA B 372 -17.29 -14.51 26.38
C ALA B 372 -16.11 -15.24 27.00
N ASN B 373 -14.96 -14.56 27.04
CA ASN B 373 -13.73 -15.10 27.62
C ASN B 373 -13.98 -15.48 29.08
N PRO B 374 -13.83 -16.76 29.40
CA PRO B 374 -14.07 -17.16 30.78
C PRO B 374 -12.87 -16.94 31.70
N TYR B 375 -11.73 -16.57 31.15
CA TYR B 375 -10.52 -16.39 31.95
C TYR B 375 -10.22 -14.98 32.46
N GLY B 376 -11.16 -14.06 32.34
CA GLY B 376 -10.91 -12.71 32.86
C GLY B 376 -11.43 -11.54 32.06
N ASP B 377 -11.41 -10.38 32.70
CA ASP B 377 -11.87 -9.13 32.09
C ASP B 377 -10.75 -8.09 32.02
N GLY B 378 -9.55 -8.42 32.50
CA GLY B 378 -8.42 -7.49 32.46
C GLY B 378 -8.12 -6.71 33.73
N PHE B 379 -8.87 -6.97 34.79
CA PHE B 379 -8.64 -6.29 36.09
C PHE B 379 -8.39 -7.33 37.17
N ALA B 380 -7.63 -8.36 36.82
CA ALA B 380 -7.30 -9.44 37.75
C ALA B 380 -6.29 -8.98 38.78
N ALA B 381 -5.35 -8.15 38.36
CA ALA B 381 -4.31 -7.62 39.24
C ALA B 381 -4.93 -6.88 40.41
N ASN B 382 -5.89 -6.02 40.12
CA ASN B 382 -6.56 -5.25 41.16
C ASN B 382 -7.28 -6.15 42.16
N ARG B 383 -7.82 -7.27 41.67
CA ARG B 383 -8.52 -8.19 42.56
C ARG B 383 -7.49 -8.89 43.44
N ILE B 384 -6.32 -9.16 42.89
CA ILE B 384 -5.26 -9.81 43.66
C ILE B 384 -4.78 -8.90 44.79
N LEU B 385 -4.53 -7.64 44.47
CA LEU B 385 -4.08 -6.68 45.50
C LEU B 385 -5.14 -6.51 46.57
N ALA B 386 -6.39 -6.44 46.14
CA ALA B 386 -7.51 -6.30 47.06
C ALA B 386 -7.54 -7.47 48.03
N ALA B 387 -7.33 -8.68 47.49
CA ALA B 387 -7.31 -9.90 48.29
C ALA B 387 -6.19 -9.84 49.31
N ILE B 388 -4.99 -9.47 48.86
CA ILE B 388 -3.82 -9.36 49.74
C ILE B 388 -4.12 -8.35 50.85
N LYS B 389 -4.71 -7.23 50.50
CA LYS B 389 -5.09 -6.21 51.45
C LYS B 389 -5.99 -6.77 52.51
N SER B 390 -7.04 -7.45 52.09
CA SER B 390 -8.00 -8.03 53.04
C SER B 390 -7.32 -8.85 54.11
N HIS B 391 -6.31 -9.61 53.74
CA HIS B 391 -5.58 -10.43 54.70
C HIS B 391 -4.76 -9.60 55.70
N PHE B 392 -4.00 -8.63 55.20
CA PHE B 392 -3.13 -7.80 56.05
C PHE B 392 -3.74 -6.58 56.73
N GLU B 393 -4.90 -6.13 56.28
CA GLU B 393 -5.52 -4.93 56.86
C GLU B 393 -6.97 -5.11 57.36
N GLU B 394 -7.46 -6.36 57.32
CA GLU B 394 -8.82 -6.68 57.75
C GLU B 394 -9.85 -5.99 56.85
N THR B 395 -9.47 -5.75 55.58
CA THR B 395 -10.34 -5.08 54.62
C THR B 395 -11.32 -6.08 53.99
N ASP B 396 -12.50 -6.23 54.60
CA ASP B 396 -13.52 -7.17 54.08
C ASP B 396 -13.35 -7.45 52.58
N ARG B 397 -12.56 -8.49 52.31
CA ARG B 397 -12.19 -9.02 50.98
C ARG B 397 -13.02 -8.70 49.74
N PRO B 398 -12.35 -8.65 48.56
CA PRO B 398 -12.99 -8.34 47.29
C PRO B 398 -13.98 -9.40 46.81
N GLU B 399 -14.86 -9.00 45.90
CA GLU B 399 -15.86 -9.89 45.34
C GLU B 399 -15.17 -10.78 44.30
N ASP B 400 -15.56 -12.05 44.23
CA ASP B 400 -14.96 -12.96 43.25
C ASP B 400 -15.38 -12.57 41.83
N PHE B 401 -14.43 -12.63 40.91
CA PHE B 401 -14.68 -12.31 39.51
C PHE B 401 -15.67 -13.26 38.85
N ILE B 402 -16.82 -12.73 38.45
CA ILE B 402 -17.85 -13.51 37.77
C ILE B 402 -17.81 -13.11 36.29
N VAL B 403 -17.53 -14.07 35.43
CA VAL B 403 -17.42 -13.80 33.99
C VAL B 403 -18.79 -13.82 33.31
N MET C 25 22.82 -37.08 -45.45
CA MET C 25 21.68 -37.67 -44.70
C MET C 25 21.39 -36.90 -43.41
N ALA C 26 22.41 -36.72 -42.58
CA ALA C 26 22.28 -36.02 -41.30
C ALA C 26 21.92 -34.55 -41.48
N LYS C 27 20.72 -34.18 -41.05
CA LYS C 27 20.28 -32.81 -41.16
C LYS C 27 20.70 -32.01 -39.93
N ILE C 28 20.87 -30.70 -40.14
CA ILE C 28 21.24 -29.79 -39.08
C ILE C 28 19.93 -29.36 -38.41
N LYS C 29 19.73 -29.77 -37.16
CA LYS C 29 18.51 -29.41 -36.43
C LYS C 29 18.73 -28.07 -35.78
N VAL C 30 17.94 -27.09 -36.20
CA VAL C 30 18.07 -25.76 -35.69
C VAL C 30 16.85 -25.34 -34.91
N MET C 31 17.08 -24.95 -33.66
CA MET C 31 16.02 -24.48 -32.78
C MET C 31 16.13 -22.96 -32.70
N SER C 32 15.07 -22.28 -33.11
CA SER C 32 15.01 -20.83 -33.08
C SER C 32 14.09 -20.44 -31.93
N ILE C 33 14.59 -19.58 -31.06
CA ILE C 33 13.86 -19.15 -29.90
C ILE C 33 13.66 -17.66 -29.92
N PHE C 34 12.43 -17.22 -29.73
CA PHE C 34 12.13 -15.80 -29.67
C PHE C 34 10.81 -15.61 -28.92
N GLY C 35 10.60 -14.43 -28.34
CA GLY C 35 9.38 -14.22 -27.57
C GLY C 35 8.72 -12.86 -27.55
N THR C 36 9.12 -11.96 -28.43
CA THR C 36 8.51 -10.64 -28.50
C THR C 36 8.20 -10.34 -29.96
N ARG C 37 7.33 -9.38 -30.21
CA ARG C 37 7.01 -9.03 -31.60
C ARG C 37 8.27 -8.58 -32.35
N PRO C 38 9.04 -7.59 -31.83
CA PRO C 38 10.25 -7.13 -32.50
C PRO C 38 11.22 -8.26 -32.84
N GLU C 39 11.33 -9.24 -31.94
CA GLU C 39 12.18 -10.41 -32.19
C GLU C 39 11.63 -11.32 -33.27
N ALA C 40 10.32 -11.50 -33.27
CA ALA C 40 9.62 -12.35 -34.25
C ALA C 40 9.85 -11.80 -35.65
N ILE C 41 9.75 -10.49 -35.79
CA ILE C 41 9.97 -9.86 -37.08
C ILE C 41 11.40 -10.16 -37.58
N LYS C 42 12.39 -10.05 -36.69
CA LYS C 42 13.78 -10.30 -37.11
C LYS C 42 14.11 -11.78 -37.28
N MET C 43 13.48 -12.65 -36.49
CA MET C 43 13.74 -14.09 -36.58
C MET C 43 12.88 -14.79 -37.62
N ALA C 44 11.70 -14.24 -37.94
CA ALA C 44 10.79 -14.88 -38.90
C ALA C 44 11.43 -15.21 -40.24
N PRO C 45 12.12 -14.25 -40.87
CA PRO C 45 12.73 -14.55 -42.15
C PRO C 45 13.83 -15.61 -42.01
N LEU C 46 14.42 -15.71 -40.83
CA LEU C 46 15.45 -16.70 -40.59
C LEU C 46 14.79 -18.07 -40.55
N VAL C 47 13.66 -18.14 -39.87
CA VAL C 47 12.90 -19.37 -39.75
C VAL C 47 12.38 -19.78 -41.11
N LEU C 48 11.86 -18.83 -41.88
CA LEU C 48 11.39 -19.12 -43.23
C LEU C 48 12.53 -19.66 -44.07
N ALA C 49 13.69 -19.01 -44.03
CA ALA C 49 14.84 -19.44 -44.82
C ALA C 49 15.20 -20.91 -44.47
N LEU C 50 15.17 -21.23 -43.17
CA LEU C 50 15.46 -22.59 -42.70
C LEU C 50 14.45 -23.62 -43.20
N GLU C 51 13.16 -23.31 -43.09
CA GLU C 51 12.11 -24.21 -43.53
C GLU C 51 12.12 -24.44 -45.05
N LYS C 52 12.69 -23.49 -45.79
CA LYS C 52 12.74 -23.58 -47.23
C LYS C 52 13.97 -24.29 -47.77
N GLU C 53 14.75 -24.89 -46.88
CA GLU C 53 15.90 -25.68 -47.30
C GLU C 53 15.84 -26.96 -46.44
N PRO C 54 14.73 -27.71 -46.54
CA PRO C 54 14.50 -28.93 -45.76
C PRO C 54 15.52 -30.06 -45.95
N GLU C 55 16.21 -30.08 -47.09
CA GLU C 55 17.21 -31.14 -47.31
C GLU C 55 18.43 -30.92 -46.43
N THR C 56 18.69 -29.67 -46.08
CA THR C 56 19.82 -29.31 -45.25
C THR C 56 19.44 -29.08 -43.78
N PHE C 57 18.26 -28.51 -43.54
CA PHE C 57 17.85 -28.21 -42.17
C PHE C 57 16.49 -28.75 -41.76
N GLU C 58 16.35 -28.88 -40.44
CA GLU C 58 15.10 -29.21 -39.78
C GLU C 58 14.98 -28.03 -38.84
N SER C 59 13.83 -27.37 -38.85
CA SER C 59 13.62 -26.21 -38.00
C SER C 59 12.58 -26.45 -36.92
N THR C 60 12.93 -26.07 -35.70
CA THR C 60 12.00 -26.16 -34.58
C THR C 60 11.92 -24.76 -34.02
N VAL C 61 10.71 -24.27 -33.81
CA VAL C 61 10.51 -22.92 -33.29
C VAL C 61 9.92 -22.95 -31.88
N VAL C 62 10.61 -22.33 -30.93
CA VAL C 62 10.13 -22.28 -29.56
C VAL C 62 9.76 -20.84 -29.24
N ILE C 63 8.56 -20.64 -28.72
CA ILE C 63 8.08 -19.31 -28.37
C ILE C 63 8.09 -19.17 -26.87
N THR C 64 8.60 -18.05 -26.40
CA THR C 64 8.66 -17.78 -24.98
C THR C 64 8.15 -16.37 -24.77
N ALA C 65 6.86 -16.16 -24.99
CA ALA C 65 6.29 -14.81 -24.88
C ALA C 65 5.28 -14.64 -23.76
N GLN C 66 5.32 -13.47 -23.12
CA GLN C 66 4.36 -13.14 -22.06
C GLN C 66 3.08 -12.68 -22.74
N HIS C 67 3.25 -11.94 -23.84
CA HIS C 67 2.14 -11.45 -24.64
C HIS C 67 2.25 -12.18 -25.97
N ARG C 68 1.64 -13.36 -26.01
CA ARG C 68 1.67 -14.25 -27.17
C ARG C 68 0.86 -13.71 -28.35
N GLU C 69 -0.14 -12.86 -28.07
CA GLU C 69 -0.99 -12.28 -29.12
C GLU C 69 -0.22 -11.42 -30.11
N MET C 70 0.78 -10.69 -29.62
CA MET C 70 1.56 -9.79 -30.49
C MET C 70 2.34 -10.51 -31.59
N LEU C 71 2.61 -11.80 -31.39
CA LEU C 71 3.34 -12.59 -32.37
C LEU C 71 2.41 -13.18 -33.42
N ASP C 72 1.14 -13.31 -33.06
CA ASP C 72 0.12 -13.92 -33.92
C ASP C 72 0.24 -13.55 -35.41
N GLN C 73 0.02 -12.28 -35.75
CA GLN C 73 0.08 -11.84 -37.15
C GLN C 73 1.43 -12.07 -37.80
N VAL C 74 2.51 -11.85 -37.05
CA VAL C 74 3.84 -12.05 -37.60
C VAL C 74 4.03 -13.50 -38.04
N LEU C 75 3.70 -14.44 -37.18
CA LEU C 75 3.85 -15.87 -37.49
C LEU C 75 2.98 -16.29 -38.68
N GLU C 76 1.79 -15.71 -38.78
CA GLU C 76 0.89 -16.04 -39.87
C GLU C 76 1.42 -15.53 -41.21
N ILE C 77 1.94 -14.31 -41.22
CA ILE C 77 2.47 -13.71 -42.45
C ILE C 77 3.69 -14.45 -43.00
N PHE C 78 4.46 -15.07 -42.12
CA PHE C 78 5.64 -15.81 -42.55
C PHE C 78 5.39 -17.32 -42.65
N ASP C 79 4.14 -17.73 -42.42
CA ASP C 79 3.76 -19.16 -42.44
C ASP C 79 4.61 -19.99 -41.50
N ILE C 80 4.72 -19.51 -40.27
CA ILE C 80 5.49 -20.20 -39.24
C ILE C 80 4.54 -20.68 -38.14
N LYS C 81 4.56 -21.97 -37.88
CA LYS C 81 3.74 -22.53 -36.82
C LYS C 81 4.74 -22.99 -35.76
N PRO C 82 4.75 -22.33 -34.59
CA PRO C 82 5.70 -22.73 -33.58
C PRO C 82 5.46 -24.17 -33.10
N ASP C 83 6.54 -24.89 -32.87
CA ASP C 83 6.42 -26.27 -32.42
C ASP C 83 6.18 -26.30 -30.91
N ILE C 84 6.89 -25.44 -30.16
CA ILE C 84 6.75 -25.38 -28.69
C ILE C 84 6.50 -23.95 -28.24
N ASP C 85 5.53 -23.76 -27.35
CA ASP C 85 5.22 -22.44 -26.80
C ASP C 85 5.33 -22.53 -25.28
N LEU C 86 6.00 -21.58 -24.66
CA LEU C 86 6.17 -21.57 -23.20
C LEU C 86 5.43 -20.40 -22.54
N ASP C 87 4.82 -20.69 -21.39
CA ASP C 87 4.10 -19.70 -20.60
C ASP C 87 5.13 -18.94 -19.79
N ILE C 88 5.18 -17.62 -19.97
CA ILE C 88 6.16 -16.79 -19.24
C ILE C 88 5.53 -15.65 -18.43
N MET C 89 4.20 -15.56 -18.39
CA MET C 89 3.54 -14.51 -17.61
C MET C 89 2.88 -15.12 -16.38
N GLN C 93 6.35 -9.83 -13.32
CA GLN C 93 7.35 -10.58 -12.58
C GLN C 93 8.75 -9.95 -12.64
N THR C 94 9.64 -10.43 -11.77
CA THR C 94 11.02 -9.93 -11.71
C THR C 94 11.89 -10.53 -12.80
N LEU C 95 12.97 -9.82 -13.14
CA LEU C 95 13.88 -10.29 -14.15
C LEU C 95 14.42 -11.65 -13.73
N ALA C 96 14.66 -11.83 -12.43
CA ALA C 96 15.15 -13.10 -11.90
C ALA C 96 14.15 -14.21 -12.19
N GLU C 97 12.87 -13.92 -11.93
CA GLU C 97 11.82 -14.91 -12.17
C GLU C 97 11.69 -15.26 -13.64
N ILE C 98 11.68 -14.25 -14.51
CA ILE C 98 11.57 -14.45 -15.94
C ILE C 98 12.76 -15.29 -16.46
N THR C 99 13.96 -14.94 -16.00
CA THR C 99 15.15 -15.66 -16.41
C THR C 99 15.09 -17.10 -15.97
N SER C 100 14.68 -17.31 -14.72
CA SER C 100 14.58 -18.66 -14.19
C SER C 100 13.56 -19.47 -15.00
N ARG C 101 12.38 -18.90 -15.22
CA ARG C 101 11.33 -19.61 -15.97
C ARG C 101 11.75 -19.93 -17.40
N VAL C 102 12.36 -18.97 -18.08
CA VAL C 102 12.80 -19.21 -19.45
C VAL C 102 13.93 -20.23 -19.45
N MET C 103 14.94 -20.05 -18.60
CA MET C 103 16.07 -20.98 -18.52
C MET C 103 15.62 -22.41 -18.24
N ASN C 104 14.84 -22.61 -17.19
CA ASN C 104 14.33 -23.95 -16.85
C ASN C 104 13.49 -24.57 -17.99
N GLY C 105 12.65 -23.75 -18.61
CA GLY C 105 11.77 -24.22 -19.69
C GLY C 105 12.55 -24.59 -20.93
N ILE C 106 13.47 -23.71 -21.35
CA ILE C 106 14.26 -24.00 -22.53
C ILE C 106 15.21 -25.14 -22.29
N ASN C 107 15.70 -25.28 -21.06
CA ASN C 107 16.61 -26.38 -20.72
C ASN C 107 15.85 -27.70 -20.95
N GLU C 108 14.62 -27.77 -20.47
CA GLU C 108 13.77 -28.97 -20.64
C GLU C 108 13.48 -29.22 -22.13
N VAL C 109 13.16 -28.17 -22.89
CA VAL C 109 12.84 -28.32 -24.32
C VAL C 109 14.06 -28.78 -25.16
N ILE C 110 15.23 -28.23 -24.89
CA ILE C 110 16.45 -28.61 -25.61
C ILE C 110 16.78 -30.06 -25.36
N ALA C 111 16.61 -30.49 -24.11
CA ALA C 111 16.87 -31.86 -23.70
C ALA C 111 15.96 -32.80 -24.43
N ALA C 112 14.70 -32.42 -24.52
CA ALA C 112 13.68 -33.24 -25.18
C ALA C 112 13.75 -33.21 -26.71
N GLU C 113 14.18 -32.08 -27.28
CA GLU C 113 14.24 -31.90 -28.75
C GLU C 113 15.59 -32.16 -29.36
N ASN C 114 16.63 -32.01 -28.55
CA ASN C 114 17.98 -32.27 -29.00
C ASN C 114 18.39 -31.60 -30.32
N PRO C 115 18.32 -30.27 -30.41
CA PRO C 115 18.77 -29.64 -31.65
C PRO C 115 20.30 -29.63 -31.71
N ASP C 116 20.85 -29.36 -32.89
CA ASP C 116 22.31 -29.26 -33.07
C ASP C 116 22.75 -27.84 -32.79
N ILE C 117 21.82 -26.90 -32.95
CA ILE C 117 22.14 -25.52 -32.70
C ILE C 117 20.89 -24.75 -32.31
N VAL C 118 21.09 -23.88 -31.32
CA VAL C 118 20.06 -23.04 -30.82
C VAL C 118 20.42 -21.65 -31.23
N LEU C 119 19.44 -20.97 -31.78
CA LEU C 119 19.58 -19.60 -32.23
C LEU C 119 18.72 -18.72 -31.37
N VAL C 120 19.37 -17.74 -30.74
CA VAL C 120 18.68 -16.75 -29.91
C VAL C 120 18.98 -15.41 -30.54
N HIS C 121 18.06 -14.48 -30.32
CA HIS C 121 18.16 -13.17 -30.92
C HIS C 121 18.43 -12.01 -30.00
N GLY C 122 19.39 -11.21 -30.44
CA GLY C 122 19.72 -9.96 -29.81
C GLY C 122 19.91 -9.80 -28.32
N ASP C 123 19.04 -9.00 -27.72
CA ASP C 123 19.23 -8.59 -26.33
C ASP C 123 18.12 -8.73 -25.29
N THR C 124 17.11 -9.55 -25.53
CA THR C 124 16.06 -9.70 -24.51
C THR C 124 16.49 -10.64 -23.41
N THR C 125 15.81 -10.56 -22.28
CA THR C 125 16.09 -11.43 -21.17
C THR C 125 15.84 -12.87 -21.59
N THR C 126 14.78 -13.08 -22.37
CA THR C 126 14.43 -14.40 -22.84
C THR C 126 15.54 -14.99 -23.70
N SER C 127 16.14 -14.20 -24.57
CA SER C 127 17.21 -14.71 -25.42
C SER C 127 18.41 -15.10 -24.54
N PHE C 128 18.74 -14.24 -23.57
CA PHE C 128 19.85 -14.56 -22.65
C PHE C 128 19.56 -15.83 -21.87
N ALA C 129 18.39 -15.92 -21.27
CA ALA C 129 18.05 -17.09 -20.46
C ALA C 129 18.04 -18.34 -21.32
N ALA C 130 17.58 -18.22 -22.57
CA ALA C 130 17.57 -19.38 -23.45
C ALA C 130 19.01 -19.75 -23.80
N GLY C 131 19.86 -18.75 -23.99
CA GLY C 131 21.26 -19.00 -24.29
C GLY C 131 21.90 -19.76 -23.12
N LEU C 132 21.67 -19.28 -21.91
CA LEU C 132 22.24 -19.94 -20.74
C LEU C 132 21.80 -21.40 -20.71
N ALA C 133 20.53 -21.62 -21.02
CA ALA C 133 19.96 -22.97 -21.04
C ALA C 133 20.66 -23.79 -22.10
N THR C 134 20.99 -23.17 -23.23
CA THR C 134 21.71 -23.85 -24.28
C THR C 134 23.12 -24.23 -23.81
N PHE C 135 23.79 -23.32 -23.14
CA PHE C 135 25.12 -23.62 -22.63
C PHE C 135 25.07 -24.74 -21.61
N TYR C 136 24.03 -24.77 -20.79
CA TYR C 136 23.95 -25.83 -19.78
C TYR C 136 23.78 -27.23 -20.37
N GLN C 137 23.35 -27.28 -21.64
CA GLN C 137 23.16 -28.54 -22.33
C GLN C 137 24.32 -28.76 -23.26
N GLN C 138 25.36 -27.93 -23.15
CA GLN C 138 26.51 -28.02 -24.04
C GLN C 138 26.08 -28.12 -25.52
N LYS C 139 25.10 -27.29 -25.89
CA LYS C 139 24.64 -27.25 -27.28
C LYS C 139 25.17 -26.00 -27.92
N MET C 140 25.37 -26.07 -29.22
CA MET C 140 25.90 -24.93 -29.93
C MET C 140 24.88 -23.79 -29.90
N LEU C 141 25.36 -22.61 -29.51
CA LEU C 141 24.53 -21.43 -29.43
C LEU C 141 24.92 -20.45 -30.53
N GLY C 142 23.91 -20.00 -31.27
CA GLY C 142 24.08 -19.03 -32.36
C GLY C 142 23.40 -17.75 -31.96
N HIS C 143 24.10 -16.63 -32.07
CA HIS C 143 23.54 -15.36 -31.68
C HIS C 143 23.20 -14.45 -32.87
N VAL C 144 21.91 -14.36 -33.16
CA VAL C 144 21.42 -13.53 -34.25
C VAL C 144 21.36 -12.10 -33.77
N GLU C 145 21.99 -11.19 -34.52
CA GLU C 145 22.12 -9.77 -34.20
C GLU C 145 23.06 -9.67 -32.99
N ALA C 146 24.33 -9.97 -33.26
CA ALA C 146 25.37 -10.01 -32.26
C ALA C 146 26.34 -8.84 -32.33
N GLY C 147 26.79 -8.41 -31.16
CA GLY C 147 27.79 -7.36 -31.10
C GLY C 147 27.39 -5.94 -30.83
N LEU C 148 26.10 -5.65 -30.71
CA LEU C 148 25.69 -4.28 -30.44
C LEU C 148 26.08 -3.90 -29.01
N ARG C 149 26.58 -2.68 -28.84
CA ARG C 149 27.02 -2.21 -27.55
C ARG C 149 26.89 -0.71 -27.30
N THR C 150 26.52 -0.36 -26.08
CA THR C 150 26.55 1.02 -25.64
C THR C 150 27.73 1.05 -24.67
N TRP C 151 28.21 -0.15 -24.31
CA TRP C 151 29.29 -0.30 -23.34
C TRP C 151 28.86 0.23 -21.95
N ASN C 152 27.56 0.40 -21.74
CA ASN C 152 27.01 0.89 -20.46
C ASN C 152 25.99 -0.13 -19.94
N LYS C 153 26.41 -0.95 -18.98
CA LYS C 153 25.58 -2.00 -18.39
C LYS C 153 24.22 -1.53 -17.86
N TYR C 154 24.02 -0.23 -17.72
CA TYR C 154 22.73 0.28 -17.24
C TYR C 154 22.00 1.14 -18.28
N SER C 155 22.45 1.09 -19.53
CA SER C 155 21.79 1.84 -20.59
C SER C 155 22.15 1.25 -21.94
N PRO C 156 21.25 0.44 -22.50
CA PRO C 156 19.97 0.05 -21.96
C PRO C 156 20.04 -1.08 -20.91
N PHE C 157 19.15 -1.02 -19.92
CA PHE C 157 19.08 -2.01 -18.88
C PHE C 157 17.79 -2.80 -19.03
N PRO C 158 17.87 -4.14 -19.08
CA PRO C 158 19.05 -4.99 -19.01
C PRO C 158 19.58 -5.47 -20.36
N GLU C 159 19.15 -4.85 -21.46
CA GLU C 159 19.54 -5.28 -22.80
C GLU C 159 21.04 -5.28 -23.09
N GLU C 160 21.75 -4.28 -22.59
CA GLU C 160 23.20 -4.23 -22.83
C GLU C 160 23.87 -5.46 -22.19
N MET C 161 23.54 -5.71 -20.92
CA MET C 161 24.13 -6.86 -20.22
C MET C 161 23.70 -8.16 -20.90
N ASN C 162 22.44 -8.25 -21.32
CA ASN C 162 21.99 -9.45 -22.00
C ASN C 162 22.84 -9.81 -23.21
N ARG C 163 23.07 -8.86 -24.09
CA ARG C 163 23.85 -9.15 -25.30
C ARG C 163 25.33 -9.39 -25.02
N GLN C 164 25.85 -8.85 -23.92
CA GLN C 164 27.23 -9.14 -23.57
C GLN C 164 27.31 -10.55 -22.99
N LEU C 165 26.31 -10.92 -22.19
CA LEU C 165 26.28 -12.26 -21.59
C LEU C 165 26.09 -13.29 -22.66
N THR C 166 25.11 -13.06 -23.53
CA THR C 166 24.85 -13.95 -24.63
C THR C 166 26.07 -14.01 -25.56
N GLY C 167 26.80 -12.91 -25.65
CA GLY C 167 27.99 -12.83 -26.47
C GLY C 167 29.12 -13.75 -25.97
N VAL C 168 29.24 -13.89 -24.65
CA VAL C 168 30.23 -14.77 -24.06
C VAL C 168 29.86 -16.24 -24.23
N MET C 169 28.57 -16.54 -24.16
CA MET C 169 28.10 -17.91 -24.29
C MET C 169 28.03 -18.41 -25.73
N ALA C 170 27.79 -17.52 -26.67
CA ALA C 170 27.63 -17.92 -28.06
C ALA C 170 28.87 -18.55 -28.70
N ASP C 171 28.61 -19.48 -29.60
CA ASP C 171 29.65 -20.19 -30.33
C ASP C 171 29.82 -19.55 -31.69
N ILE C 172 28.75 -18.97 -32.19
CA ILE C 172 28.77 -18.35 -33.49
C ILE C 172 27.95 -17.05 -33.41
N HIS C 173 28.50 -15.99 -33.99
CA HIS C 173 27.88 -14.66 -33.95
C HIS C 173 27.49 -14.17 -35.33
N PHE C 174 26.26 -13.72 -35.45
CA PHE C 174 25.75 -13.17 -36.70
C PHE C 174 25.59 -11.69 -36.41
N SER C 175 26.59 -10.93 -36.82
CA SER C 175 26.62 -9.49 -36.60
C SER C 175 26.01 -8.74 -37.78
N PRO C 176 25.21 -7.71 -37.48
CA PRO C 176 24.59 -6.95 -38.54
C PRO C 176 25.58 -6.13 -39.37
N THR C 177 26.60 -5.59 -38.71
CA THR C 177 27.57 -4.75 -39.38
C THR C 177 28.99 -5.11 -39.06
N LYS C 178 29.92 -4.41 -39.70
CA LYS C 178 31.32 -4.62 -39.43
C LYS C 178 31.64 -4.11 -38.03
N GLN C 179 30.99 -3.01 -37.63
CA GLN C 179 31.27 -2.42 -36.33
C GLN C 179 30.87 -3.36 -35.20
N ALA C 180 29.77 -4.08 -35.39
CA ALA C 180 29.29 -5.06 -34.44
C ALA C 180 30.35 -6.15 -34.31
N LYS C 181 30.89 -6.60 -35.44
CA LYS C 181 31.95 -7.60 -35.39
C LYS C 181 33.15 -7.03 -34.60
N GLU C 182 33.53 -5.80 -34.93
CA GLU C 182 34.65 -5.15 -34.26
C GLU C 182 34.43 -5.05 -32.75
N ASN C 183 33.19 -4.84 -32.33
CA ASN C 183 32.89 -4.79 -30.91
C ASN C 183 33.22 -6.14 -30.27
N LEU C 184 32.88 -7.22 -30.96
CA LEU C 184 33.14 -8.57 -30.47
C LEU C 184 34.65 -8.85 -30.48
N LEU C 185 35.34 -8.43 -31.55
CA LEU C 185 36.78 -8.62 -31.63
C LEU C 185 37.49 -7.92 -30.47
N ALA C 186 37.05 -6.71 -30.14
CA ALA C 186 37.61 -5.93 -29.02
C ALA C 186 37.43 -6.63 -27.67
N GLU C 187 36.47 -7.56 -27.62
CA GLU C 187 36.20 -8.37 -26.44
C GLU C 187 36.96 -9.71 -26.52
N GLY C 188 37.77 -9.87 -27.55
CA GLY C 188 38.57 -11.09 -27.71
C GLY C 188 37.87 -12.30 -28.30
N LYS C 189 36.69 -12.09 -28.87
CA LYS C 189 35.92 -13.19 -29.45
C LYS C 189 36.70 -13.78 -30.64
N ASP C 190 36.45 -15.05 -30.92
CA ASP C 190 37.13 -15.76 -31.98
C ASP C 190 36.69 -15.25 -33.37
N PRO C 191 37.63 -14.66 -34.13
CA PRO C 191 37.36 -14.10 -35.46
C PRO C 191 36.64 -15.01 -36.44
N ALA C 192 37.01 -16.28 -36.46
CA ALA C 192 36.40 -17.27 -37.35
C ALA C 192 34.96 -17.60 -36.97
N THR C 193 34.52 -17.16 -35.80
CA THR C 193 33.18 -17.47 -35.35
C THR C 193 32.20 -16.31 -35.53
N ILE C 194 32.66 -15.20 -36.10
CA ILE C 194 31.80 -14.04 -36.26
C ILE C 194 31.57 -13.73 -37.75
N PHE C 195 30.30 -13.60 -38.10
CA PHE C 195 29.90 -13.34 -39.47
C PHE C 195 29.11 -12.04 -39.57
N VAL C 196 29.49 -11.19 -40.53
CA VAL C 196 28.75 -9.96 -40.76
C VAL C 196 27.72 -10.39 -41.79
N THR C 197 26.49 -10.54 -41.33
CA THR C 197 25.40 -11.00 -42.17
C THR C 197 24.44 -9.92 -42.64
N GLY C 198 24.38 -8.82 -41.91
CA GLY C 198 23.41 -7.78 -42.21
C GLY C 198 22.32 -8.05 -41.19
N ASN C 199 21.35 -7.15 -41.07
CA ASN C 199 20.30 -7.36 -40.09
C ASN C 199 19.07 -7.94 -40.77
N THR C 200 18.62 -9.08 -40.25
CA THR C 200 17.46 -9.77 -40.80
C THR C 200 16.20 -8.91 -40.80
N ALA C 201 16.19 -7.84 -40.01
CA ALA C 201 15.02 -6.95 -39.97
C ALA C 201 14.71 -6.49 -41.38
N ILE C 202 15.76 -6.20 -42.14
CA ILE C 202 15.63 -5.73 -43.51
C ILE C 202 15.01 -6.82 -44.37
N ASP C 203 15.40 -8.08 -44.13
CA ASP C 203 14.85 -9.21 -44.86
C ASP C 203 13.33 -9.23 -44.72
N ALA C 204 12.87 -9.02 -43.48
CA ALA C 204 11.45 -9.04 -43.13
C ALA C 204 10.59 -8.13 -44.01
N LEU C 205 11.17 -7.00 -44.41
CA LEU C 205 10.47 -6.03 -45.25
C LEU C 205 9.99 -6.64 -46.58
N LYS C 206 10.75 -7.60 -47.09
CA LYS C 206 10.37 -8.31 -48.32
C LYS C 206 9.05 -9.07 -48.18
N THR C 207 8.66 -9.38 -46.96
CA THR C 207 7.42 -10.10 -46.67
C THR C 207 6.34 -9.16 -46.17
N THR C 208 6.68 -8.38 -45.16
CA THR C 208 5.74 -7.45 -44.53
C THR C 208 5.32 -6.24 -45.35
N VAL C 209 6.18 -5.77 -46.25
CA VAL C 209 5.85 -4.61 -47.07
C VAL C 209 5.13 -5.01 -48.37
N GLN C 210 3.90 -4.54 -48.53
CA GLN C 210 3.08 -4.85 -49.72
C GLN C 210 2.89 -3.68 -50.68
N LYS C 211 3.25 -3.90 -51.94
CA LYS C 211 3.10 -2.88 -52.97
C LYS C 211 1.67 -2.32 -53.03
N ASP C 212 0.69 -3.20 -52.84
CA ASP C 212 -0.72 -2.83 -52.87
C ASP C 212 -1.27 -2.32 -51.55
N TYR C 213 -0.49 -2.41 -50.47
CA TYR C 213 -0.95 -2.00 -49.14
C TYR C 213 -1.88 -0.83 -49.15
N HIS C 214 -2.89 -0.90 -48.30
CA HIS C 214 -3.88 0.14 -48.22
C HIS C 214 -4.33 0.42 -46.80
N HIS C 215 -4.47 1.70 -46.47
CA HIS C 215 -4.96 2.12 -45.16
C HIS C 215 -5.52 3.52 -45.32
N PRO C 216 -6.71 3.78 -44.75
CA PRO C 216 -7.37 5.09 -44.86
C PRO C 216 -6.50 6.29 -44.53
N ILE C 217 -5.59 6.13 -43.57
CA ILE C 217 -4.72 7.21 -43.18
C ILE C 217 -3.73 7.54 -44.29
N LEU C 218 -3.09 6.52 -44.84
CA LEU C 218 -2.11 6.73 -45.90
C LEU C 218 -2.73 7.23 -47.22
N GLU C 219 -3.97 6.85 -47.49
CA GLU C 219 -4.66 7.25 -48.70
C GLU C 219 -5.25 8.68 -48.65
N ASN C 220 -5.65 9.14 -47.47
CA ASN C 220 -6.23 10.48 -47.35
C ASN C 220 -5.11 11.50 -47.16
N LEU C 221 -3.89 10.98 -47.03
CA LEU C 221 -2.68 11.78 -46.84
C LEU C 221 -2.50 12.84 -47.93
N GLY C 222 -2.59 12.44 -49.19
CA GLY C 222 -2.44 13.36 -50.32
C GLY C 222 -1.01 13.85 -50.48
N ASP C 223 -0.81 15.16 -50.47
CA ASP C 223 0.52 15.75 -50.62
C ASP C 223 1.19 15.98 -49.26
N ASN C 224 0.44 15.75 -48.18
CA ASN C 224 0.96 15.93 -46.83
C ASN C 224 2.06 14.93 -46.47
N ARG C 225 3.11 15.41 -45.83
CA ARG C 225 4.21 14.54 -45.42
C ARG C 225 3.81 13.81 -44.14
N LEU C 226 4.09 12.51 -44.08
CA LEU C 226 3.76 11.68 -42.92
C LEU C 226 4.89 11.61 -41.91
N ILE C 227 4.56 11.91 -40.66
CA ILE C 227 5.49 11.83 -39.56
C ILE C 227 4.99 10.71 -38.65
N LEU C 228 5.82 9.71 -38.45
CA LEU C 228 5.46 8.58 -37.64
C LEU C 228 6.32 8.62 -36.36
N MET C 229 5.70 8.39 -35.21
CA MET C 229 6.40 8.43 -33.94
C MET C 229 6.13 7.20 -33.08
N THR C 230 7.20 6.64 -32.53
CA THR C 230 7.12 5.48 -31.62
C THR C 230 8.08 5.74 -30.47
N ALA C 231 7.61 5.60 -29.25
CA ALA C 231 8.44 5.82 -28.07
C ALA C 231 8.09 4.78 -27.03
N HIS C 232 9.02 3.87 -26.76
CA HIS C 232 8.80 2.78 -25.80
C HIS C 232 9.78 2.71 -24.61
N ARG C 233 11.04 3.03 -24.85
CA ARG C 233 12.09 3.00 -23.82
C ARG C 233 11.69 3.53 -22.44
N ARG C 234 12.23 2.91 -21.39
CA ARG C 234 11.98 3.30 -20.01
C ARG C 234 12.34 4.77 -19.82
N GLU C 235 13.57 5.08 -20.21
CA GLU C 235 14.15 6.41 -20.09
C GLU C 235 13.24 7.51 -20.69
N ASN C 236 12.61 7.21 -21.82
CA ASN C 236 11.77 8.19 -22.51
C ASN C 236 10.33 8.34 -21.99
N LEU C 237 9.79 7.27 -21.39
CA LEU C 237 8.44 7.34 -20.82
C LEU C 237 8.55 7.92 -19.42
N GLY C 238 8.51 9.25 -19.34
CA GLY C 238 8.62 9.96 -18.07
C GLY C 238 8.57 11.46 -18.27
N GLU C 239 9.59 12.16 -17.77
CA GLU C 239 9.66 13.62 -17.88
C GLU C 239 9.81 14.06 -19.35
N PRO C 240 10.55 13.26 -20.16
CA PRO C 240 10.72 13.64 -21.56
C PRO C 240 9.47 13.55 -22.45
N MET C 241 8.50 12.70 -22.09
CA MET C 241 7.29 12.56 -22.92
C MET C 241 6.51 13.83 -23.20
N GLN C 242 6.15 14.56 -22.16
CA GLN C 242 5.39 15.80 -22.35
C GLN C 242 6.08 16.67 -23.39
N GLY C 243 7.40 16.80 -23.29
CA GLY C 243 8.18 17.60 -24.23
C GLY C 243 8.21 17.08 -25.65
N MET C 244 8.14 15.76 -25.81
CA MET C 244 8.16 15.17 -27.15
C MET C 244 6.82 15.30 -27.86
N PHE C 245 5.72 15.04 -27.15
CA PHE C 245 4.40 15.19 -27.78
C PHE C 245 4.21 16.63 -28.18
N GLU C 246 4.47 17.52 -27.22
CA GLU C 246 4.37 18.95 -27.44
C GLU C 246 5.21 19.33 -28.65
N ALA C 247 6.40 18.74 -28.74
CA ALA C 247 7.31 19.00 -29.85
C ALA C 247 6.66 18.69 -31.18
N VAL C 248 6.14 17.46 -31.31
CA VAL C 248 5.52 17.07 -32.56
C VAL C 248 4.22 17.82 -32.83
N ARG C 249 3.45 18.17 -31.80
CA ARG C 249 2.23 18.93 -32.07
C ARG C 249 2.56 20.31 -32.64
N GLU C 250 3.64 20.91 -32.14
CA GLU C 250 4.07 22.21 -32.64
C GLU C 250 4.53 22.09 -34.08
N ILE C 251 5.11 20.95 -34.42
CA ILE C 251 5.57 20.72 -35.79
C ILE C 251 4.36 20.66 -36.70
N VAL C 252 3.35 19.89 -36.30
CA VAL C 252 2.12 19.72 -37.07
C VAL C 252 1.43 21.06 -37.31
N GLU C 253 1.44 21.90 -36.28
CA GLU C 253 0.81 23.22 -36.38
C GLU C 253 1.69 24.23 -37.10
N SER C 254 2.97 23.91 -37.26
CA SER C 254 3.91 24.80 -37.93
C SER C 254 3.94 24.54 -39.42
N ARG C 255 3.61 23.30 -39.82
CA ARG C 255 3.61 22.93 -41.23
C ARG C 255 2.28 22.30 -41.58
N GLU C 256 1.49 23.04 -42.35
CA GLU C 256 0.16 22.59 -42.77
C GLU C 256 0.17 21.28 -43.53
N ASP C 257 1.19 21.07 -44.35
CA ASP C 257 1.29 19.87 -45.17
C ASP C 257 1.99 18.71 -44.46
N THR C 258 1.59 18.43 -43.23
CA THR C 258 2.16 17.30 -42.48
C THR C 258 1.07 16.64 -41.65
N GLU C 259 1.23 15.34 -41.42
CA GLU C 259 0.29 14.60 -40.59
C GLU C 259 1.08 13.68 -39.68
N LEU C 260 0.60 13.54 -38.44
CA LEU C 260 1.26 12.73 -37.46
C LEU C 260 0.49 11.51 -37.06
N VAL C 261 1.17 10.36 -37.13
CA VAL C 261 0.63 9.10 -36.71
C VAL C 261 1.49 8.64 -35.55
N TYR C 262 0.83 8.38 -34.44
CA TYR C 262 1.49 7.92 -33.25
C TYR C 262 0.71 6.75 -32.68
N PRO C 263 1.24 5.52 -32.83
CA PRO C 263 0.59 4.36 -32.26
C PRO C 263 0.80 4.37 -30.75
N MET C 264 -0.17 4.92 -30.05
CA MET C 264 -0.13 5.02 -28.58
C MET C 264 0.34 3.75 -27.89
N HIS C 265 1.27 3.91 -26.95
CA HIS C 265 1.79 2.79 -26.18
C HIS C 265 0.75 2.42 -25.14
N LEU C 266 0.80 1.17 -24.67
CA LEU C 266 -0.15 0.67 -23.68
C LEU C 266 -0.23 1.57 -22.43
N ASN C 267 0.83 1.58 -21.62
CA ASN C 267 0.87 2.38 -20.38
C ASN C 267 -0.13 3.55 -20.36
N PRO C 268 -1.19 3.44 -19.53
CA PRO C 268 -2.26 4.43 -19.39
C PRO C 268 -1.80 5.88 -19.19
N ALA C 269 -0.74 6.07 -18.41
CA ALA C 269 -0.21 7.42 -18.16
C ALA C 269 0.27 8.10 -19.44
N VAL C 270 0.84 7.30 -20.35
CA VAL C 270 1.34 7.81 -21.62
C VAL C 270 0.22 8.37 -22.49
N ARG C 271 -0.85 7.59 -22.65
CA ARG C 271 -1.99 8.03 -23.47
C ARG C 271 -2.62 9.32 -22.97
N GLU C 272 -2.77 9.47 -21.65
CA GLU C 272 -3.38 10.68 -21.12
C GLU C 272 -2.63 11.90 -21.65
N LYS C 273 -1.30 11.82 -21.69
CA LYS C 273 -0.49 12.91 -22.23
C LYS C 273 -0.74 13.05 -23.72
N ALA C 274 -0.87 11.92 -24.40
CA ALA C 274 -1.13 11.92 -25.84
C ALA C 274 -2.39 12.73 -26.15
N MET C 275 -3.55 12.26 -25.70
CA MET C 275 -4.81 12.99 -25.94
C MET C 275 -4.66 14.45 -25.56
N ALA C 276 -4.23 14.69 -24.33
CA ALA C 276 -4.04 16.04 -23.80
C ALA C 276 -3.32 16.95 -24.78
N ILE C 277 -2.13 16.53 -25.20
CA ILE C 277 -1.32 17.32 -26.11
C ILE C 277 -1.63 17.11 -27.59
N LEU C 278 -1.58 15.86 -28.03
CA LEU C 278 -1.79 15.51 -29.44
C LEU C 278 -3.25 15.41 -29.94
N GLY C 279 -4.22 15.36 -29.03
CA GLY C 279 -5.63 15.21 -29.41
C GLY C 279 -6.37 16.43 -29.94
N GLY C 280 -7.43 16.18 -30.70
CA GLY C 280 -8.26 17.25 -31.26
C GLY C 280 -7.68 17.97 -32.47
N HIS C 281 -6.84 17.28 -33.24
CA HIS C 281 -6.25 17.89 -34.43
C HIS C 281 -6.45 16.97 -35.63
N GLU C 282 -7.14 17.47 -36.65
CA GLU C 282 -7.41 16.70 -37.88
C GLU C 282 -6.19 15.98 -38.48
N ARG C 283 -5.02 16.63 -38.44
CA ARG C 283 -3.81 16.04 -39.00
C ARG C 283 -3.02 15.18 -38.02
N ILE C 284 -3.58 14.91 -36.85
CA ILE C 284 -2.91 14.07 -35.86
C ILE C 284 -3.77 12.84 -35.58
N HIS C 285 -3.28 11.68 -36.02
CA HIS C 285 -4.00 10.43 -35.87
C HIS C 285 -3.41 9.65 -34.70
N LEU C 286 -4.15 9.62 -33.60
CA LEU C 286 -3.75 8.91 -32.41
C LEU C 286 -4.40 7.54 -32.54
N ILE C 287 -3.59 6.49 -32.76
CA ILE C 287 -4.14 5.14 -32.95
C ILE C 287 -3.51 4.08 -32.03
N GLU C 288 -3.98 2.84 -32.19
CA GLU C 288 -3.48 1.70 -31.42
C GLU C 288 -2.17 1.19 -32.04
N PRO C 289 -1.36 0.45 -31.27
CA PRO C 289 -0.12 -0.07 -31.83
C PRO C 289 -0.36 -0.83 -33.12
N LEU C 290 0.41 -0.51 -34.16
CA LEU C 290 0.28 -1.16 -35.45
C LEU C 290 1.05 -2.47 -35.42
N ASP C 291 0.50 -3.49 -36.07
CA ASP C 291 1.16 -4.79 -36.09
C ASP C 291 2.09 -4.87 -37.30
N ALA C 292 2.96 -5.87 -37.30
CA ALA C 292 3.98 -6.13 -38.34
C ALA C 292 3.70 -5.54 -39.73
N ILE C 293 2.66 -6.04 -40.41
CA ILE C 293 2.32 -5.54 -41.75
C ILE C 293 2.11 -4.03 -41.78
N ASP C 294 1.05 -3.58 -41.10
CA ASP C 294 0.70 -2.16 -41.03
C ASP C 294 1.91 -1.30 -40.72
N PHE C 295 2.54 -1.57 -39.58
CA PHE C 295 3.67 -0.77 -39.17
C PHE C 295 4.73 -0.57 -40.25
N HIS C 296 5.18 -1.62 -40.92
CA HIS C 296 6.22 -1.44 -41.96
C HIS C 296 5.71 -0.66 -43.17
N ASN C 297 4.45 -0.82 -43.50
CA ASN C 297 3.86 -0.11 -44.63
C ASN C 297 3.69 1.36 -44.29
N PHE C 298 3.25 1.66 -43.08
CA PHE C 298 3.15 3.07 -42.62
C PHE C 298 4.53 3.66 -42.67
N LEU C 299 5.49 2.89 -42.19
CA LEU C 299 6.86 3.34 -42.16
C LEU C 299 7.35 3.64 -43.58
N ARG C 300 7.04 2.76 -44.53
CA ARG C 300 7.44 2.96 -45.92
C ARG C 300 6.93 4.27 -46.53
N LYS C 301 5.77 4.72 -46.07
CA LYS C 301 5.16 5.94 -46.59
C LYS C 301 5.51 7.17 -45.77
N SER C 302 6.25 6.99 -44.69
CA SER C 302 6.59 8.11 -43.82
C SER C 302 7.64 9.03 -44.42
N TYR C 303 7.48 10.33 -44.19
CA TYR C 303 8.44 11.31 -44.66
C TYR C 303 9.63 11.31 -43.68
N LEU C 304 9.34 11.08 -42.41
CA LEU C 304 10.38 10.99 -41.38
C LEU C 304 9.80 10.24 -40.18
N VAL C 305 10.66 9.59 -39.41
CA VAL C 305 10.20 8.88 -38.24
C VAL C 305 10.99 9.29 -36.99
N PHE C 306 10.24 9.50 -35.91
CA PHE C 306 10.79 9.78 -34.61
C PHE C 306 10.65 8.46 -33.88
N THR C 307 11.73 7.93 -33.32
CA THR C 307 11.66 6.66 -32.64
C THR C 307 12.78 6.44 -31.65
N ASP C 308 12.54 5.51 -30.71
CA ASP C 308 13.57 5.07 -29.76
C ASP C 308 13.64 3.54 -29.86
N SER C 309 13.09 3.04 -30.96
CA SER C 309 13.07 1.62 -31.28
C SER C 309 14.31 1.21 -32.07
N GLY C 310 14.94 0.10 -31.69
CA GLY C 310 16.13 -0.39 -32.39
C GLY C 310 15.79 -0.79 -33.82
N GLY C 311 14.74 -1.59 -33.98
CA GLY C 311 14.27 -2.09 -35.28
C GLY C 311 14.00 -1.04 -36.35
N VAL C 312 13.36 0.05 -35.97
CA VAL C 312 13.03 1.10 -36.89
C VAL C 312 14.29 1.73 -37.49
N GLN C 313 15.33 1.88 -36.67
CA GLN C 313 16.58 2.48 -37.12
C GLN C 313 17.24 1.65 -38.20
N GLU C 314 16.92 0.36 -38.22
CA GLU C 314 17.46 -0.58 -39.19
C GLU C 314 16.53 -0.72 -40.40
N GLU C 315 15.23 -0.73 -40.15
CA GLU C 315 14.20 -0.88 -41.18
C GLU C 315 13.97 0.36 -42.05
N ALA C 316 13.69 1.48 -41.42
CA ALA C 316 13.42 2.74 -42.11
C ALA C 316 14.41 3.06 -43.25
N PRO C 317 15.72 3.05 -42.93
CA PRO C 317 16.72 3.36 -43.96
C PRO C 317 16.67 2.43 -45.14
N GLY C 318 16.29 1.17 -44.92
CA GLY C 318 16.18 0.21 -45.99
C GLY C 318 15.02 0.56 -46.91
N MET C 319 14.34 1.66 -46.60
CA MET C 319 13.22 2.14 -47.40
C MET C 319 13.37 3.64 -47.69
N GLY C 320 14.55 4.19 -47.36
CA GLY C 320 14.84 5.59 -47.59
C GLY C 320 14.06 6.55 -46.74
N VAL C 321 13.74 6.15 -45.51
CA VAL C 321 13.00 7.00 -44.59
C VAL C 321 13.92 7.53 -43.49
N PRO C 322 14.15 8.86 -43.45
CA PRO C 322 15.00 9.45 -42.42
C PRO C 322 14.47 9.17 -41.04
N VAL C 323 15.38 8.89 -40.11
CA VAL C 323 15.02 8.57 -38.74
C VAL C 323 15.67 9.48 -37.70
N LEU C 324 14.85 10.02 -36.81
CA LEU C 324 15.35 10.83 -35.72
C LEU C 324 15.22 9.95 -34.49
N VAL C 325 16.37 9.57 -33.92
CA VAL C 325 16.44 8.68 -32.77
C VAL C 325 16.30 9.47 -31.46
N LEU C 326 15.24 9.19 -30.72
CA LEU C 326 14.94 9.87 -29.47
C LEU C 326 15.77 9.30 -28.30
N ARG C 327 17.09 9.44 -28.40
CA ARG C 327 18.02 8.95 -27.39
C ARG C 327 19.28 9.78 -27.38
N ASP C 328 19.92 9.88 -26.21
CA ASP C 328 21.17 10.65 -26.05
C ASP C 328 22.36 9.78 -26.40
N THR C 329 22.17 8.46 -26.25
CA THR C 329 23.19 7.46 -26.59
C THR C 329 22.53 6.34 -27.42
N THR C 330 23.35 5.59 -28.13
CA THR C 330 22.87 4.54 -29.01
C THR C 330 23.89 3.42 -29.17
N GLU C 331 23.40 2.22 -29.50
CA GLU C 331 24.27 1.08 -29.77
C GLU C 331 24.24 0.84 -31.29
N ARG C 332 23.70 1.81 -32.03
CA ARG C 332 23.64 1.76 -33.51
C ARG C 332 24.31 2.98 -34.11
N PRO C 333 25.64 3.09 -33.89
CA PRO C 333 26.38 4.24 -34.41
C PRO C 333 26.56 4.21 -35.92
N GLU C 334 26.45 3.02 -36.51
CA GLU C 334 26.64 2.88 -37.95
C GLU C 334 25.68 3.80 -38.73
N GLY C 335 24.42 3.82 -38.32
CA GLY C 335 23.39 4.65 -38.95
C GLY C 335 23.70 6.14 -38.85
N ILE C 336 24.26 6.55 -37.73
CA ILE C 336 24.65 7.94 -37.54
C ILE C 336 25.76 8.25 -38.53
N GLU C 337 26.78 7.38 -38.57
CA GLU C 337 27.95 7.55 -39.45
C GLU C 337 27.56 7.57 -40.93
N ALA C 338 26.63 6.71 -41.31
CA ALA C 338 26.17 6.63 -42.71
C ALA C 338 25.25 7.79 -43.08
N GLY C 339 24.69 8.46 -42.07
CA GLY C 339 23.77 9.60 -42.32
C GLY C 339 22.31 9.22 -42.50
N THR C 340 21.95 7.99 -42.14
CA THR C 340 20.56 7.52 -42.26
C THR C 340 19.77 7.86 -41.00
N LEU C 341 20.49 8.11 -39.91
CA LEU C 341 19.88 8.42 -38.63
C LEU C 341 20.56 9.62 -38.00
N LYS C 342 19.80 10.30 -37.15
CA LYS C 342 20.32 11.41 -36.38
C LYS C 342 19.89 11.18 -34.92
N LEU C 343 20.86 11.26 -34.03
CA LEU C 343 20.67 11.08 -32.60
C LEU C 343 20.34 12.45 -32.06
N ILE C 344 19.08 12.68 -31.76
CA ILE C 344 18.65 14.00 -31.32
C ILE C 344 18.22 14.10 -29.86
N GLY C 345 18.32 13.00 -29.11
CA GLY C 345 17.92 13.05 -27.71
C GLY C 345 16.43 13.19 -27.55
N THR C 346 16.02 13.83 -26.45
CA THR C 346 14.61 14.00 -26.15
C THR C 346 14.11 15.46 -25.98
N ASN C 347 15.01 16.44 -25.95
CA ASN C 347 14.58 17.83 -25.77
C ASN C 347 13.64 18.34 -26.85
N LYS C 348 12.57 18.98 -26.41
CA LYS C 348 11.54 19.50 -27.30
C LYS C 348 12.09 20.34 -28.47
N GLU C 349 12.86 21.37 -28.16
CA GLU C 349 13.39 22.27 -29.21
C GLU C 349 14.32 21.60 -30.19
N ASN C 350 14.83 20.42 -29.84
CA ASN C 350 15.73 19.69 -30.73
C ASN C 350 14.87 18.85 -31.70
N LEU C 351 13.80 18.24 -31.20
CA LEU C 351 12.92 17.47 -32.07
C LEU C 351 12.33 18.41 -33.10
N ILE C 352 11.96 19.60 -32.62
CA ILE C 352 11.39 20.62 -33.48
C ILE C 352 12.37 21.08 -34.56
N LYS C 353 13.55 21.56 -34.16
CA LYS C 353 14.48 22.06 -35.17
C LYS C 353 14.93 20.94 -36.11
N GLU C 354 15.08 19.72 -35.61
CA GLU C 354 15.54 18.62 -36.44
C GLU C 354 14.51 18.19 -37.47
N ALA C 355 13.27 18.02 -37.03
CA ALA C 355 12.21 17.63 -37.96
C ALA C 355 11.97 18.75 -38.93
N LEU C 356 11.94 19.98 -38.42
CA LEU C 356 11.72 21.13 -39.29
C LEU C 356 12.81 21.26 -40.35
N ASP C 357 14.04 20.85 -40.02
CA ASP C 357 15.13 20.90 -41.02
C ASP C 357 14.83 19.94 -42.17
N LEU C 358 14.37 18.74 -41.83
CA LEU C 358 14.05 17.72 -42.82
C LEU C 358 12.83 18.11 -43.65
N LEU C 359 11.80 18.61 -42.99
CA LEU C 359 10.57 19.03 -43.65
C LEU C 359 10.79 20.28 -44.53
N ASP C 360 11.64 21.18 -44.04
CA ASP C 360 11.88 22.44 -44.74
C ASP C 360 12.98 22.42 -45.79
N ASN C 361 13.88 21.44 -45.73
CA ASN C 361 14.99 21.38 -46.68
C ASN C 361 15.04 20.02 -47.38
N LYS C 362 14.46 19.98 -48.57
CA LYS C 362 14.39 18.76 -49.36
C LYS C 362 15.77 18.14 -49.49
N GLU C 363 16.78 18.98 -49.63
CA GLU C 363 18.14 18.49 -49.76
C GLU C 363 18.59 17.75 -48.49
N SER C 364 18.19 18.24 -47.32
CA SER C 364 18.57 17.58 -46.06
C SER C 364 17.88 16.22 -45.96
N HIS C 365 16.62 16.19 -46.35
CA HIS C 365 15.84 14.96 -46.34
C HIS C 365 16.40 13.98 -47.38
N ASP C 366 16.71 14.47 -48.58
CA ASP C 366 17.24 13.58 -49.62
C ASP C 366 18.61 12.98 -49.23
N LYS C 367 19.45 13.78 -48.59
CA LYS C 367 20.75 13.31 -48.13
C LYS C 367 20.54 12.11 -47.23
N MET C 368 19.63 12.24 -46.28
CA MET C 368 19.34 11.12 -45.38
C MET C 368 18.62 9.98 -46.11
N ALA C 369 17.65 10.32 -46.94
CA ALA C 369 16.91 9.30 -47.68
C ALA C 369 17.80 8.49 -48.62
N GLN C 370 18.76 9.15 -49.27
CA GLN C 370 19.66 8.47 -50.21
C GLN C 370 20.83 7.75 -49.57
N ALA C 371 21.12 8.02 -48.31
CA ALA C 371 22.26 7.36 -47.63
C ALA C 371 22.05 5.85 -47.65
N ALA C 372 23.15 5.11 -47.78
CA ALA C 372 23.11 3.65 -47.84
C ALA C 372 22.92 3.04 -46.46
N ASN C 373 21.91 2.17 -46.34
CA ASN C 373 21.62 1.50 -45.09
C ASN C 373 22.82 0.64 -44.72
N PRO C 374 23.41 0.92 -43.55
CA PRO C 374 24.56 0.12 -43.15
C PRO C 374 24.21 -1.22 -42.50
N TYR C 375 22.93 -1.43 -42.25
CA TYR C 375 22.48 -2.65 -41.56
C TYR C 375 22.09 -3.85 -42.41
N GLY C 376 22.27 -3.78 -43.73
CA GLY C 376 21.94 -4.94 -44.55
C GLY C 376 21.29 -4.64 -45.89
N ASP C 377 21.18 -5.69 -46.70
CA ASP C 377 20.60 -5.62 -48.03
C ASP C 377 19.39 -6.53 -48.16
N GLY C 378 18.88 -7.04 -47.06
CA GLY C 378 17.71 -7.91 -47.09
C GLY C 378 17.99 -9.39 -47.28
N PHE C 379 19.26 -9.79 -47.26
CA PHE C 379 19.58 -11.21 -47.42
C PHE C 379 20.39 -11.75 -46.25
N ALA C 380 20.21 -11.16 -45.08
CA ALA C 380 20.95 -11.60 -43.88
C ALA C 380 20.67 -13.08 -43.55
N ALA C 381 19.40 -13.49 -43.66
CA ALA C 381 18.99 -14.87 -43.35
C ALA C 381 19.80 -15.90 -44.14
N ASN C 382 19.89 -15.73 -45.44
CA ASN C 382 20.64 -16.66 -46.27
C ASN C 382 22.14 -16.67 -45.92
N ARG C 383 22.66 -15.56 -45.41
CA ARG C 383 24.06 -15.53 -45.00
C ARG C 383 24.21 -16.27 -43.71
N ILE C 384 23.15 -16.24 -42.88
CA ILE C 384 23.20 -16.94 -41.59
C ILE C 384 23.15 -18.44 -41.84
N LEU C 385 22.30 -18.87 -42.76
CA LEU C 385 22.21 -20.30 -43.07
C LEU C 385 23.56 -20.78 -43.60
N ALA C 386 24.10 -20.03 -44.56
CA ALA C 386 25.40 -20.36 -45.16
C ALA C 386 26.47 -20.54 -44.09
N ALA C 387 26.52 -19.59 -43.15
CA ALA C 387 27.48 -19.64 -42.03
C ALA C 387 27.25 -20.91 -41.20
N ILE C 388 25.99 -21.18 -40.87
CA ILE C 388 25.69 -22.38 -40.08
C ILE C 388 26.18 -23.62 -40.83
N LYS C 389 25.77 -23.74 -42.09
CA LYS C 389 26.19 -24.87 -42.93
C LYS C 389 27.70 -25.05 -42.96
N SER C 390 28.44 -23.96 -43.09
CA SER C 390 29.91 -24.05 -43.15
C SER C 390 30.47 -24.73 -41.89
N HIS C 391 29.83 -24.51 -40.76
CA HIS C 391 30.27 -25.14 -39.51
C HIS C 391 29.97 -26.64 -39.44
N PHE C 392 28.73 -27.03 -39.76
CA PHE C 392 28.32 -28.44 -39.71
C PHE C 392 28.66 -29.30 -40.92
N GLU C 393 28.87 -28.70 -42.08
CA GLU C 393 29.18 -29.46 -43.30
C GLU C 393 30.48 -29.06 -43.97
N GLU C 394 31.26 -28.19 -43.32
CA GLU C 394 32.52 -27.71 -43.89
C GLU C 394 32.29 -27.13 -45.30
N THR C 395 31.09 -26.61 -45.54
CA THR C 395 30.75 -26.02 -46.82
C THR C 395 31.40 -24.64 -46.85
N ASP C 396 31.38 -23.99 -48.02
CA ASP C 396 31.97 -22.67 -48.16
C ASP C 396 31.28 -21.67 -47.24
N ARG C 397 32.02 -21.13 -46.28
CA ARG C 397 31.45 -20.14 -45.38
C ARG C 397 31.20 -18.89 -46.19
N PRO C 398 30.09 -18.19 -45.91
CA PRO C 398 29.82 -17.00 -46.69
C PRO C 398 30.87 -15.94 -46.44
N GLU C 399 30.72 -14.81 -47.10
CA GLU C 399 31.64 -13.72 -46.90
C GLU C 399 30.87 -12.63 -46.17
N ASP C 400 31.58 -11.87 -45.36
CA ASP C 400 30.97 -10.79 -44.60
C ASP C 400 30.20 -9.84 -45.50
N PHE C 401 29.02 -9.45 -45.05
CA PHE C 401 28.20 -8.51 -45.79
C PHE C 401 28.82 -7.12 -45.71
N ILE C 402 29.30 -6.62 -46.85
CA ILE C 402 29.90 -5.30 -46.94
C ILE C 402 28.91 -4.38 -47.66
N VAL C 403 28.68 -3.20 -47.08
CA VAL C 403 27.74 -2.24 -47.67
C VAL C 403 28.32 -0.82 -47.66
N ALA D 26 -28.42 -9.57 -41.34
CA ALA D 26 -28.19 -8.17 -40.88
C ALA D 26 -28.49 -8.04 -39.40
N LYS D 27 -27.65 -7.28 -38.70
CA LYS D 27 -27.83 -7.06 -37.27
C LYS D 27 -28.33 -5.64 -37.05
N ILE D 28 -29.12 -5.46 -36.01
CA ILE D 28 -29.60 -4.14 -35.64
C ILE D 28 -28.48 -3.56 -34.78
N LYS D 29 -27.75 -2.58 -35.31
CA LYS D 29 -26.65 -1.99 -34.55
C LYS D 29 -27.15 -0.85 -33.67
N VAL D 30 -27.12 -1.09 -32.38
CA VAL D 30 -27.57 -0.15 -31.40
C VAL D 30 -26.39 0.48 -30.67
N MET D 31 -26.30 1.80 -30.77
CA MET D 31 -25.25 2.56 -30.11
C MET D 31 -25.84 3.15 -28.84
N SER D 32 -25.34 2.73 -27.68
CA SER D 32 -25.82 3.27 -26.40
C SER D 32 -24.85 4.30 -25.88
N ILE D 33 -25.40 5.45 -25.54
CA ILE D 33 -24.59 6.55 -25.05
C ILE D 33 -24.87 6.85 -23.59
N PHE D 34 -23.81 7.04 -22.83
CA PHE D 34 -23.97 7.46 -21.43
C PHE D 34 -22.79 8.24 -20.92
N GLY D 35 -23.11 9.32 -20.21
CA GLY D 35 -22.09 10.22 -19.71
C GLY D 35 -21.89 10.29 -18.21
N THR D 36 -22.90 9.92 -17.44
CA THR D 36 -22.76 9.98 -15.99
C THR D 36 -22.88 8.62 -15.35
N ARG D 37 -22.48 8.55 -14.08
CA ARG D 37 -22.54 7.31 -13.34
C ARG D 37 -23.97 6.80 -13.26
N PRO D 38 -24.95 7.67 -12.94
CA PRO D 38 -26.34 7.22 -12.89
C PRO D 38 -26.85 6.74 -14.25
N GLU D 39 -26.50 7.43 -15.34
CA GLU D 39 -26.94 6.96 -16.66
C GLU D 39 -26.39 5.57 -16.92
N ALA D 40 -25.14 5.36 -16.53
CA ALA D 40 -24.47 4.07 -16.71
C ALA D 40 -25.28 2.97 -16.03
N ILE D 41 -25.69 3.24 -14.81
CA ILE D 41 -26.49 2.33 -14.03
C ILE D 41 -27.82 2.06 -14.70
N LYS D 42 -28.44 3.10 -15.26
CA LYS D 42 -29.73 2.93 -15.93
C LYS D 42 -29.62 2.34 -17.35
N MET D 43 -28.50 2.58 -18.03
CA MET D 43 -28.30 2.05 -19.39
C MET D 43 -27.67 0.67 -19.42
N ALA D 44 -26.91 0.31 -18.39
CA ALA D 44 -26.22 -1.00 -18.34
C ALA D 44 -27.14 -2.22 -18.58
N PRO D 45 -28.31 -2.26 -17.92
CA PRO D 45 -29.23 -3.37 -18.10
C PRO D 45 -29.68 -3.47 -19.54
N LEU D 46 -29.81 -2.32 -20.18
CA LEU D 46 -30.23 -2.24 -21.55
C LEU D 46 -29.12 -2.85 -22.39
N VAL D 47 -27.88 -2.49 -22.10
CA VAL D 47 -26.73 -3.05 -22.80
C VAL D 47 -26.69 -4.56 -22.56
N LEU D 48 -26.94 -4.98 -21.32
CA LEU D 48 -26.97 -6.41 -21.02
C LEU D 48 -28.00 -7.10 -21.89
N ALA D 49 -29.23 -6.60 -21.91
CA ALA D 49 -30.28 -7.21 -22.72
C ALA D 49 -29.86 -7.33 -24.21
N LEU D 50 -29.15 -6.33 -24.71
CA LEU D 50 -28.69 -6.33 -26.11
C LEU D 50 -27.59 -7.39 -26.30
N GLU D 51 -26.72 -7.53 -25.32
CA GLU D 51 -25.66 -8.51 -25.40
C GLU D 51 -26.18 -9.95 -25.24
N LYS D 52 -27.43 -10.11 -24.79
CA LYS D 52 -28.06 -11.43 -24.65
C LYS D 52 -28.67 -11.89 -25.97
N GLU D 53 -28.74 -10.99 -26.94
CA GLU D 53 -29.32 -11.36 -28.22
C GLU D 53 -28.39 -10.95 -29.37
N PRO D 54 -27.16 -11.49 -29.37
CA PRO D 54 -26.16 -11.17 -30.40
C PRO D 54 -26.56 -11.58 -31.81
N GLU D 55 -27.53 -12.50 -31.95
CA GLU D 55 -27.96 -12.90 -33.28
C GLU D 55 -28.77 -11.80 -33.93
N THR D 56 -29.31 -10.91 -33.11
CA THR D 56 -30.13 -9.82 -33.60
C THR D 56 -29.44 -8.46 -33.52
N PHE D 57 -28.83 -8.18 -32.38
CA PHE D 57 -28.20 -6.89 -32.15
C PHE D 57 -26.70 -6.85 -32.07
N GLU D 58 -26.18 -5.67 -32.39
CA GLU D 58 -24.78 -5.37 -32.27
C GLU D 58 -24.80 -4.16 -31.32
N SER D 59 -24.17 -4.30 -30.17
CA SER D 59 -24.15 -3.22 -29.18
C SER D 59 -22.84 -2.45 -29.19
N THR D 60 -22.91 -1.15 -29.45
CA THR D 60 -21.75 -0.30 -29.43
C THR D 60 -21.99 0.64 -28.24
N VAL D 61 -21.07 0.65 -27.27
CA VAL D 61 -21.20 1.51 -26.10
C VAL D 61 -20.20 2.66 -26.21
N VAL D 62 -20.74 3.87 -26.11
CA VAL D 62 -19.97 5.10 -26.21
C VAL D 62 -20.07 5.85 -24.89
N ILE D 63 -18.91 6.15 -24.31
CA ILE D 63 -18.85 6.87 -23.05
C ILE D 63 -18.47 8.31 -23.30
N THR D 64 -19.21 9.22 -22.68
CA THR D 64 -18.99 10.66 -22.80
C THR D 64 -19.06 11.30 -21.42
N ALA D 65 -18.14 10.90 -20.55
CA ALA D 65 -18.07 11.39 -19.17
C ALA D 65 -16.86 12.29 -18.99
N MET D 70 -14.88 8.27 -15.68
CA MET D 70 -14.54 7.98 -14.29
C MET D 70 -15.73 7.24 -13.62
N LEU D 71 -16.31 6.31 -14.38
CA LEU D 71 -17.46 5.50 -13.95
C LEU D 71 -17.17 4.02 -14.20
N ASP D 72 -15.89 3.67 -14.26
CA ASP D 72 -15.45 2.30 -14.51
C ASP D 72 -16.05 1.25 -13.59
N GLN D 73 -16.28 1.59 -12.32
CA GLN D 73 -16.84 0.63 -11.39
C GLN D 73 -18.12 0.00 -11.92
N VAL D 74 -19.07 0.84 -12.33
CA VAL D 74 -20.36 0.35 -12.87
C VAL D 74 -20.16 -0.56 -14.06
N LEU D 75 -19.21 -0.22 -14.92
CA LEU D 75 -18.94 -1.01 -16.11
C LEU D 75 -18.40 -2.41 -15.75
N GLU D 76 -17.61 -2.48 -14.69
CA GLU D 76 -17.04 -3.75 -14.24
C GLU D 76 -18.10 -4.67 -13.62
N ILE D 77 -19.14 -4.09 -13.00
CA ILE D 77 -20.20 -4.90 -12.39
C ILE D 77 -21.11 -5.55 -13.45
N PHE D 78 -21.36 -4.83 -14.52
CA PHE D 78 -22.18 -5.33 -15.63
C PHE D 78 -21.31 -5.97 -16.71
N ASP D 79 -20.01 -6.10 -16.43
CA ASP D 79 -19.06 -6.65 -17.39
C ASP D 79 -19.36 -6.07 -18.77
N ILE D 80 -19.36 -4.75 -18.86
CA ILE D 80 -19.60 -4.03 -20.09
C ILE D 80 -18.29 -3.39 -20.49
N LYS D 81 -17.88 -3.63 -21.72
CA LYS D 81 -16.64 -3.07 -22.20
C LYS D 81 -17.00 -1.94 -23.15
N PRO D 82 -16.65 -0.69 -22.80
CA PRO D 82 -17.00 0.44 -23.66
C PRO D 82 -16.22 0.40 -24.98
N ASP D 83 -16.93 0.62 -26.09
CA ASP D 83 -16.29 0.61 -27.40
C ASP D 83 -15.56 1.93 -27.68
N ILE D 84 -16.26 3.04 -27.48
CA ILE D 84 -15.71 4.37 -27.71
C ILE D 84 -15.79 5.18 -26.42
N ASP D 85 -14.68 5.82 -26.08
CA ASP D 85 -14.58 6.60 -24.85
C ASP D 85 -14.08 8.00 -25.17
N LEU D 86 -15.01 8.97 -25.15
CA LEU D 86 -14.70 10.37 -25.43
C LEU D 86 -14.59 11.18 -24.14
N ASP D 87 -13.41 11.73 -23.88
CA ASP D 87 -13.22 12.55 -22.67
C ASP D 87 -13.74 13.98 -22.88
N ILE D 88 -14.95 14.23 -22.39
CA ILE D 88 -15.59 15.54 -22.51
C ILE D 88 -15.31 16.38 -21.26
N GLY D 92 -14.79 22.89 -15.74
CA GLY D 92 -14.94 24.34 -15.79
C GLY D 92 -15.40 24.82 -17.16
N GLN D 93 -16.29 24.05 -17.78
CA GLN D 93 -16.79 24.36 -19.11
C GLN D 93 -18.20 24.90 -19.04
N THR D 94 -18.52 25.83 -19.92
CA THR D 94 -19.87 26.37 -19.94
C THR D 94 -20.81 25.29 -20.47
N LEU D 95 -22.10 25.53 -20.34
CA LEU D 95 -23.08 24.59 -20.81
C LEU D 95 -23.04 24.51 -22.33
N ALA D 96 -22.83 25.68 -22.96
CA ALA D 96 -22.73 25.77 -24.40
C ALA D 96 -21.55 24.94 -24.90
N GLU D 97 -20.41 25.02 -24.22
CA GLU D 97 -19.20 24.28 -24.65
C GLU D 97 -19.34 22.78 -24.49
N ILE D 98 -20.00 22.35 -23.43
CA ILE D 98 -20.22 20.93 -23.20
C ILE D 98 -21.12 20.37 -24.30
N THR D 99 -22.11 21.16 -24.68
CA THR D 99 -23.08 20.76 -25.70
C THR D 99 -22.40 20.66 -27.06
N SER D 100 -21.62 21.66 -27.41
CA SER D 100 -20.92 21.64 -28.67
C SER D 100 -19.90 20.47 -28.73
N ARG D 101 -19.18 20.22 -27.63
CA ARG D 101 -18.17 19.14 -27.62
C ARG D 101 -18.77 17.74 -27.76
N VAL D 102 -19.87 17.50 -27.06
CA VAL D 102 -20.55 16.21 -27.10
C VAL D 102 -21.16 15.99 -28.48
N MET D 103 -21.86 17.01 -28.96
CA MET D 103 -22.52 16.96 -30.26
C MET D 103 -21.52 16.71 -31.37
N ASN D 104 -20.41 17.43 -31.34
CA ASN D 104 -19.37 17.26 -32.37
C ASN D 104 -18.71 15.90 -32.26
N GLY D 105 -18.37 15.51 -31.03
CA GLY D 105 -17.75 14.22 -30.77
C GLY D 105 -18.68 13.09 -31.19
N ILE D 106 -19.93 13.16 -30.79
CA ILE D 106 -20.90 12.11 -31.14
C ILE D 106 -21.22 12.10 -32.64
N ASN D 107 -21.35 13.28 -33.24
CA ASN D 107 -21.59 13.37 -34.67
C ASN D 107 -20.59 12.51 -35.47
N GLU D 108 -19.31 12.68 -35.17
CA GLU D 108 -18.25 11.96 -35.86
C GLU D 108 -18.27 10.47 -35.51
N VAL D 109 -18.62 10.14 -34.26
CA VAL D 109 -18.67 8.74 -33.84
C VAL D 109 -19.79 8.02 -34.60
N ILE D 110 -20.94 8.68 -34.68
CA ILE D 110 -22.08 8.13 -35.37
C ILE D 110 -21.80 8.02 -36.86
N ALA D 111 -21.13 9.03 -37.43
CA ALA D 111 -20.80 9.03 -38.85
C ALA D 111 -19.89 7.86 -39.23
N ALA D 112 -18.95 7.54 -38.34
CA ALA D 112 -18.01 6.45 -38.59
C ALA D 112 -18.66 5.06 -38.36
N GLU D 113 -19.23 4.87 -37.18
CA GLU D 113 -19.83 3.59 -36.80
C GLU D 113 -21.13 3.23 -37.56
N ASN D 114 -21.85 4.26 -38.02
CA ASN D 114 -23.11 4.10 -38.78
C ASN D 114 -24.13 3.14 -38.13
N PRO D 115 -24.52 3.41 -36.88
CA PRO D 115 -25.48 2.57 -36.20
C PRO D 115 -26.87 2.74 -36.77
N ASP D 116 -27.71 1.74 -36.54
CA ASP D 116 -29.09 1.77 -37.00
C ASP D 116 -29.90 2.62 -36.03
N ILE D 117 -29.56 2.55 -34.76
CA ILE D 117 -30.28 3.31 -33.76
C ILE D 117 -29.36 3.72 -32.66
N VAL D 118 -29.57 4.94 -32.18
CA VAL D 118 -28.80 5.46 -31.07
C VAL D 118 -29.76 5.63 -29.90
N LEU D 119 -29.34 5.12 -28.75
CA LEU D 119 -30.12 5.26 -27.53
C LEU D 119 -29.43 6.24 -26.61
N VAL D 120 -30.19 7.27 -26.24
CA VAL D 120 -29.74 8.30 -25.30
C VAL D 120 -30.67 8.18 -24.07
N HIS D 121 -30.20 8.65 -22.92
CA HIS D 121 -30.99 8.52 -21.72
C HIS D 121 -31.40 9.77 -20.97
N GLY D 122 -32.68 9.84 -20.64
CA GLY D 122 -33.19 10.91 -19.80
C GLY D 122 -33.03 12.34 -20.23
N ASP D 123 -32.54 13.15 -19.30
CA ASP D 123 -32.44 14.59 -19.46
C ASP D 123 -31.07 15.25 -19.28
N THR D 124 -30.00 14.49 -19.45
CA THR D 124 -28.68 15.07 -19.35
C THR D 124 -28.36 15.83 -20.62
N THR D 125 -27.41 16.73 -20.51
CA THR D 125 -26.98 17.55 -21.63
C THR D 125 -26.33 16.68 -22.66
N THR D 126 -25.64 15.66 -22.18
CA THR D 126 -24.97 14.72 -23.05
C THR D 126 -26.00 13.95 -23.88
N SER D 127 -27.06 13.46 -23.24
CA SER D 127 -28.09 12.73 -23.97
C SER D 127 -28.71 13.64 -25.03
N PHE D 128 -28.95 14.91 -24.69
CA PHE D 128 -29.51 15.87 -25.67
C PHE D 128 -28.59 16.14 -26.83
N ALA D 129 -27.33 16.45 -26.55
CA ALA D 129 -26.36 16.75 -27.59
C ALA D 129 -26.17 15.53 -28.49
N ALA D 130 -26.13 14.36 -27.88
CA ALA D 130 -25.96 13.12 -28.60
C ALA D 130 -27.19 12.85 -29.47
N GLY D 131 -28.37 13.21 -28.98
CA GLY D 131 -29.59 13.02 -29.76
C GLY D 131 -29.57 13.89 -31.00
N LEU D 132 -29.19 15.13 -30.81
CA LEU D 132 -29.11 16.07 -31.92
C LEU D 132 -28.07 15.56 -32.94
N ALA D 133 -26.95 15.04 -32.46
CA ALA D 133 -25.94 14.50 -33.37
C ALA D 133 -26.59 13.35 -34.16
N THR D 134 -27.41 12.55 -33.49
CA THR D 134 -28.12 11.43 -34.11
C THR D 134 -29.08 11.95 -35.20
N PHE D 135 -29.79 13.03 -34.92
CA PHE D 135 -30.68 13.62 -35.90
C PHE D 135 -29.88 14.13 -37.09
N TYR D 136 -28.78 14.84 -36.83
CA TYR D 136 -27.96 15.33 -37.92
C TYR D 136 -27.44 14.21 -38.79
N GLN D 137 -27.20 13.04 -38.21
CA GLN D 137 -26.70 11.90 -38.98
C GLN D 137 -27.83 11.10 -39.56
N GLN D 138 -29.04 11.58 -39.35
CA GLN D 138 -30.26 10.95 -39.82
C GLN D 138 -30.37 9.50 -39.39
N LYS D 139 -30.03 9.21 -38.14
CA LYS D 139 -30.16 7.86 -37.65
C LYS D 139 -31.35 7.83 -36.72
N MET D 140 -31.88 6.64 -36.46
CA MET D 140 -33.02 6.56 -35.58
C MET D 140 -32.55 6.87 -34.13
N LEU D 141 -33.36 7.62 -33.40
CA LEU D 141 -33.06 8.00 -32.04
C LEU D 141 -34.07 7.39 -31.06
N GLY D 142 -33.56 6.64 -30.10
CA GLY D 142 -34.39 6.00 -29.08
C GLY D 142 -34.16 6.74 -27.76
N HIS D 143 -35.24 7.13 -27.09
CA HIS D 143 -35.12 7.88 -25.83
C HIS D 143 -35.56 7.03 -24.65
N VAL D 144 -34.57 6.63 -23.85
CA VAL D 144 -34.79 5.82 -22.67
C VAL D 144 -35.16 6.78 -21.56
N GLU D 145 -36.24 6.46 -20.83
CA GLU D 145 -36.79 7.29 -19.76
C GLU D 145 -37.29 8.58 -20.44
N ALA D 146 -38.25 8.41 -21.33
CA ALA D 146 -38.81 9.50 -22.10
C ALA D 146 -40.11 10.02 -21.54
N GLY D 147 -40.30 11.33 -21.60
CA GLY D 147 -41.57 11.93 -21.20
C GLY D 147 -41.76 12.60 -19.87
N LEU D 148 -40.74 12.62 -19.01
CA LEU D 148 -40.89 13.29 -17.72
C LEU D 148 -41.02 14.80 -17.95
N ARG D 149 -41.93 15.43 -17.21
CA ARG D 149 -42.13 16.87 -17.37
C ARG D 149 -42.52 17.58 -16.09
N THR D 150 -42.01 18.79 -15.95
CA THR D 150 -42.40 19.70 -14.88
C THR D 150 -43.09 20.86 -15.59
N TRP D 151 -42.96 20.89 -16.92
CA TRP D 151 -43.53 21.95 -17.76
C TRP D 151 -42.93 23.34 -17.44
N ASN D 152 -41.93 23.37 -16.58
N ASN D 152 -41.91 23.36 -16.58
CA ASN D 152 -41.22 24.59 -16.24
CA ASN D 152 -41.21 24.57 -16.20
C ASN D 152 -39.86 24.51 -16.90
C ASN D 152 -39.85 24.52 -16.89
N LYS D 153 -39.66 25.32 -17.94
CA LYS D 153 -38.41 25.33 -18.69
C LYS D 153 -37.15 25.63 -17.87
N TYR D 154 -37.31 26.27 -16.72
CA TYR D 154 -36.17 26.60 -15.87
C TYR D 154 -36.07 25.80 -14.56
N SER D 155 -36.89 24.76 -14.40
CA SER D 155 -36.81 23.94 -13.19
C SER D 155 -37.38 22.53 -13.38
N PRO D 156 -36.49 21.53 -13.47
CA PRO D 156 -35.04 21.67 -13.40
C PRO D 156 -34.36 22.18 -14.70
N PHE D 157 -33.32 22.96 -14.51
CA PHE D 157 -32.54 23.52 -15.59
C PHE D 157 -31.18 22.84 -15.63
N PRO D 158 -30.75 22.36 -16.80
CA PRO D 158 -31.41 22.36 -18.09
C PRO D 158 -32.19 21.10 -18.38
N GLU D 159 -32.30 20.23 -17.38
CA GLU D 159 -32.95 18.94 -17.56
C GLU D 159 -34.36 18.97 -18.17
N GLU D 160 -35.23 19.86 -17.73
CA GLU D 160 -36.57 19.89 -18.33
C GLU D 160 -36.48 20.14 -19.83
N MET D 161 -35.69 21.14 -20.21
CA MET D 161 -35.55 21.46 -21.61
C MET D 161 -34.85 20.33 -22.33
N ASN D 162 -33.86 19.71 -21.70
CA ASN D 162 -33.19 18.60 -22.35
C ASN D 162 -34.17 17.52 -22.77
N ARG D 163 -34.99 17.10 -21.83
CA ARG D 163 -35.94 16.02 -22.12
C ARG D 163 -37.02 16.44 -23.12
N GLN D 164 -37.35 17.73 -23.18
CA GLN D 164 -38.34 18.18 -24.14
C GLN D 164 -37.71 18.21 -25.55
N LEU D 165 -36.47 18.67 -25.65
CA LEU D 165 -35.78 18.74 -26.93
C LEU D 165 -35.53 17.33 -27.46
N THR D 166 -35.01 16.47 -26.61
CA THR D 166 -34.76 15.10 -26.99
C THR D 166 -36.09 14.48 -27.43
N GLY D 167 -37.17 14.92 -26.78
CA GLY D 167 -38.51 14.47 -27.09
C GLY D 167 -38.97 14.76 -28.51
N VAL D 168 -38.68 15.94 -29.01
N VAL D 168 -38.70 15.95 -29.03
CA VAL D 168 -39.08 16.31 -30.36
CA VAL D 168 -39.13 16.26 -30.39
C VAL D 168 -38.26 15.51 -31.37
C VAL D 168 -38.26 15.50 -31.39
N MET D 169 -36.99 15.31 -31.05
CA MET D 169 -36.06 14.60 -31.91
C MET D 169 -36.15 13.08 -31.93
N ALA D 170 -36.69 12.49 -30.87
CA ALA D 170 -36.78 11.03 -30.77
C ALA D 170 -37.79 10.42 -31.73
N ASP D 171 -37.47 9.22 -32.18
CA ASP D 171 -38.33 8.45 -33.07
C ASP D 171 -39.09 7.42 -32.27
N ILE D 172 -38.54 7.02 -31.14
CA ILE D 172 -39.18 6.01 -30.31
C ILE D 172 -38.97 6.40 -28.84
N HIS D 173 -40.03 6.34 -28.05
CA HIS D 173 -39.95 6.78 -26.67
C HIS D 173 -40.19 5.65 -25.73
N PHE D 174 -39.27 5.48 -24.80
CA PHE D 174 -39.40 4.44 -23.79
C PHE D 174 -39.68 5.18 -22.50
N SER D 175 -40.98 5.32 -22.20
CA SER D 175 -41.44 6.01 -21.01
C SER D 175 -41.41 5.09 -19.82
N PRO D 176 -41.03 5.63 -18.66
CA PRO D 176 -40.99 4.78 -17.49
C PRO D 176 -42.39 4.60 -16.90
N THR D 177 -43.29 5.56 -17.12
CA THR D 177 -44.62 5.49 -16.56
C THR D 177 -45.71 5.94 -17.50
N LYS D 178 -46.95 5.58 -17.13
CA LYS D 178 -48.11 5.95 -17.90
C LYS D 178 -48.15 7.47 -18.10
N GLN D 179 -47.85 8.21 -17.02
CA GLN D 179 -47.87 9.67 -17.04
C GLN D 179 -46.90 10.26 -18.05
N ALA D 180 -45.70 9.70 -18.11
CA ALA D 180 -44.69 10.18 -19.02
C ALA D 180 -45.19 9.97 -20.44
N LYS D 181 -45.97 8.92 -20.66
CA LYS D 181 -46.53 8.66 -21.97
C LYS D 181 -47.56 9.74 -22.26
N GLU D 182 -48.46 9.98 -21.32
CA GLU D 182 -49.48 11.03 -21.47
C GLU D 182 -48.86 12.38 -21.80
N ASN D 183 -47.78 12.73 -21.11
CA ASN D 183 -47.08 13.98 -21.36
C ASN D 183 -46.71 14.05 -22.85
N LEU D 184 -46.13 12.96 -23.34
CA LEU D 184 -45.72 12.87 -24.74
C LEU D 184 -46.94 12.96 -25.66
N LEU D 185 -48.02 12.25 -25.32
CA LEU D 185 -49.25 12.34 -26.14
C LEU D 185 -49.81 13.77 -26.15
N ALA D 186 -49.67 14.46 -25.01
CA ALA D 186 -50.15 15.82 -24.86
C ALA D 186 -49.34 16.81 -25.70
N GLU D 187 -48.15 16.40 -26.12
CA GLU D 187 -47.31 17.23 -26.98
C GLU D 187 -47.51 16.83 -28.44
N GLY D 188 -48.50 15.98 -28.70
CA GLY D 188 -48.80 15.54 -30.05
C GLY D 188 -47.93 14.42 -30.59
N LYS D 189 -47.22 13.69 -29.74
CA LYS D 189 -46.40 12.59 -30.25
C LYS D 189 -47.28 11.45 -30.76
N ASP D 190 -46.72 10.68 -31.67
CA ASP D 190 -47.40 9.55 -32.28
C ASP D 190 -47.45 8.43 -31.25
N PRO D 191 -48.66 8.05 -30.80
CA PRO D 191 -48.82 6.98 -29.80
C PRO D 191 -48.08 5.70 -30.16
N ALA D 192 -48.01 5.39 -31.45
CA ALA D 192 -47.34 4.18 -31.91
C ALA D 192 -45.83 4.21 -31.65
N THR D 193 -45.28 5.39 -31.39
CA THR D 193 -43.84 5.50 -31.13
C THR D 193 -43.50 5.55 -29.63
N ILE D 194 -44.52 5.48 -28.78
CA ILE D 194 -44.29 5.54 -27.32
C ILE D 194 -44.56 4.19 -26.66
N PHE D 195 -43.64 3.76 -25.81
CA PHE D 195 -43.80 2.50 -25.08
C PHE D 195 -43.56 2.74 -23.60
N VAL D 196 -44.56 2.40 -22.77
CA VAL D 196 -44.39 2.52 -21.32
C VAL D 196 -43.65 1.23 -21.01
N THR D 197 -42.40 1.36 -20.65
CA THR D 197 -41.56 0.20 -20.39
C THR D 197 -41.17 -0.04 -18.94
N GLY D 198 -41.37 0.98 -18.11
CA GLY D 198 -40.93 0.90 -16.72
C GLY D 198 -39.53 1.49 -16.75
N ASN D 199 -38.93 1.68 -15.59
CA ASN D 199 -37.61 2.27 -15.55
C ASN D 199 -36.51 1.22 -15.38
N THR D 200 -35.46 1.33 -16.21
CA THR D 200 -34.34 0.39 -16.20
C THR D 200 -33.54 0.40 -14.88
N ALA D 201 -33.71 1.44 -14.07
CA ALA D 201 -33.00 1.52 -12.77
C ALA D 201 -33.35 0.29 -11.93
N ILE D 202 -34.61 -0.12 -12.02
CA ILE D 202 -35.09 -1.30 -11.32
C ILE D 202 -34.42 -2.58 -11.88
N ASP D 203 -34.25 -2.67 -13.22
CA ASP D 203 -33.59 -3.82 -13.86
C ASP D 203 -32.17 -3.97 -13.34
N ALA D 204 -31.56 -2.83 -13.06
CA ALA D 204 -30.18 -2.75 -12.59
C ALA D 204 -29.96 -3.45 -11.27
N LEU D 205 -31.01 -3.58 -10.47
CA LEU D 205 -30.92 -4.21 -9.15
C LEU D 205 -30.61 -5.70 -9.24
N LYS D 206 -30.95 -6.30 -10.39
CA LYS D 206 -30.68 -7.73 -10.62
C LYS D 206 -29.19 -7.95 -10.68
N THR D 207 -28.45 -6.93 -11.13
CA THR D 207 -26.99 -7.04 -11.23
C THR D 207 -26.27 -6.38 -10.05
N THR D 208 -26.77 -5.25 -9.56
CA THR D 208 -26.12 -4.52 -8.47
C THR D 208 -26.22 -5.20 -7.11
N VAL D 209 -27.33 -5.90 -6.87
CA VAL D 209 -27.51 -6.60 -5.62
C VAL D 209 -26.79 -7.94 -5.71
N GLN D 210 -25.82 -8.14 -4.82
CA GLN D 210 -25.04 -9.35 -4.78
C GLN D 210 -25.74 -10.41 -3.96
N LYS D 211 -25.58 -11.68 -4.32
CA LYS D 211 -26.22 -12.75 -3.52
C LYS D 211 -25.59 -12.96 -2.13
N ASP D 212 -24.41 -12.40 -1.90
CA ASP D 212 -23.76 -12.53 -0.61
C ASP D 212 -22.96 -11.26 -0.31
N TYR D 213 -23.67 -10.14 -0.20
CA TYR D 213 -23.07 -8.85 0.08
C TYR D 213 -22.53 -8.80 1.51
N HIS D 214 -21.28 -8.36 1.64
CA HIS D 214 -20.62 -8.26 2.94
C HIS D 214 -20.36 -6.83 3.42
N HIS D 215 -20.75 -6.60 4.67
CA HIS D 215 -20.51 -5.34 5.36
C HIS D 215 -20.74 -5.67 6.82
N PRO D 216 -19.82 -5.24 7.71
CA PRO D 216 -19.92 -5.50 9.16
C PRO D 216 -21.29 -5.22 9.77
N ILE D 217 -21.83 -4.03 9.49
CA ILE D 217 -23.14 -3.64 10.03
C ILE D 217 -24.22 -4.65 9.66
N LEU D 218 -24.26 -5.01 8.38
CA LEU D 218 -25.26 -5.94 7.89
C LEU D 218 -25.10 -7.35 8.48
N GLU D 219 -23.86 -7.77 8.76
CA GLU D 219 -23.64 -9.10 9.34
C GLU D 219 -23.79 -9.14 10.87
N ASN D 220 -23.65 -8.00 11.54
CA ASN D 220 -23.87 -7.95 12.99
C ASN D 220 -25.30 -7.46 13.25
N LEU D 221 -26.11 -7.43 12.20
CA LEU D 221 -27.49 -6.95 12.30
C LEU D 221 -28.35 -7.92 13.12
N GLY D 222 -28.16 -9.21 12.87
CA GLY D 222 -28.93 -10.23 13.59
C GLY D 222 -30.40 -10.12 13.27
N ASP D 223 -31.23 -10.15 14.31
CA ASP D 223 -32.68 -10.07 14.14
C ASP D 223 -33.20 -8.63 14.09
N ASN D 224 -32.28 -7.67 14.21
CA ASN D 224 -32.66 -6.25 14.16
C ASN D 224 -33.12 -5.77 12.81
N ARG D 225 -34.10 -4.89 12.83
CA ARG D 225 -34.67 -4.32 11.63
C ARG D 225 -33.88 -3.09 11.26
N LEU D 226 -33.37 -3.11 10.03
CA LEU D 226 -32.55 -2.05 9.51
C LEU D 226 -33.36 -0.89 8.94
N ILE D 227 -33.08 0.30 9.46
CA ILE D 227 -33.70 1.50 8.99
C ILE D 227 -32.58 2.25 8.30
N LEU D 228 -32.84 2.68 7.08
CA LEU D 228 -31.85 3.39 6.33
C LEU D 228 -32.41 4.78 6.09
N MET D 229 -31.56 5.78 6.16
CA MET D 229 -31.97 7.16 5.94
C MET D 229 -30.98 7.91 5.08
N THR D 230 -31.50 8.69 4.13
CA THR D 230 -30.69 9.54 3.26
C THR D 230 -31.49 10.82 3.02
N ALA D 231 -30.79 11.94 2.97
CA ALA D 231 -31.40 13.21 2.70
C ALA D 231 -30.37 14.04 1.97
N HIS D 232 -30.69 14.49 0.75
N HIS D 232 -30.69 14.49 0.76
CA HIS D 232 -29.75 15.34 0.01
CA HIS D 232 -29.76 15.31 -0.02
C HIS D 232 -30.40 16.53 -0.71
C HIS D 232 -30.39 16.56 -0.67
N ARG D 233 -31.69 16.76 -0.50
CA ARG D 233 -32.35 17.93 -1.09
C ARG D 233 -32.04 19.14 -0.23
N ARG D 234 -31.67 20.22 -0.87
CA ARG D 234 -31.32 21.45 -0.20
C ARG D 234 -32.34 21.90 0.83
N GLU D 235 -33.62 21.87 0.49
CA GLU D 235 -34.63 22.34 1.44
C GLU D 235 -34.67 21.52 2.73
N ASN D 236 -34.33 20.23 2.65
CA ASN D 236 -34.33 19.35 3.83
C ASN D 236 -33.06 19.45 4.65
N LEU D 237 -31.92 19.66 3.99
CA LEU D 237 -30.64 19.77 4.69
C LEU D 237 -30.51 21.00 5.55
N GLY D 238 -31.47 21.91 5.44
CA GLY D 238 -31.47 23.13 6.24
C GLY D 238 -31.85 22.91 7.69
N GLU D 239 -32.76 23.75 8.18
CA GLU D 239 -33.21 23.69 9.58
C GLU D 239 -33.99 22.42 9.98
N PRO D 240 -34.81 21.87 9.06
CA PRO D 240 -35.56 20.67 9.46
C PRO D 240 -34.69 19.45 9.77
N MET D 241 -33.45 19.47 9.30
CA MET D 241 -32.53 18.35 9.47
C MET D 241 -32.46 17.93 10.95
N GLN D 242 -32.28 18.88 11.84
CA GLN D 242 -32.19 18.61 13.26
C GLN D 242 -33.43 17.84 13.74
N GLY D 243 -34.61 18.30 13.33
CA GLY D 243 -35.85 17.64 13.72
C GLY D 243 -35.90 16.22 13.20
N MET D 244 -35.42 16.03 11.97
CA MET D 244 -35.43 14.71 11.38
C MET D 244 -34.46 13.76 12.07
N PHE D 245 -33.30 14.24 12.51
CA PHE D 245 -32.35 13.36 13.21
C PHE D 245 -32.93 12.94 14.56
N GLU D 246 -33.46 13.90 15.29
CA GLU D 246 -34.05 13.62 16.61
C GLU D 246 -35.14 12.56 16.48
N ALA D 247 -35.92 12.65 15.41
CA ALA D 247 -36.99 11.70 15.16
C ALA D 247 -36.43 10.29 15.00
N VAL D 248 -35.37 10.13 14.21
CA VAL D 248 -34.80 8.81 14.00
C VAL D 248 -34.19 8.29 15.30
N ARG D 249 -33.56 9.17 16.06
CA ARG D 249 -33.00 8.72 17.32
C ARG D 249 -34.11 8.22 18.24
N GLU D 250 -35.21 8.97 18.33
CA GLU D 250 -36.32 8.56 19.20
C GLU D 250 -36.88 7.21 18.73
N ILE D 251 -36.91 6.98 17.43
CA ILE D 251 -37.40 5.71 16.88
C ILE D 251 -36.49 4.59 17.36
N VAL D 252 -35.18 4.79 17.20
CA VAL D 252 -34.19 3.80 17.61
C VAL D 252 -34.24 3.55 19.12
N GLU D 253 -34.43 4.60 19.91
CA GLU D 253 -34.50 4.43 21.38
C GLU D 253 -35.81 3.77 21.81
N SER D 254 -36.89 4.06 21.09
CA SER D 254 -38.21 3.51 21.40
C SER D 254 -38.39 2.06 20.98
N ARG D 255 -37.66 1.64 19.94
CA ARG D 255 -37.74 0.27 19.45
C ARG D 255 -36.32 -0.31 19.47
N GLU D 256 -36.04 -1.07 20.53
CA GLU D 256 -34.71 -1.65 20.72
C GLU D 256 -34.29 -2.66 19.65
N ASP D 257 -35.26 -3.23 18.91
CA ASP D 257 -34.92 -4.18 17.85
C ASP D 257 -34.77 -3.48 16.48
N THR D 258 -34.17 -2.28 16.47
CA THR D 258 -33.93 -1.55 15.25
C THR D 258 -32.54 -0.94 15.20
N GLU D 259 -31.96 -0.89 14.01
CA GLU D 259 -30.68 -0.29 13.80
C GLU D 259 -30.80 0.73 12.68
N LEU D 260 -30.13 1.87 12.83
CA LEU D 260 -30.16 2.91 11.85
C LEU D 260 -28.81 3.10 11.21
N VAL D 261 -28.82 3.20 9.89
CA VAL D 261 -27.61 3.45 9.14
C VAL D 261 -27.84 4.77 8.44
N TYR D 262 -26.97 5.73 8.72
CA TYR D 262 -27.08 7.03 8.12
C TYR D 262 -25.78 7.42 7.44
N PRO D 263 -25.73 7.25 6.11
CA PRO D 263 -24.58 7.65 5.35
C PRO D 263 -24.57 9.16 5.43
N MET D 264 -23.69 9.72 6.23
CA MET D 264 -23.64 11.16 6.45
C MET D 264 -23.41 12.03 5.23
N HIS D 265 -24.23 13.05 5.07
CA HIS D 265 -24.05 13.98 3.96
C HIS D 265 -22.70 14.67 4.24
N LEU D 266 -22.00 15.07 3.18
CA LEU D 266 -20.69 15.70 3.31
C LEU D 266 -20.70 17.09 3.97
N ASN D 267 -21.86 17.76 3.98
CA ASN D 267 -21.95 19.10 4.56
C ASN D 267 -21.57 19.08 6.06
N PRO D 268 -20.51 19.82 6.42
CA PRO D 268 -19.99 19.90 7.80
C PRO D 268 -21.05 20.20 8.87
N ALA D 269 -21.88 21.21 8.64
CA ALA D 269 -22.93 21.56 9.59
C ALA D 269 -23.88 20.38 9.75
N VAL D 270 -24.20 19.70 8.65
CA VAL D 270 -25.09 18.53 8.67
C VAL D 270 -24.46 17.41 9.51
N ARG D 271 -23.17 17.17 9.30
CA ARG D 271 -22.45 16.14 10.06
C ARG D 271 -22.41 16.44 11.54
N GLU D 272 -22.16 17.69 11.92
CA GLU D 272 -22.12 18.03 13.33
C GLU D 272 -23.48 17.75 13.96
N LYS D 273 -24.57 18.00 13.24
CA LYS D 273 -25.90 17.76 13.78
C LYS D 273 -26.08 16.26 13.99
N ALA D 274 -25.70 15.47 13.00
CA ALA D 274 -25.81 14.01 13.05
C ALA D 274 -25.01 13.45 14.21
N MET D 275 -23.78 13.94 14.36
CA MET D 275 -22.90 13.53 15.44
C MET D 275 -23.46 13.88 16.80
N ALA D 276 -23.97 15.11 16.94
CA ALA D 276 -24.53 15.57 18.21
C ALA D 276 -25.81 14.84 18.59
N ILE D 277 -26.64 14.54 17.60
CA ILE D 277 -27.92 13.87 17.85
C ILE D 277 -27.88 12.36 17.74
N LEU D 278 -27.20 11.84 16.73
CA LEU D 278 -27.15 10.40 16.49
C LEU D 278 -25.85 9.74 16.92
N GLY D 279 -24.88 10.52 17.35
CA GLY D 279 -23.60 9.95 17.76
C GLY D 279 -23.71 9.26 19.10
N GLY D 280 -22.80 8.33 19.35
CA GLY D 280 -22.75 7.62 20.62
C GLY D 280 -23.83 6.59 20.90
N HIS D 281 -24.47 6.05 19.87
CA HIS D 281 -25.50 5.03 20.10
C HIS D 281 -25.06 3.75 19.39
N GLU D 282 -25.09 2.65 20.13
CA GLU D 282 -24.67 1.34 19.62
C GLU D 282 -25.46 0.84 18.41
N ARG D 283 -26.71 1.27 18.29
CA ARG D 283 -27.57 0.85 17.18
C ARG D 283 -27.76 1.90 16.07
N ILE D 284 -26.95 2.95 16.11
CA ILE D 284 -26.99 3.97 15.08
C ILE D 284 -25.61 4.00 14.43
N HIS D 285 -25.57 3.84 13.11
CA HIS D 285 -24.31 3.82 12.39
C HIS D 285 -24.23 5.03 11.49
N LEU D 286 -23.29 5.90 11.78
CA LEU D 286 -23.07 7.08 11.01
C LEU D 286 -21.87 6.73 10.17
N ILE D 287 -22.12 6.45 8.89
CA ILE D 287 -21.05 6.08 7.99
C ILE D 287 -20.91 7.10 6.87
N GLU D 288 -19.85 6.94 6.07
CA GLU D 288 -19.60 7.83 4.94
C GLU D 288 -20.61 7.51 3.84
N PRO D 289 -20.83 8.47 2.92
CA PRO D 289 -21.81 8.17 1.87
C PRO D 289 -21.46 6.89 1.11
N LEU D 290 -22.47 6.05 0.92
CA LEU D 290 -22.33 4.81 0.19
C LEU D 290 -22.58 5.11 -1.28
N ASP D 291 -21.89 4.39 -2.16
CA ASP D 291 -22.13 4.60 -3.58
C ASP D 291 -23.46 3.91 -3.91
N ALA D 292 -24.03 4.25 -5.05
CA ALA D 292 -25.30 3.67 -5.49
C ALA D 292 -25.38 2.15 -5.28
N ILE D 293 -24.31 1.45 -5.67
CA ILE D 293 -24.25 -0.01 -5.57
C ILE D 293 -24.25 -0.55 -4.14
N ASP D 294 -23.42 0.03 -3.27
CA ASP D 294 -23.39 -0.39 -1.86
C ASP D 294 -24.73 -0.10 -1.25
N PHE D 295 -25.32 1.00 -1.70
CA PHE D 295 -26.60 1.43 -1.22
C PHE D 295 -27.71 0.44 -1.58
N HIS D 296 -27.74 -0.04 -2.84
CA HIS D 296 -28.78 -1.00 -3.21
C HIS D 296 -28.66 -2.25 -2.32
N ASN D 297 -27.43 -2.65 -2.02
CA ASN D 297 -27.22 -3.83 -1.19
C ASN D 297 -27.74 -3.64 0.24
N PHE D 298 -27.52 -2.46 0.81
CA PHE D 298 -28.07 -2.14 2.15
C PHE D 298 -29.58 -2.12 2.10
N LEU D 299 -30.08 -1.52 1.04
CA LEU D 299 -31.48 -1.38 0.82
C LEU D 299 -32.16 -2.75 0.80
N ARG D 300 -31.48 -3.75 0.24
CA ARG D 300 -32.05 -5.10 0.17
C ARG D 300 -32.28 -5.73 1.55
N LYS D 301 -31.46 -5.35 2.52
CA LYS D 301 -31.55 -5.87 3.88
C LYS D 301 -32.45 -5.00 4.75
N SER D 302 -32.78 -3.81 4.27
CA SER D 302 -33.59 -2.85 5.00
C SER D 302 -35.04 -3.24 5.25
N TYR D 303 -35.56 -2.73 6.36
CA TYR D 303 -36.93 -2.95 6.77
C TYR D 303 -37.74 -1.76 6.26
N LEU D 304 -37.14 -0.58 6.34
CA LEU D 304 -37.78 0.62 5.82
C LEU D 304 -36.69 1.66 5.56
N VAL D 305 -36.99 2.61 4.69
CA VAL D 305 -36.04 3.67 4.37
C VAL D 305 -36.72 5.03 4.36
N PHE D 306 -36.00 6.01 4.88
CA PHE D 306 -36.44 7.40 4.89
C PHE D 306 -35.60 8.04 3.83
N THR D 307 -36.20 8.77 2.92
CA THR D 307 -35.42 9.40 1.88
C THR D 307 -36.17 10.55 1.26
N ASP D 308 -35.42 11.42 0.60
CA ASP D 308 -35.97 12.51 -0.19
C ASP D 308 -35.43 12.30 -1.62
N SER D 309 -34.79 11.14 -1.84
CA SER D 309 -34.23 10.80 -3.15
C SER D 309 -35.28 10.20 -4.08
N GLY D 310 -35.32 10.71 -5.31
CA GLY D 310 -36.25 10.20 -6.32
C GLY D 310 -35.88 8.79 -6.74
N GLY D 311 -34.60 8.54 -6.93
CA GLY D 311 -34.14 7.21 -7.33
C GLY D 311 -34.56 6.14 -6.33
N VAL D 312 -34.41 6.46 -5.04
CA VAL D 312 -34.73 5.53 -3.98
C VAL D 312 -36.24 5.21 -3.94
N GLN D 313 -37.06 6.18 -4.28
CA GLN D 313 -38.50 5.98 -4.32
C GLN D 313 -38.89 4.99 -5.42
N GLU D 314 -38.05 4.85 -6.43
CA GLU D 314 -38.36 3.92 -7.51
C GLU D 314 -37.69 2.57 -7.36
N GLU D 315 -36.52 2.55 -6.73
CA GLU D 315 -35.71 1.35 -6.59
C GLU D 315 -35.98 0.51 -5.36
N ALA D 316 -36.19 1.16 -4.23
CA ALA D 316 -36.41 0.48 -2.98
C ALA D 316 -37.67 -0.38 -3.03
N PRO D 317 -38.72 0.08 -3.71
CA PRO D 317 -39.88 -0.78 -3.80
C PRO D 317 -39.58 -1.93 -4.77
N GLY D 318 -38.48 -1.80 -5.52
CA GLY D 318 -38.03 -2.83 -6.43
C GLY D 318 -37.62 -4.04 -5.62
N MET D 319 -37.30 -3.81 -4.35
CA MET D 319 -36.92 -4.88 -3.44
C MET D 319 -37.88 -5.04 -2.27
N GLY D 320 -39.08 -4.52 -2.44
CA GLY D 320 -40.11 -4.62 -1.42
C GLY D 320 -39.83 -3.87 -0.13
N VAL D 321 -39.00 -2.84 -0.21
CA VAL D 321 -38.67 -2.04 0.97
C VAL D 321 -39.60 -0.83 1.07
N PRO D 322 -40.44 -0.76 2.13
CA PRO D 322 -41.32 0.38 2.27
C PRO D 322 -40.52 1.66 2.34
N VAL D 323 -41.04 2.74 1.74
CA VAL D 323 -40.34 4.01 1.70
C VAL D 323 -41.14 5.17 2.30
N LEU D 324 -40.53 5.90 3.24
CA LEU D 324 -41.17 7.07 3.82
C LEU D 324 -40.44 8.27 3.20
N VAL D 325 -41.16 9.07 2.44
CA VAL D 325 -40.57 10.20 1.72
C VAL D 325 -40.53 11.50 2.51
N LEU D 326 -39.31 11.97 2.79
CA LEU D 326 -39.06 13.19 3.56
C LEU D 326 -39.26 14.45 2.71
N ARG D 327 -40.46 14.63 2.21
CA ARG D 327 -40.76 15.79 1.37
C ARG D 327 -42.20 16.24 1.54
N ASP D 328 -42.44 17.52 1.26
CA ASP D 328 -43.77 18.11 1.34
C ASP D 328 -44.53 17.88 0.04
N THR D 329 -43.80 17.98 -1.08
CA THR D 329 -44.37 17.77 -2.41
C THR D 329 -43.62 16.65 -3.10
N THR D 330 -44.21 16.08 -4.14
CA THR D 330 -43.53 15.01 -4.84
C THR D 330 -43.74 15.09 -6.34
N GLU D 331 -42.81 14.47 -7.05
CA GLU D 331 -42.81 14.39 -8.47
C GLU D 331 -42.84 12.91 -8.84
N ARG D 332 -43.41 12.13 -7.92
CA ARG D 332 -43.61 10.69 -8.02
C ARG D 332 -44.95 10.30 -7.42
N PRO D 333 -46.02 10.93 -7.90
CA PRO D 333 -47.36 10.61 -7.36
C PRO D 333 -47.77 9.14 -7.52
N GLU D 334 -47.26 8.45 -8.56
CA GLU D 334 -47.63 7.06 -8.79
C GLU D 334 -47.34 6.19 -7.57
N GLY D 335 -46.12 6.32 -7.05
CA GLY D 335 -45.70 5.56 -5.88
C GLY D 335 -46.61 5.78 -4.69
N ILE D 336 -47.10 7.00 -4.56
CA ILE D 336 -48.01 7.37 -3.48
C ILE D 336 -49.38 6.71 -3.70
N GLU D 337 -49.89 6.74 -4.94
CA GLU D 337 -51.19 6.12 -5.25
C GLU D 337 -51.10 4.61 -5.06
N ALA D 338 -49.99 4.02 -5.48
CA ALA D 338 -49.77 2.61 -5.25
C ALA D 338 -49.39 2.64 -3.78
N GLY D 339 -49.24 1.49 -3.15
CA GLY D 339 -48.87 1.51 -1.73
C GLY D 339 -47.38 1.44 -1.45
N THR D 340 -46.53 1.77 -2.42
CA THR D 340 -45.08 1.69 -2.22
C THR D 340 -44.39 2.83 -1.47
N LEU D 341 -44.95 4.03 -1.57
CA LEU D 341 -44.38 5.24 -0.96
C LEU D 341 -45.39 6.01 -0.11
N LYS D 342 -44.91 6.60 0.97
CA LYS D 342 -45.72 7.46 1.84
C LYS D 342 -45.02 8.81 1.93
N LEU D 343 -45.74 9.88 1.57
CA LEU D 343 -45.21 11.24 1.60
C LEU D 343 -45.53 11.77 2.99
N ILE D 344 -44.50 11.89 3.82
CA ILE D 344 -44.70 12.29 5.22
C ILE D 344 -44.11 13.63 5.66
N GLY D 345 -43.43 14.34 4.76
CA GLY D 345 -42.88 15.63 5.13
C GLY D 345 -41.63 15.51 5.98
N THR D 346 -41.37 16.52 6.80
CA THR D 346 -40.16 16.53 7.61
C THR D 346 -40.32 16.80 9.11
N ASN D 347 -41.55 16.91 9.61
CA ASN D 347 -41.72 17.13 11.07
C ASN D 347 -41.40 15.88 11.86
N LYS D 348 -40.58 16.05 12.89
CA LYS D 348 -40.17 14.96 13.78
C LYS D 348 -41.34 14.06 14.15
N GLU D 349 -42.41 14.70 14.59
CA GLU D 349 -43.60 14.01 15.03
C GLU D 349 -44.14 13.04 13.99
N ASN D 350 -44.25 13.49 12.75
CA ASN D 350 -44.81 12.66 11.70
C ASN D 350 -43.83 11.54 11.28
N LEU D 351 -42.53 11.78 11.40
CA LEU D 351 -41.55 10.74 11.06
C LEU D 351 -41.68 9.55 12.01
N ILE D 352 -41.80 9.87 13.31
CA ILE D 352 -41.94 8.85 14.34
C ILE D 352 -43.25 8.07 14.21
N LYS D 353 -44.37 8.78 14.05
CA LYS D 353 -45.67 8.12 13.94
C LYS D 353 -45.63 7.14 12.78
N GLU D 354 -45.26 7.63 11.60
CA GLU D 354 -45.22 6.82 10.40
C GLU D 354 -44.25 5.65 10.50
N ALA D 355 -43.07 5.88 11.04
CA ALA D 355 -42.09 4.82 11.18
C ALA D 355 -42.63 3.73 12.13
N LEU D 356 -43.09 4.17 13.30
CA LEU D 356 -43.58 3.24 14.31
C LEU D 356 -44.72 2.36 13.81
N ASP D 357 -45.61 2.93 13.00
CA ASP D 357 -46.73 2.19 12.44
C ASP D 357 -46.15 1.02 11.64
N LEU D 358 -45.19 1.30 10.77
CA LEU D 358 -44.56 0.27 9.95
C LEU D 358 -43.78 -0.73 10.80
N LEU D 359 -43.08 -0.23 11.81
CA LEU D 359 -42.34 -1.09 12.71
C LEU D 359 -43.22 -2.01 13.59
N ASP D 360 -44.39 -1.51 14.01
CA ASP D 360 -45.28 -2.26 14.90
C ASP D 360 -46.44 -3.01 14.25
N ASN D 361 -46.57 -2.89 12.94
CA ASN D 361 -47.69 -3.54 12.25
C ASN D 361 -47.25 -4.23 10.96
N LYS D 362 -47.02 -5.55 11.04
CA LYS D 362 -46.61 -6.33 9.87
C LYS D 362 -47.63 -6.23 8.73
N GLU D 363 -48.89 -5.95 9.07
CA GLU D 363 -49.91 -5.78 8.03
C GLU D 363 -49.64 -4.51 7.21
N SER D 364 -49.25 -3.43 7.90
CA SER D 364 -48.96 -2.16 7.24
C SER D 364 -47.68 -2.27 6.43
N HIS D 365 -46.71 -2.98 6.98
CA HIS D 365 -45.45 -3.16 6.30
C HIS D 365 -45.65 -4.04 5.07
N ASP D 366 -46.39 -5.13 5.22
CA ASP D 366 -46.63 -6.01 4.09
C ASP D 366 -47.48 -5.33 3.02
N LYS D 367 -48.39 -4.44 3.44
CA LYS D 367 -49.22 -3.73 2.47
C LYS D 367 -48.37 -2.86 1.54
N MET D 368 -47.24 -2.35 2.04
CA MET D 368 -46.35 -1.54 1.21
C MET D 368 -45.36 -2.46 0.49
N ALA D 369 -44.77 -3.37 1.25
CA ALA D 369 -43.81 -4.33 0.72
C ALA D 369 -44.39 -5.16 -0.42
N GLN D 370 -45.69 -5.40 -0.37
CA GLN D 370 -46.37 -6.22 -1.38
C GLN D 370 -46.82 -5.37 -2.58
N ALA D 371 -47.23 -4.13 -2.34
CA ALA D 371 -47.70 -3.24 -3.41
C ALA D 371 -46.82 -3.32 -4.66
N ALA D 372 -47.48 -3.30 -5.82
CA ALA D 372 -46.78 -3.38 -7.10
C ALA D 372 -46.02 -2.07 -7.39
N ASN D 373 -44.75 -2.20 -7.76
CA ASN D 373 -43.94 -1.02 -8.07
C ASN D 373 -44.39 -0.40 -9.39
N PRO D 374 -44.93 0.83 -9.35
CA PRO D 374 -45.40 1.43 -10.60
C PRO D 374 -44.29 1.93 -11.54
N TYR D 375 -43.04 1.97 -11.08
CA TYR D 375 -41.96 2.46 -11.94
C TYR D 375 -41.24 1.34 -12.68
N GLY D 376 -41.72 0.12 -12.48
CA GLY D 376 -41.13 -1.04 -13.17
C GLY D 376 -41.12 -2.32 -12.37
N ASP D 377 -40.97 -3.43 -13.08
CA ASP D 377 -40.90 -4.76 -12.51
C ASP D 377 -39.49 -5.32 -12.72
N GLY D 378 -38.60 -4.53 -13.32
CA GLY D 378 -37.22 -4.97 -13.56
C GLY D 378 -36.99 -5.59 -14.93
N PHE D 379 -37.97 -5.45 -15.82
CA PHE D 379 -37.85 -6.01 -17.17
C PHE D 379 -38.08 -4.94 -18.22
N ALA D 380 -37.76 -3.71 -17.89
CA ALA D 380 -37.93 -2.58 -18.81
C ALA D 380 -37.01 -2.72 -20.03
N ALA D 381 -35.80 -3.24 -19.82
CA ALA D 381 -34.86 -3.43 -20.89
C ALA D 381 -35.41 -4.42 -21.92
N ASN D 382 -36.10 -5.46 -21.45
CA ASN D 382 -36.66 -6.47 -22.33
C ASN D 382 -37.70 -5.82 -23.20
N ARG D 383 -38.56 -4.99 -22.59
CA ARG D 383 -39.60 -4.28 -23.33
C ARG D 383 -39.00 -3.30 -24.30
N ILE D 384 -37.91 -2.63 -23.90
CA ILE D 384 -37.25 -1.68 -24.81
C ILE D 384 -36.74 -2.42 -26.04
N LEU D 385 -36.04 -3.53 -25.83
CA LEU D 385 -35.51 -4.30 -26.95
C LEU D 385 -36.61 -4.85 -27.84
N ALA D 386 -37.68 -5.37 -27.23
CA ALA D 386 -38.80 -5.91 -28.00
C ALA D 386 -39.37 -4.75 -28.84
N ALA D 387 -39.45 -3.57 -28.23
CA ALA D 387 -39.93 -2.37 -28.91
C ALA D 387 -39.03 -2.05 -30.10
N ILE D 388 -37.71 -2.17 -29.92
CA ILE D 388 -36.76 -1.91 -31.00
C ILE D 388 -36.84 -2.98 -32.09
N LYS D 389 -36.91 -4.27 -31.73
CA LYS D 389 -37.02 -5.30 -32.75
C LYS D 389 -38.32 -5.08 -33.51
N SER D 390 -39.37 -4.75 -32.77
CA SER D 390 -40.67 -4.49 -33.38
C SER D 390 -40.57 -3.51 -34.55
N HIS D 391 -39.74 -2.50 -34.40
CA HIS D 391 -39.57 -1.50 -35.44
C HIS D 391 -38.74 -2.02 -36.62
N PHE D 392 -37.59 -2.63 -36.36
CA PHE D 392 -36.74 -3.10 -37.46
C PHE D 392 -37.08 -4.44 -38.11
N GLU D 393 -37.86 -5.28 -37.45
CA GLU D 393 -38.17 -6.59 -38.03
C GLU D 393 -39.65 -6.92 -38.08
N GLU D 394 -40.50 -5.93 -37.88
CA GLU D 394 -41.95 -6.12 -37.90
C GLU D 394 -42.40 -7.19 -36.89
N THR D 395 -41.62 -7.38 -35.83
CA THR D 395 -41.96 -8.34 -34.79
C THR D 395 -43.11 -7.73 -34.00
N ASP D 396 -43.91 -8.56 -33.36
CA ASP D 396 -45.05 -8.06 -32.59
C ASP D 396 -44.68 -6.90 -31.69
N ARG D 397 -45.47 -5.83 -31.77
CA ARG D 397 -45.30 -4.66 -30.93
C ARG D 397 -45.54 -5.09 -29.48
N PRO D 398 -44.55 -4.92 -28.61
CA PRO D 398 -44.81 -5.34 -27.23
C PRO D 398 -45.80 -4.44 -26.52
N GLU D 399 -46.49 -5.01 -25.54
CA GLU D 399 -47.45 -4.27 -24.72
C GLU D 399 -46.78 -3.38 -23.71
N ASP D 400 -47.50 -2.37 -23.26
CA ASP D 400 -47.01 -1.45 -22.23
C ASP D 400 -46.90 -2.15 -20.89
N PHE D 401 -45.96 -1.70 -20.06
CA PHE D 401 -45.79 -2.24 -18.71
C PHE D 401 -47.11 -1.99 -17.97
N ILE D 402 -47.68 -3.06 -17.41
CA ILE D 402 -48.97 -2.96 -16.74
C ILE D 402 -48.87 -2.62 -15.25
N VAL D 403 -49.26 -1.38 -14.93
CA VAL D 403 -49.24 -0.89 -13.56
C VAL D 403 -50.67 -0.83 -13.05
C1 PEG E . 10.86 28.93 28.89
O1 PEG E . 10.52 30.06 28.07
C2 PEG E . 12.29 29.08 29.37
O2 PEG E . 12.60 28.03 30.29
C3 PEG E . 13.95 28.11 30.78
C4 PEG E . 13.97 28.09 32.30
O4 PEG E . 14.75 29.19 32.78
C1 PGE F . 9.72 31.52 12.51
O1 PGE F . 8.31 31.37 12.28
C2 PGE F . 10.15 30.62 13.66
O2 PGE F . 9.76 29.28 13.39
C3 PGE F . 10.15 28.36 14.42
C4 PGE F . 8.94 27.99 15.27
O4 PGE F . 9.24 27.98 19.24
C6 PGE F . 9.24 26.78 18.44
C5 PGE F . 10.04 27.03 17.17
O3 PGE F . 9.23 26.81 16.02
#